data_5ZID
#
_entry.id   5ZID
#
_cell.length_a   66.070
_cell.length_b   126.190
_cell.length_c   118.620
_cell.angle_alpha   90.00
_cell.angle_beta   99.30
_cell.angle_gamma   90.00
#
_symmetry.space_group_name_H-M   'P 1 21 1'
#
loop_
_entity.id
_entity.type
_entity.pdbx_description
1 polymer 'Dipeptidyl peptidase 4'
2 branched alpha-D-mannopyranose-(1-3)-alpha-D-mannopyranose-(1-3)-alpha-D-mannopyranose-(1-4)-2-acetamido-2-deoxy-beta-D-glucopyranose
3 non-polymer 2-acetamido-2-deoxy-beta-D-glucopyranose
4 non-polymer (2S,3R)-2-amino-9-methoxy-3-(2,4,5-trifluorophenyl)-2,3-dihydro-1H-naphtho[2,1-b]pyran-8-carbonitrile
5 water water
#
_entity_poly.entity_id   1
_entity_poly.type   'polypeptide(L)'
_entity_poly.pdbx_seq_one_letter_code
;RKTYTLTDYLKNTYRLKLYSLRWISDHEYLYKQENNILVFNAEYGNSSVFLENSTFDEFGHSINDYSISPDGQFILLEYN
YVKQWRHSYTASYDIYDLNKRQLITEERIPNNTQWVTWSPVGHKLAYVWNNDIYVKIEPNLPSYRITWTGKEDIIYNGIT
DWVYEEEVFSAYSALWWSPNGTFLAYAQFNDTEVPLIEYSFYSDESLQYPKTVRVPYPKAGAVNPTVKFFVVNTDSLSSV
TNATSIQITAPASMLIGDHYLCDVTWATQERISLQWLRRIQNYSVMDICDYDESSGRWNCLVARQHIEMSTTGWVGRFRP
SEPHFTLDGNSFYKIISNEEGYRHICYFQIDKKDCTFITKGTWEVIGIEALTSDYLYYISNEYKGMPGGRNLYKIQLSDY
TKVTCLSCELNPERCQYYSVSFSKEAKYYQLRCSGPGLPLYTLHSSVNDKGLRVLEDNSALDKMLQNVQMPSKKLDFIIL
NETKFWYQMILPPHFDKSKKYPLLLDVYAGPCSQKADTVFRLNWATYLASTENIIVASFDGRGSGYQGDKIMHAINRRLG
TFEVEDQIEAARQFSKMGFVDNKRIAIWGWSYGGYVTSMVLGSGSGVFKCGIAVAPVSRWEYYDSVYTERYMGLPTPEDN
LDHYRNSTVMSRAENFKQVEYLLIHGTADDNVHFQQSAQISKALVDVGVDFQAMWYTDEDHGIASSTAHQHIYTHMSHFI
KQCFSLPGHHHHHH
;
_entity_poly.pdbx_strand_id   A,B
#
loop_
_chem_comp.id
_chem_comp.type
_chem_comp.name
_chem_comp.formula
9EL non-polymer (2S,3R)-2-amino-9-methoxy-3-(2,4,5-trifluorophenyl)-2,3-dihydro-1H-naphtho[2,1-b]pyran-8-carbonitrile 'C21 H15 F3 N2 O2'
MAN D-saccharide, alpha linking alpha-D-mannopyranose 'C6 H12 O6'
NAG D-saccharide, beta linking 2-acetamido-2-deoxy-beta-D-glucopyranose 'C8 H15 N O6'
#
# COMPACT_ATOMS: atom_id res chain seq x y z
N ARG A 1 -16.30 -34.40 26.91
CA ARG A 1 -15.17 -34.16 25.96
C ARG A 1 -15.10 -32.66 25.60
N LYS A 2 -13.90 -32.21 25.21
CA LYS A 2 -13.69 -30.83 24.73
C LYS A 2 -13.94 -30.73 23.21
N THR A 3 -14.06 -29.52 22.68
CA THR A 3 -14.33 -29.25 21.25
C THR A 3 -13.01 -28.76 20.57
N TYR A 4 -12.76 -29.01 19.26
CA TYR A 4 -11.52 -28.50 18.59
C TYR A 4 -11.69 -27.00 18.50
N THR A 5 -10.82 -26.23 19.12
CA THR A 5 -11.00 -24.76 19.14
C THR A 5 -10.01 -24.04 18.25
N LEU A 6 -10.31 -22.77 18.02
CA LEU A 6 -9.48 -21.94 17.18
C LEU A 6 -8.06 -21.85 17.78
N THR A 7 -7.93 -22.00 19.09
CA THR A 7 -6.62 -21.91 19.67
C THR A 7 -5.81 -23.20 19.44
N ASP A 8 -6.50 -24.34 19.49
CA ASP A 8 -5.82 -25.61 19.23
C ASP A 8 -5.05 -25.51 17.91
N TYR A 9 -5.67 -24.84 16.92
CA TYR A 9 -5.16 -24.70 15.55
C TYR A 9 -4.09 -23.64 15.40
N LEU A 10 -4.10 -22.70 16.32
CA LEU A 10 -3.19 -21.58 16.27
C LEU A 10 -1.98 -21.84 17.16
N LYS A 11 -2.17 -22.53 18.30
CA LYS A 11 -1.04 -22.89 19.13
C LYS A 11 -0.61 -24.31 18.86
N ASN A 12 -1.28 -24.95 17.91
CA ASN A 12 -0.82 -26.21 17.39
C ASN A 12 -0.77 -27.27 18.52
N THR A 13 -1.89 -27.40 19.21
CA THR A 13 -2.07 -28.29 20.35
C THR A 13 -1.91 -29.79 20.04
N TYR A 14 -2.42 -30.21 18.89
CA TYR A 14 -2.56 -31.61 18.58
C TYR A 14 -1.75 -31.96 17.35
N ARG A 15 -0.43 -32.06 17.49
CA ARG A 15 0.43 -32.23 16.31
C ARG A 15 0.39 -33.63 15.67
N LEU A 16 0.23 -33.67 14.34
CA LEU A 16 0.46 -34.89 13.60
C LEU A 16 1.94 -35.20 13.63
N LYS A 17 2.24 -36.48 13.64
CA LYS A 17 3.60 -36.92 13.58
C LYS A 17 3.89 -37.50 12.18
N LEU A 18 5.16 -37.52 11.82
CA LEU A 18 5.57 -37.94 10.50
C LEU A 18 6.89 -38.62 10.62
N TYR A 19 7.36 -39.23 9.54
CA TYR A 19 8.66 -39.96 9.58
C TYR A 19 9.55 -39.61 8.39
N SER A 20 10.20 -38.45 8.51
CA SER A 20 11.17 -37.99 7.52
C SER A 20 12.40 -38.86 7.62
N LEU A 21 12.81 -39.43 6.49
CA LEU A 21 14.05 -40.17 6.37
C LEU A 21 14.76 -39.89 5.04
N ARG A 22 16.09 -39.90 5.07
CA ARG A 22 16.92 -40.03 3.85
C ARG A 22 17.49 -41.45 3.63
N TRP A 23 17.30 -42.04 2.44
CA TRP A 23 18.13 -43.16 2.04
C TRP A 23 19.52 -42.63 1.68
N ILE A 24 20.47 -43.56 1.57
CA ILE A 24 21.89 -43.26 1.26
C ILE A 24 22.63 -44.41 0.57
N SER A 25 21.88 -45.40 0.10
CA SER A 25 22.42 -46.66 -0.36
C SER A 25 21.20 -47.53 -0.56
N ASP A 26 21.37 -48.65 -1.22
CA ASP A 26 20.26 -49.53 -1.50
C ASP A 26 19.74 -50.28 -0.23
N HIS A 27 20.52 -50.18 0.86
CA HIS A 27 20.28 -50.92 2.10
C HIS A 27 19.89 -50.02 3.26
N GLU A 28 20.11 -48.71 3.19
CA GLU A 28 20.16 -47.86 4.42
C GLU A 28 19.71 -46.41 4.33
N TYR A 29 19.33 -45.85 5.49
CA TYR A 29 18.79 -44.48 5.60
C TYR A 29 19.17 -43.74 6.90
N LEU A 30 18.74 -42.46 7.02
CA LEU A 30 18.97 -41.56 8.20
C LEU A 30 17.72 -40.96 8.87
N TYR A 31 17.81 -40.63 10.16
CA TYR A 31 16.65 -40.08 10.90
C TYR A 31 17.00 -39.40 12.22
N LYS A 32 17.03 -38.06 12.23
CA LYS A 32 17.21 -37.32 13.47
C LYS A 32 15.99 -37.59 14.33
N GLN A 33 16.27 -37.93 15.58
CA GLN A 33 15.24 -38.05 16.59
C GLN A 33 15.95 -37.63 17.89
N GLU A 34 15.46 -36.55 18.50
CA GLU A 34 16.14 -35.89 19.65
C GLU A 34 17.44 -35.19 19.18
N ASN A 35 17.46 -34.73 17.92
CA ASN A 35 18.64 -34.11 17.24
C ASN A 35 19.80 -35.08 16.90
N ASN A 36 19.56 -36.38 17.04
CA ASN A 36 20.56 -37.42 16.83
C ASN A 36 20.40 -38.10 15.49
N ILE A 37 21.22 -37.68 14.53
CA ILE A 37 21.12 -38.24 13.21
C ILE A 37 21.62 -39.67 13.33
N LEU A 38 20.70 -40.62 13.25
CA LEU A 38 21.05 -42.02 13.35
C LEU A 38 21.19 -42.57 11.96
N VAL A 39 21.80 -43.74 11.86
CA VAL A 39 21.84 -44.47 10.60
C VAL A 39 21.15 -45.82 10.82
N PHE A 40 20.02 -46.00 10.13
CA PHE A 40 19.18 -47.16 10.34
C PHE A 40 19.50 -48.17 9.25
N ASN A 41 19.27 -49.43 9.58
CA ASN A 41 19.47 -50.55 8.68
C ASN A 41 18.11 -51.10 8.23
N ALA A 42 18.06 -51.55 6.98
CA ALA A 42 16.80 -51.85 6.30
C ALA A 42 16.31 -53.28 6.49
N GLU A 43 17.22 -54.25 6.46
CA GLU A 43 16.83 -55.67 6.55
C GLU A 43 16.49 -56.08 7.99
N TYR A 44 17.41 -55.77 8.93
CA TYR A 44 17.31 -56.06 10.39
C TYR A 44 17.09 -54.74 11.19
N GLY A 45 17.90 -54.51 12.22
CA GLY A 45 18.05 -53.16 12.80
C GLY A 45 19.45 -52.83 13.27
N ASN A 46 20.46 -53.61 12.80
CA ASN A 46 21.92 -53.42 12.99
C ASN A 46 22.42 -51.94 12.96
N SER A 47 21.66 -51.06 13.63
CA SER A 47 21.70 -49.61 13.41
C SER A 47 22.58 -48.89 14.40
N SER A 48 23.09 -47.73 13.99
CA SER A 48 24.27 -47.13 14.57
C SER A 48 24.18 -45.62 14.64
N VAL A 49 24.96 -45.00 15.51
CA VAL A 49 24.88 -43.54 15.68
C VAL A 49 25.88 -42.84 14.75
N PHE A 50 25.34 -42.01 13.85
CA PHE A 50 26.13 -41.26 12.85
C PHE A 50 26.51 -39.84 13.32
N LEU A 51 25.68 -39.20 14.13
CA LEU A 51 25.98 -37.84 14.55
C LEU A 51 25.25 -37.42 15.84
N GLU A 52 26.00 -36.75 16.70
CA GLU A 52 25.59 -36.47 18.07
C GLU A 52 24.66 -35.26 18.17
N ASN A 53 23.71 -35.32 19.11
CA ASN A 53 22.91 -34.15 19.48
C ASN A 53 23.83 -32.98 19.33
N SER A 54 24.88 -33.10 20.13
CA SER A 54 25.89 -32.13 20.32
C SER A 54 26.79 -31.98 19.13
N THR A 55 28.05 -32.40 19.31
CA THR A 55 29.12 -32.26 18.34
C THR A 55 29.07 -30.77 18.15
N PHE A 56 28.58 -30.35 17.00
CA PHE A 56 28.43 -28.96 16.67
C PHE A 56 27.84 -28.06 17.76
N ASP A 57 27.45 -28.65 18.90
CA ASP A 57 27.02 -27.90 20.09
C ASP A 57 27.78 -26.58 20.25
N GLU A 58 29.11 -26.60 20.01
CA GLU A 58 29.96 -25.41 20.19
C GLU A 58 30.21 -24.65 18.88
N PHE A 59 29.22 -24.64 17.98
CA PHE A 59 29.35 -23.90 16.70
C PHE A 59 29.04 -22.42 16.88
N GLY A 60 28.34 -22.07 17.96
CA GLY A 60 27.95 -20.68 18.21
C GLY A 60 27.13 -20.12 17.06
N HIS A 61 26.39 -21.03 16.41
CA HIS A 61 25.47 -20.74 15.30
C HIS A 61 24.34 -21.79 15.34
N SER A 62 23.15 -21.43 14.85
CA SER A 62 22.10 -22.42 14.63
C SER A 62 22.30 -23.08 13.25
N ILE A 63 22.51 -24.40 13.27
CA ILE A 63 22.67 -25.25 12.06
C ILE A 63 21.33 -25.37 11.35
N ASN A 64 21.15 -24.55 10.31
CA ASN A 64 19.87 -24.42 9.62
C ASN A 64 19.44 -25.69 8.87
N ASP A 65 20.36 -26.31 8.13
CA ASP A 65 20.15 -27.67 7.62
C ASP A 65 21.50 -28.34 7.29
N TYR A 66 21.47 -29.64 6.95
CA TYR A 66 22.72 -30.45 6.73
C TYR A 66 22.78 -31.29 5.42
N SER A 67 24.00 -31.63 4.98
CA SER A 67 24.17 -32.51 3.81
C SER A 67 25.50 -33.30 3.69
N ILE A 68 25.39 -34.62 3.57
CA ILE A 68 26.54 -35.54 3.48
C ILE A 68 26.95 -35.79 2.03
N SER A 69 28.25 -35.83 1.77
CA SER A 69 28.76 -36.21 0.45
C SER A 69 28.51 -37.71 0.23
N PRO A 70 28.02 -38.11 -0.97
CA PRO A 70 27.49 -39.47 -1.18
C PRO A 70 28.51 -40.59 -1.08
N ASP A 71 29.80 -40.23 -1.10
CA ASP A 71 30.88 -41.16 -0.72
C ASP A 71 31.07 -41.25 0.81
N GLY A 72 30.50 -40.32 1.56
CA GLY A 72 30.41 -40.47 3.00
C GLY A 72 31.41 -39.71 3.84
N GLN A 73 32.53 -39.27 3.24
CA GLN A 73 33.54 -38.49 3.98
C GLN A 73 32.96 -37.22 4.62
N PHE A 74 32.49 -36.28 3.79
CA PHE A 74 32.22 -34.91 4.23
C PHE A 74 30.76 -34.59 4.56
N ILE A 75 30.58 -33.51 5.33
CA ILE A 75 29.27 -32.95 5.55
C ILE A 75 29.28 -31.48 5.31
N LEU A 76 28.20 -31.04 4.69
CA LEU A 76 27.96 -29.67 4.35
C LEU A 76 27.11 -29.15 5.48
N LEU A 77 27.39 -27.93 5.92
CA LEU A 77 26.61 -27.32 7.00
C LEU A 77 26.12 -25.99 6.54
N GLU A 78 24.79 -25.83 6.62
CA GLU A 78 24.09 -24.63 6.18
C GLU A 78 23.55 -23.81 7.40
N TYR A 79 23.77 -22.50 7.36
CA TYR A 79 23.26 -21.58 8.36
C TYR A 79 23.24 -20.13 7.83
N ASN A 80 22.73 -19.21 8.65
CA ASN A 80 22.57 -17.83 8.19
C ASN A 80 21.60 -17.79 7.05
N TYR A 81 20.49 -18.48 7.25
CA TYR A 81 19.50 -18.64 6.24
C TYR A 81 18.72 -17.35 6.15
N VAL A 82 18.53 -16.83 4.94
CA VAL A 82 17.75 -15.61 4.77
C VAL A 82 16.89 -15.81 3.57
N LYS A 83 15.58 -15.82 3.76
CA LYS A 83 14.69 -16.29 2.73
C LYS A 83 14.61 -15.29 1.56
N GLN A 84 14.32 -15.79 0.36
CA GLN A 84 13.93 -14.89 -0.76
C GLN A 84 12.45 -15.10 -1.16
N TRP A 85 12.15 -15.92 -2.16
CA TRP A 85 10.76 -16.07 -2.65
C TRP A 85 10.27 -17.42 -2.13
N ARG A 86 9.77 -18.29 -3.01
CA ARG A 86 9.08 -19.47 -2.52
C ARG A 86 10.06 -20.52 -2.10
N HIS A 87 10.90 -20.91 -3.08
CA HIS A 87 11.98 -21.89 -2.89
C HIS A 87 13.38 -21.24 -2.81
N SER A 88 13.55 -20.04 -3.36
CA SER A 88 14.87 -19.38 -3.29
C SER A 88 15.18 -18.85 -1.89
N TYR A 89 16.49 -18.70 -1.63
CA TYR A 89 17.07 -18.23 -0.38
C TYR A 89 18.58 -18.31 -0.42
N THR A 90 19.18 -17.32 0.25
CA THR A 90 20.63 -17.11 0.36
C THR A 90 21.16 -17.56 1.72
N ALA A 91 22.31 -18.24 1.73
CA ALA A 91 22.89 -18.76 3.01
C ALA A 91 24.43 -18.79 3.11
N SER A 92 24.92 -19.00 4.34
CA SER A 92 26.36 -19.26 4.63
C SER A 92 26.74 -20.74 4.77
N TYR A 93 27.97 -21.10 4.43
CA TYR A 93 28.30 -22.55 4.31
C TYR A 93 29.66 -22.85 4.88
N ASP A 94 29.77 -23.99 5.57
CA ASP A 94 31.06 -24.49 6.11
C ASP A 94 31.09 -26.02 5.97
N ILE A 95 32.23 -26.59 5.59
CA ILE A 95 32.30 -28.04 5.32
C ILE A 95 33.02 -28.77 6.48
N TYR A 96 32.64 -30.03 6.76
CA TYR A 96 33.25 -30.77 7.90
C TYR A 96 33.66 -32.22 7.60
N ASP A 97 34.97 -32.50 7.64
CA ASP A 97 35.47 -33.88 7.49
C ASP A 97 35.03 -34.79 8.66
N LEU A 98 34.70 -36.05 8.36
CA LEU A 98 34.24 -37.05 9.35
C LEU A 98 35.24 -38.22 9.55
N ASN A 99 36.37 -38.18 8.84
CA ASN A 99 37.49 -39.09 9.07
C ASN A 99 38.58 -38.40 9.89
N LYS A 100 38.42 -37.09 10.09
CA LYS A 100 39.39 -36.27 10.78
C LYS A 100 38.72 -35.46 11.89
N ARG A 101 37.48 -35.79 12.23
CA ARG A 101 36.67 -34.92 13.11
C ARG A 101 37.10 -33.47 13.10
N GLN A 102 37.10 -32.89 11.91
CA GLN A 102 37.60 -31.53 11.72
C GLN A 102 36.83 -30.76 10.63
N LEU A 103 36.92 -29.44 10.73
CA LEU A 103 36.20 -28.54 9.86
C LEU A 103 37.19 -27.80 8.97
N ILE A 104 36.83 -27.51 7.72
CA ILE A 104 37.76 -26.88 6.73
C ILE A 104 38.02 -25.42 7.20
N THR A 105 39.01 -24.75 6.64
CA THR A 105 39.30 -23.35 6.96
C THR A 105 39.68 -22.53 5.75
N GLU A 106 40.11 -23.20 4.68
CA GLU A 106 40.67 -22.48 3.55
C GLU A 106 39.78 -22.64 2.34
N GLU A 107 39.93 -21.64 1.46
CA GLU A 107 39.05 -21.44 0.32
C GLU A 107 37.57 -21.68 0.66
N ARG A 108 37.16 -21.55 1.92
CA ARG A 108 35.79 -21.93 2.26
C ARG A 108 34.81 -21.21 1.33
N ILE A 109 33.53 -21.61 1.41
CA ILE A 109 32.49 -21.10 0.49
C ILE A 109 32.02 -19.68 0.87
N PRO A 110 32.10 -18.73 -0.07
CA PRO A 110 31.73 -17.35 0.23
C PRO A 110 30.32 -17.18 0.81
N ASN A 111 30.20 -16.45 1.92
CA ASN A 111 28.90 -16.13 2.49
C ASN A 111 27.97 -15.62 1.40
N ASN A 112 26.67 -15.83 1.62
CA ASN A 112 25.60 -15.32 0.76
C ASN A 112 25.58 -16.03 -0.58
N THR A 113 25.80 -17.34 -0.45
CA THR A 113 25.81 -18.25 -1.58
C THR A 113 24.37 -18.60 -1.91
N GLN A 114 24.08 -18.64 -3.20
CA GLN A 114 22.75 -18.83 -3.67
C GLN A 114 22.31 -20.28 -3.68
N TRP A 115 23.26 -21.19 -3.94
CA TRP A 115 22.98 -22.62 -3.99
C TRP A 115 24.23 -23.45 -4.01
N VAL A 116 24.17 -24.59 -3.33
CA VAL A 116 25.26 -25.54 -3.20
C VAL A 116 24.78 -26.95 -3.52
N THR A 117 25.63 -27.74 -4.19
CA THR A 117 25.34 -29.15 -4.42
C THR A 117 26.60 -30.03 -4.60
N TRP A 118 26.44 -31.30 -4.26
CA TRP A 118 27.44 -32.33 -4.42
C TRP A 118 27.18 -33.06 -5.71
N SER A 119 28.21 -33.60 -6.28
CA SER A 119 28.02 -34.67 -7.26
C SER A 119 27.35 -35.92 -6.65
N PRO A 120 26.81 -36.80 -7.50
CA PRO A 120 26.07 -37.96 -7.01
C PRO A 120 26.97 -39.10 -6.59
N VAL A 121 28.21 -39.06 -7.03
CA VAL A 121 29.19 -40.07 -6.65
C VAL A 121 30.35 -39.25 -6.12
N GLY A 122 31.02 -39.70 -5.06
CA GLY A 122 32.20 -38.98 -4.56
C GLY A 122 31.97 -37.75 -3.69
N HIS A 123 32.66 -36.65 -4.01
CA HIS A 123 32.56 -35.42 -3.21
C HIS A 123 33.02 -34.09 -3.88
N LYS A 124 32.75 -33.95 -5.17
CA LYS A 124 32.93 -32.64 -5.82
C LYS A 124 31.76 -31.71 -5.47
N LEU A 125 31.97 -30.43 -5.64
CA LEU A 125 30.96 -29.46 -5.32
C LEU A 125 30.70 -28.57 -6.49
N ALA A 126 29.42 -28.27 -6.72
CA ALA A 126 29.04 -27.08 -7.49
C ALA A 126 28.32 -26.09 -6.57
N TYR A 127 28.66 -24.80 -6.70
CA TYR A 127 28.00 -23.73 -5.93
C TYR A 127 27.81 -22.44 -6.80
N VAL A 128 26.76 -21.67 -6.47
CA VAL A 128 26.49 -20.45 -7.20
C VAL A 128 26.60 -19.30 -6.22
N TRP A 129 27.49 -18.36 -6.55
CA TRP A 129 27.74 -17.14 -5.78
C TRP A 129 27.66 -15.94 -6.73
N ASN A 130 26.76 -15.02 -6.41
CA ASN A 130 26.67 -13.76 -7.13
C ASN A 130 26.38 -14.00 -8.63
N ASN A 131 25.51 -14.99 -8.89
CA ASN A 131 25.01 -15.35 -10.26
C ASN A 131 25.93 -16.23 -11.10
N ASP A 132 27.08 -16.57 -10.57
CA ASP A 132 28.02 -17.31 -11.36
C ASP A 132 28.20 -18.67 -10.73
N ILE A 133 28.70 -19.62 -11.54
CA ILE A 133 28.95 -20.98 -11.06
C ILE A 133 30.41 -21.24 -10.71
N TYR A 134 30.60 -22.01 -9.65
CA TYR A 134 31.94 -22.38 -9.19
C TYR A 134 31.99 -23.90 -8.92
N VAL A 135 33.19 -24.48 -9.05
CA VAL A 135 33.38 -25.90 -8.82
C VAL A 135 34.63 -26.15 -7.94
N LYS A 136 34.49 -27.17 -7.10
CA LYS A 136 35.48 -27.53 -6.13
C LYS A 136 35.62 -29.04 -6.13
N ILE A 137 36.69 -29.53 -6.75
CA ILE A 137 36.87 -30.97 -6.86
C ILE A 137 37.00 -31.53 -5.44
N GLU A 138 37.89 -30.93 -4.67
CA GLU A 138 37.99 -31.19 -3.24
C GLU A 138 37.69 -29.93 -2.39
N PRO A 139 37.02 -30.14 -1.25
CA PRO A 139 36.52 -29.12 -0.33
C PRO A 139 37.52 -28.06 0.09
N ASN A 140 38.80 -28.41 0.18
CA ASN A 140 39.80 -27.45 0.66
C ASN A 140 40.58 -26.73 -0.44
N LEU A 141 40.42 -27.17 -1.69
CA LEU A 141 41.20 -26.62 -2.81
C LEU A 141 40.49 -25.39 -3.42
N PRO A 142 41.26 -24.49 -4.05
CA PRO A 142 40.61 -23.27 -4.52
C PRO A 142 39.53 -23.58 -5.52
N SER A 143 38.61 -22.64 -5.66
CA SER A 143 37.44 -22.90 -6.44
C SER A 143 37.64 -22.45 -7.86
N TYR A 144 37.18 -23.29 -8.76
CA TYR A 144 37.19 -23.01 -10.19
C TYR A 144 35.99 -22.16 -10.65
N ARG A 145 36.21 -20.92 -11.08
CA ARG A 145 35.11 -20.14 -11.70
C ARG A 145 34.72 -20.72 -13.05
N ILE A 146 33.48 -20.50 -13.46
CA ILE A 146 32.90 -21.18 -14.62
C ILE A 146 32.14 -20.23 -15.52
N THR A 147 31.61 -19.13 -14.98
CA THR A 147 30.92 -18.10 -15.76
C THR A 147 31.36 -16.73 -15.28
N TRP A 148 31.10 -15.72 -16.07
CA TRP A 148 31.46 -14.39 -15.70
C TRP A 148 30.26 -13.48 -15.91
N THR A 149 29.25 -14.01 -16.54
CA THR A 149 28.22 -13.24 -17.12
C THR A 149 27.27 -12.79 -16.07
N GLY A 150 27.21 -13.54 -14.97
CA GLY A 150 26.20 -13.29 -13.93
C GLY A 150 26.13 -11.85 -13.44
N LYS A 151 24.93 -11.29 -13.49
CA LYS A 151 24.69 -9.99 -12.93
C LYS A 151 23.29 -9.88 -12.36
N GLU A 152 23.20 -9.64 -11.06
CA GLU A 152 21.96 -9.30 -10.38
C GLU A 152 20.84 -8.72 -11.25
N ASP A 153 19.72 -9.43 -11.25
CA ASP A 153 18.53 -9.05 -11.98
C ASP A 153 18.73 -8.85 -13.46
N ILE A 154 19.75 -9.49 -14.02
CA ILE A 154 19.97 -9.50 -15.46
C ILE A 154 20.33 -10.93 -15.88
N ILE A 155 21.52 -11.39 -15.53
CA ILE A 155 21.97 -12.70 -15.94
C ILE A 155 22.08 -13.65 -14.75
N TYR A 156 21.59 -14.87 -14.96
CA TYR A 156 21.51 -15.90 -13.95
C TYR A 156 22.12 -17.16 -14.51
N ASN A 157 23.33 -17.47 -14.10
CA ASN A 157 23.91 -18.78 -14.42
C ASN A 157 23.66 -19.80 -13.33
N GLY A 158 22.95 -20.88 -13.66
CA GLY A 158 22.78 -22.00 -12.71
C GLY A 158 21.85 -21.75 -11.53
N ILE A 159 21.12 -20.62 -11.56
CA ILE A 159 19.91 -20.37 -10.73
C ILE A 159 18.75 -19.83 -11.60
N THR A 160 17.52 -20.13 -11.19
CA THR A 160 16.33 -19.65 -11.90
C THR A 160 16.04 -18.21 -11.59
N ASP A 161 15.44 -17.49 -12.54
CA ASP A 161 14.97 -16.11 -12.28
C ASP A 161 13.61 -16.21 -11.55
N TRP A 162 12.86 -15.11 -11.45
CA TRP A 162 11.69 -15.10 -10.56
C TRP A 162 10.66 -16.13 -10.99
N VAL A 163 10.36 -16.09 -12.28
CA VAL A 163 9.24 -16.78 -12.90
C VAL A 163 9.49 -18.28 -13.18
N TYR A 164 10.75 -18.63 -13.45
CA TYR A 164 11.14 -20.02 -13.66
C TYR A 164 11.24 -20.79 -12.32
N GLU A 165 11.57 -20.07 -11.24
CA GLU A 165 11.48 -20.66 -9.91
C GLU A 165 10.03 -20.96 -9.62
N GLU A 166 9.13 -20.01 -9.82
CA GLU A 166 7.73 -20.25 -9.47
C GLU A 166 6.98 -21.30 -10.31
N GLU A 167 6.98 -21.09 -11.62
CA GLU A 167 6.11 -21.88 -12.49
C GLU A 167 6.79 -22.72 -13.58
N VAL A 168 8.03 -23.16 -13.34
CA VAL A 168 8.63 -24.11 -14.26
C VAL A 168 9.34 -25.15 -13.45
N PHE A 169 10.53 -24.80 -12.96
CA PHE A 169 11.32 -25.68 -12.16
C PHE A 169 11.01 -25.81 -10.65
N SER A 170 10.20 -24.96 -10.04
CA SER A 170 9.92 -25.13 -8.61
C SER A 170 11.19 -25.32 -7.77
N ALA A 171 12.13 -24.45 -7.98
CA ALA A 171 13.39 -24.62 -7.46
C ALA A 171 14.10 -23.36 -7.83
N TYR A 172 15.06 -22.99 -7.01
CA TYR A 172 15.99 -21.90 -7.35
C TYR A 172 17.11 -22.49 -8.23
N SER A 173 17.49 -23.74 -7.93
CA SER A 173 18.63 -24.39 -8.57
C SER A 173 18.43 -24.67 -10.05
N ALA A 174 19.44 -24.41 -10.86
CA ALA A 174 19.35 -24.78 -12.24
C ALA A 174 20.69 -25.33 -12.76
N LEU A 175 21.18 -26.35 -12.05
CA LEU A 175 22.36 -27.18 -12.40
C LEU A 175 21.98 -28.67 -12.46
N TRP A 176 22.76 -29.49 -13.15
CA TRP A 176 22.51 -30.92 -13.15
C TRP A 176 23.75 -31.74 -13.38
N TRP A 177 24.24 -32.42 -12.33
CA TRP A 177 25.40 -33.29 -12.48
C TRP A 177 25.05 -34.49 -13.38
N SER A 178 26.08 -35.06 -14.01
CA SER A 178 25.92 -36.33 -14.70
C SER A 178 25.86 -37.37 -13.61
N PRO A 179 25.61 -38.62 -13.99
CA PRO A 179 25.49 -39.68 -13.01
C PRO A 179 26.70 -39.90 -12.11
N ASN A 180 27.91 -39.95 -12.69
CA ASN A 180 29.14 -40.05 -11.89
C ASN A 180 29.81 -38.68 -11.61
N GLY A 181 29.19 -37.59 -12.07
CA GLY A 181 29.79 -36.23 -11.94
C GLY A 181 30.87 -35.80 -12.92
N THR A 182 31.01 -36.55 -14.00
CA THR A 182 31.90 -36.19 -15.05
C THR A 182 31.62 -34.76 -15.49
N PHE A 183 30.37 -34.53 -15.91
CA PHE A 183 29.94 -33.25 -16.47
C PHE A 183 29.01 -32.57 -15.49
N LEU A 184 28.74 -31.31 -15.84
CA LEU A 184 27.79 -30.47 -15.13
C LEU A 184 27.04 -29.68 -16.19
N ALA A 185 25.72 -29.82 -16.20
CA ALA A 185 24.84 -29.10 -17.12
C ALA A 185 24.31 -27.85 -16.41
N TYR A 186 23.93 -26.83 -17.17
CA TYR A 186 23.31 -25.67 -16.56
C TYR A 186 22.54 -24.82 -17.54
N ALA A 187 21.94 -23.79 -16.93
CA ALA A 187 20.93 -22.98 -17.54
C ALA A 187 21.26 -21.51 -17.32
N GLN A 188 20.94 -20.67 -18.30
CA GLN A 188 21.20 -19.27 -18.20
C GLN A 188 20.04 -18.38 -18.67
N PHE A 189 19.49 -17.60 -17.76
CA PHE A 189 18.36 -16.70 -18.03
C PHE A 189 18.77 -15.25 -18.10
N ASN A 190 18.08 -14.50 -18.97
CA ASN A 190 18.36 -13.09 -19.27
C ASN A 190 17.09 -12.21 -19.16
N ASP A 191 17.07 -11.32 -18.16
CA ASP A 191 15.95 -10.43 -17.87
C ASP A 191 16.16 -8.98 -18.28
N THR A 192 17.33 -8.68 -18.84
CA THR A 192 17.61 -7.37 -19.45
C THR A 192 16.32 -6.63 -19.89
N GLU A 193 15.52 -7.19 -20.80
CA GLU A 193 14.40 -6.40 -21.30
C GLU A 193 13.11 -6.69 -20.61
N VAL A 194 13.17 -7.31 -19.42
CA VAL A 194 11.98 -7.73 -18.68
C VAL A 194 11.68 -6.66 -17.67
N PRO A 195 10.42 -6.28 -17.55
CA PRO A 195 10.17 -5.13 -16.69
C PRO A 195 9.90 -5.45 -15.23
N LEU A 196 9.86 -4.36 -14.45
CA LEU A 196 9.98 -4.45 -13.03
C LEU A 196 8.69 -4.19 -12.31
N ILE A 197 8.31 -5.12 -11.47
CA ILE A 197 7.32 -4.83 -10.47
C ILE A 197 8.05 -4.05 -9.36
N GLU A 198 7.39 -3.00 -8.89
CA GLU A 198 7.95 -2.08 -7.90
C GLU A 198 6.99 -2.08 -6.72
N TYR A 199 7.48 -2.18 -5.49
CA TYR A 199 6.60 -1.99 -4.36
C TYR A 199 7.33 -1.68 -3.10
N SER A 200 6.53 -1.27 -2.10
CA SER A 200 7.03 -0.78 -0.81
C SER A 200 7.19 -1.81 0.28
N PHE A 201 8.25 -1.60 1.05
CA PHE A 201 8.57 -2.43 2.19
C PHE A 201 8.91 -1.51 3.38
N TYR A 202 8.14 -1.58 4.43
CA TYR A 202 8.26 -0.55 5.46
C TYR A 202 9.33 -0.84 6.53
N SER A 203 9.41 -2.10 6.99
CA SER A 203 10.44 -2.69 7.88
C SER A 203 10.28 -2.50 9.37
N ASP A 204 11.38 -2.44 10.13
CA ASP A 204 11.30 -1.95 11.51
C ASP A 204 10.87 -0.53 11.45
N GLU A 205 10.18 -0.10 12.48
CA GLU A 205 9.77 1.27 12.59
C GLU A 205 10.99 2.21 12.66
N SER A 206 12.13 1.69 13.09
CA SER A 206 13.35 2.48 13.03
C SER A 206 13.57 3.04 11.65
N LEU A 207 13.15 2.35 10.60
CA LEU A 207 13.47 2.79 9.23
C LEU A 207 12.71 4.06 8.77
N GLN A 208 13.48 5.08 8.38
CA GLN A 208 12.91 6.41 8.17
C GLN A 208 12.19 6.62 6.84
N TYR A 209 12.84 6.27 5.73
CA TYR A 209 12.21 6.27 4.38
C TYR A 209 11.89 4.84 3.95
N PRO A 210 10.72 4.61 3.30
CA PRO A 210 10.36 3.25 2.93
C PRO A 210 11.01 2.75 1.66
N LYS A 211 11.37 1.48 1.63
CA LYS A 211 12.16 0.96 0.54
C LYS A 211 11.26 0.50 -0.62
N THR A 212 11.74 0.66 -1.85
CA THR A 212 11.11 0.05 -3.01
C THR A 212 11.83 -1.19 -3.44
N VAL A 213 11.04 -2.17 -3.75
CA VAL A 213 11.54 -3.43 -4.23
C VAL A 213 11.27 -3.52 -5.71
N ARG A 214 12.26 -3.94 -6.45
CA ARG A 214 12.16 -3.94 -7.87
C ARG A 214 12.51 -5.37 -8.21
N VAL A 215 11.63 -6.05 -8.95
CA VAL A 215 11.78 -7.49 -9.27
C VAL A 215 11.46 -7.74 -10.76
N PRO A 216 12.39 -8.32 -11.51
CA PRO A 216 11.98 -8.42 -12.91
C PRO A 216 10.87 -9.43 -13.02
N TYR A 217 9.71 -8.99 -13.47
CA TYR A 217 8.53 -9.83 -13.48
C TYR A 217 7.67 -9.53 -14.73
N PRO A 218 7.59 -10.52 -15.62
CA PRO A 218 6.87 -10.37 -16.89
C PRO A 218 5.41 -10.80 -16.71
N LYS A 219 4.53 -9.80 -16.80
CA LYS A 219 3.11 -10.00 -16.76
C LYS A 219 2.64 -10.46 -18.11
N ALA A 220 1.37 -10.90 -18.19
CA ALA A 220 0.77 -11.48 -19.42
C ALA A 220 0.97 -10.52 -20.58
N GLY A 221 1.57 -11.02 -21.67
CA GLY A 221 1.80 -10.19 -22.84
C GLY A 221 3.11 -9.43 -22.87
N ALA A 222 3.87 -9.45 -21.81
CA ALA A 222 5.02 -8.61 -21.76
C ALA A 222 6.24 -9.36 -22.20
N VAL A 223 7.32 -8.63 -22.36
CA VAL A 223 8.61 -9.23 -22.61
C VAL A 223 9.02 -10.16 -21.48
N ASN A 224 9.30 -11.41 -21.85
CA ASN A 224 9.80 -12.48 -21.03
C ASN A 224 11.28 -12.57 -21.11
N PRO A 225 11.93 -13.26 -20.13
CA PRO A 225 13.34 -13.68 -20.21
C PRO A 225 13.66 -14.72 -21.27
N THR A 226 14.93 -14.81 -21.61
CA THR A 226 15.47 -15.86 -22.51
C THR A 226 16.38 -16.91 -21.80
N VAL A 227 16.61 -18.03 -22.45
CA VAL A 227 17.27 -19.13 -21.80
C VAL A 227 18.34 -19.74 -22.69
N LYS A 228 19.56 -19.93 -22.17
CA LYS A 228 20.59 -20.71 -22.84
C LYS A 228 21.00 -21.90 -21.98
N PHE A 229 21.67 -22.87 -22.62
CA PHE A 229 22.00 -24.18 -22.00
C PHE A 229 23.33 -24.75 -22.53
N PHE A 230 24.12 -25.25 -21.57
CA PHE A 230 25.49 -25.68 -21.78
C PHE A 230 25.81 -26.91 -20.95
N VAL A 231 26.77 -27.71 -21.40
CA VAL A 231 27.38 -28.71 -20.54
C VAL A 231 28.91 -28.61 -20.54
N VAL A 232 29.47 -28.44 -19.34
CA VAL A 232 30.93 -28.38 -19.09
C VAL A 232 31.47 -29.71 -18.54
N ASN A 233 32.72 -30.01 -18.87
CA ASN A 233 33.32 -31.25 -18.43
C ASN A 233 34.20 -30.96 -17.26
N THR A 234 33.81 -31.54 -16.16
CA THR A 234 34.32 -31.16 -14.85
C THR A 234 35.69 -31.82 -14.64
N ASP A 235 35.89 -32.98 -15.30
CA ASP A 235 37.12 -33.81 -15.15
C ASP A 235 38.41 -33.25 -15.81
N SER A 236 38.35 -32.04 -16.34
CA SER A 236 39.51 -31.42 -16.95
C SER A 236 39.45 -29.91 -16.80
N LEU A 237 39.74 -29.40 -15.60
CA LEU A 237 39.71 -27.97 -15.36
C LEU A 237 41.14 -27.40 -15.32
N SER A 238 41.28 -26.13 -15.66
CA SER A 238 42.59 -25.50 -15.86
C SER A 238 42.87 -24.34 -14.85
N SER A 239 43.95 -24.50 -14.07
CA SER A 239 44.48 -23.46 -13.20
C SER A 239 44.80 -22.22 -14.01
N VAL A 240 45.22 -22.46 -15.25
CA VAL A 240 45.73 -21.42 -16.14
C VAL A 240 44.58 -20.79 -16.94
N THR A 241 44.06 -21.46 -17.96
CA THR A 241 43.07 -20.83 -18.88
C THR A 241 41.57 -21.06 -18.47
N ASN A 242 40.66 -20.20 -18.95
CA ASN A 242 39.22 -20.17 -18.52
C ASN A 242 38.50 -21.58 -18.69
N ALA A 243 37.18 -21.66 -18.51
CA ALA A 243 36.44 -22.95 -18.71
C ALA A 243 35.56 -22.87 -19.95
N THR A 244 35.68 -23.86 -20.84
CA THR A 244 34.88 -23.89 -22.06
C THR A 244 33.62 -24.69 -21.81
N SER A 245 32.47 -24.07 -22.13
CA SER A 245 31.15 -24.59 -21.79
C SER A 245 30.45 -24.79 -23.09
N ILE A 246 30.11 -26.03 -23.39
CA ILE A 246 29.50 -26.33 -24.66
C ILE A 246 28.02 -25.99 -24.61
N GLN A 247 27.56 -25.13 -25.53
CA GLN A 247 26.11 -24.84 -25.65
C GLN A 247 25.40 -25.91 -26.45
N ILE A 248 24.31 -26.45 -25.89
CA ILE A 248 23.37 -27.23 -26.66
C ILE A 248 22.17 -26.35 -26.91
N THR A 249 22.15 -25.73 -28.07
CA THR A 249 21.14 -24.77 -28.43
C THR A 249 19.80 -25.42 -28.75
N ALA A 250 18.72 -24.70 -28.62
CA ALA A 250 17.40 -25.30 -28.82
C ALA A 250 17.23 -25.67 -30.31
N PRO A 251 16.18 -26.45 -30.64
CA PRO A 251 15.79 -26.76 -32.02
C PRO A 251 15.12 -25.59 -32.78
N ALA A 252 15.00 -25.69 -34.10
CA ALA A 252 14.41 -24.59 -34.87
C ALA A 252 12.91 -24.40 -34.67
N SER A 253 12.19 -25.49 -34.35
CA SER A 253 10.77 -25.39 -33.95
C SER A 253 10.59 -24.39 -32.84
N MET A 254 11.60 -24.26 -31.98
CA MET A 254 11.52 -23.38 -30.82
C MET A 254 12.20 -22.04 -31.12
N LEU A 255 13.32 -22.07 -31.82
CA LEU A 255 14.11 -20.86 -32.05
C LEU A 255 13.33 -19.78 -32.81
N ILE A 256 12.24 -20.13 -33.45
CA ILE A 256 11.42 -19.13 -34.18
C ILE A 256 10.62 -18.19 -33.26
N GLY A 257 10.59 -18.44 -31.95
CA GLY A 257 9.93 -17.52 -31.08
C GLY A 257 10.19 -17.71 -29.60
N ASP A 258 9.33 -17.09 -28.80
CA ASP A 258 9.49 -17.14 -27.40
C ASP A 258 9.31 -18.63 -27.09
N HIS A 259 10.28 -19.23 -26.43
CA HIS A 259 10.09 -20.57 -25.95
C HIS A 259 10.50 -20.59 -24.50
N TYR A 260 10.53 -21.80 -23.96
CA TYR A 260 10.93 -22.02 -22.60
C TYR A 260 11.65 -23.32 -22.64
N LEU A 261 12.62 -23.45 -21.74
CA LEU A 261 13.23 -24.73 -21.37
C LEU A 261 12.45 -25.25 -20.12
N CYS A 262 11.84 -26.44 -20.26
CA CYS A 262 11.02 -27.00 -19.18
C CYS A 262 11.55 -28.27 -18.51
N ASP A 263 12.49 -28.95 -19.13
CA ASP A 263 13.07 -30.18 -18.57
C ASP A 263 14.49 -30.54 -19.03
N VAL A 264 15.24 -31.04 -18.04
CA VAL A 264 16.59 -31.50 -18.18
C VAL A 264 16.62 -32.82 -17.40
N THR A 265 17.10 -33.88 -18.06
CA THR A 265 17.10 -35.25 -17.52
C THR A 265 18.18 -36.09 -18.21
N TRP A 266 19.22 -36.49 -17.47
CA TRP A 266 20.31 -37.42 -17.93
C TRP A 266 19.78 -38.83 -18.05
N ALA A 267 20.29 -39.54 -19.05
CA ALA A 267 19.92 -40.94 -19.30
C ALA A 267 21.04 -41.85 -18.92
N THR A 268 22.24 -41.47 -19.36
CA THR A 268 23.47 -42.24 -19.16
C THR A 268 24.58 -41.24 -18.83
N GLN A 269 25.83 -41.72 -18.70
CA GLN A 269 27.00 -40.87 -18.47
C GLN A 269 27.23 -39.80 -19.53
N GLU A 270 26.77 -40.07 -20.75
CA GLU A 270 27.02 -39.21 -21.90
C GLU A 270 25.77 -39.13 -22.74
N ARG A 271 24.61 -39.11 -22.10
CA ARG A 271 23.38 -38.94 -22.83
C ARG A 271 22.30 -38.22 -22.03
N ILE A 272 21.97 -37.03 -22.51
CA ILE A 272 21.04 -36.11 -21.88
C ILE A 272 19.74 -35.83 -22.70
N SER A 273 18.65 -35.61 -21.97
CA SER A 273 17.35 -35.30 -22.53
C SER A 273 17.09 -33.86 -22.24
N LEU A 274 16.48 -33.18 -23.21
CA LEU A 274 15.97 -31.85 -23.06
C LEU A 274 14.50 -31.82 -23.44
N GLN A 275 13.67 -31.10 -22.70
CA GLN A 275 12.37 -30.72 -23.26
C GLN A 275 12.30 -29.21 -23.39
N TRP A 276 11.74 -28.75 -24.51
CA TRP A 276 11.40 -27.35 -24.63
C TRP A 276 9.91 -27.14 -24.87
N LEU A 277 9.50 -25.89 -24.80
CA LEU A 277 8.11 -25.52 -24.84
C LEU A 277 7.87 -24.07 -25.35
N ARG A 278 7.02 -23.88 -26.39
CA ARG A 278 6.78 -22.55 -26.98
C ARG A 278 5.93 -21.72 -26.08
N ARG A 279 6.02 -20.40 -26.27
CA ARG A 279 5.28 -19.48 -25.44
C ARG A 279 3.83 -19.77 -25.59
N ILE A 280 3.42 -20.09 -26.80
CA ILE A 280 2.10 -20.65 -27.00
C ILE A 280 2.25 -22.08 -26.53
N GLN A 281 1.66 -22.45 -25.39
CA GLN A 281 2.04 -23.71 -24.70
C GLN A 281 1.28 -24.97 -25.10
N ASN A 282 1.16 -25.25 -26.39
CA ASN A 282 0.41 -26.41 -26.89
C ASN A 282 1.27 -27.27 -27.78
N TYR A 283 2.57 -27.08 -27.68
CA TYR A 283 3.55 -27.64 -28.62
C TYR A 283 4.93 -27.77 -27.96
N SER A 284 5.37 -29.01 -27.69
CA SER A 284 6.64 -29.28 -26.96
C SER A 284 7.54 -30.25 -27.70
N VAL A 285 8.85 -30.04 -27.58
CA VAL A 285 9.85 -30.85 -28.30
C VAL A 285 10.90 -31.36 -27.33
N MET A 286 11.21 -32.66 -27.40
CA MET A 286 12.25 -33.31 -26.58
C MET A 286 13.45 -33.54 -27.48
N ASP A 287 14.64 -33.69 -26.89
CA ASP A 287 15.86 -33.93 -27.68
C ASP A 287 16.91 -34.74 -26.88
N ILE A 288 17.42 -35.82 -27.46
CA ILE A 288 18.34 -36.74 -26.82
C ILE A 288 19.74 -36.53 -27.41
N CYS A 289 20.72 -36.18 -26.58
CA CYS A 289 22.03 -35.76 -27.11
C CYS A 289 23.22 -36.64 -26.63
N ASP A 290 24.00 -37.14 -27.57
CA ASP A 290 25.14 -37.92 -27.19
C ASP A 290 26.43 -37.13 -27.28
N TYR A 291 27.34 -37.53 -26.38
CA TYR A 291 28.70 -37.03 -26.33
C TYR A 291 29.50 -37.55 -27.52
N ASP A 292 30.25 -36.67 -28.16
CA ASP A 292 31.16 -37.12 -29.19
C ASP A 292 32.58 -37.05 -28.66
N GLU A 293 33.10 -38.20 -28.20
CA GLU A 293 34.45 -38.32 -27.63
C GLU A 293 35.55 -38.03 -28.65
N SER A 294 35.16 -37.56 -29.84
CA SER A 294 36.11 -37.08 -30.87
C SER A 294 36.26 -35.56 -30.92
N SER A 295 35.18 -34.86 -30.62
CA SER A 295 35.12 -33.43 -30.77
C SER A 295 34.58 -32.82 -29.51
N GLY A 296 34.62 -33.56 -28.39
CA GLY A 296 33.81 -33.24 -27.21
C GLY A 296 32.69 -32.20 -27.40
N ARG A 297 31.95 -32.25 -28.52
CA ARG A 297 30.74 -31.43 -28.67
C ARG A 297 29.52 -32.35 -28.40
N TRP A 298 28.28 -31.94 -28.70
CA TRP A 298 27.10 -32.75 -28.32
C TRP A 298 26.05 -32.91 -29.39
N ASN A 299 25.76 -34.13 -29.79
CA ASN A 299 24.85 -34.33 -30.90
C ASN A 299 23.45 -34.65 -30.42
N CYS A 300 22.44 -34.03 -31.00
CA CYS A 300 21.11 -34.47 -30.71
C CYS A 300 20.49 -34.89 -32.03
N LEU A 301 20.52 -36.17 -32.31
CA LEU A 301 20.11 -36.69 -33.63
C LEU A 301 18.63 -36.52 -33.95
N VAL A 302 18.33 -35.74 -34.98
CA VAL A 302 16.94 -35.47 -35.28
C VAL A 302 16.07 -36.75 -35.24
N ALA A 303 16.64 -37.92 -35.52
CA ALA A 303 15.81 -39.12 -35.48
C ALA A 303 15.30 -39.35 -34.07
N ARG A 304 16.14 -39.01 -33.10
CA ARG A 304 15.82 -39.26 -31.72
C ARG A 304 15.02 -38.16 -31.10
N GLN A 305 14.70 -37.13 -31.87
CA GLN A 305 13.90 -36.01 -31.36
C GLN A 305 12.41 -36.40 -31.16
N HIS A 306 11.76 -35.91 -30.12
CA HIS A 306 10.38 -36.32 -29.90
C HIS A 306 9.43 -35.17 -29.65
N ILE A 307 8.33 -35.21 -30.42
CA ILE A 307 7.27 -34.22 -30.41
C ILE A 307 6.15 -34.58 -29.44
N GLU A 308 5.55 -33.55 -28.85
CA GLU A 308 4.42 -33.72 -27.97
C GLU A 308 3.61 -32.45 -28.15
N MET A 309 2.35 -32.57 -28.56
CA MET A 309 1.48 -31.42 -28.77
C MET A 309 0.04 -31.70 -28.28
N SER A 310 -0.77 -30.66 -28.12
CA SER A 310 -2.15 -30.80 -27.63
C SER A 310 -3.13 -30.16 -28.58
N THR A 311 -4.21 -30.85 -28.84
CA THR A 311 -5.29 -30.29 -29.63
C THR A 311 -6.41 -29.74 -28.73
N THR A 312 -6.55 -30.25 -27.53
CA THR A 312 -7.68 -29.82 -26.70
C THR A 312 -7.28 -28.71 -25.75
N GLY A 313 -5.98 -28.50 -25.60
CA GLY A 313 -5.49 -27.50 -24.66
C GLY A 313 -3.99 -27.22 -24.61
N TRP A 314 -3.33 -27.72 -23.56
CA TRP A 314 -1.97 -27.37 -23.24
C TRP A 314 -1.22 -28.62 -22.80
N VAL A 315 0.06 -28.65 -23.09
CA VAL A 315 0.86 -29.85 -22.99
C VAL A 315 1.24 -30.13 -21.58
N GLY A 316 1.03 -31.37 -21.14
CA GLY A 316 1.37 -31.77 -19.78
C GLY A 316 0.26 -31.31 -18.88
N ARG A 317 0.46 -31.39 -17.54
CA ARG A 317 -0.53 -30.88 -16.53
C ARG A 317 -0.25 -29.41 -16.16
N PHE A 318 0.97 -29.17 -15.75
CA PHE A 318 1.56 -27.82 -15.59
C PHE A 318 2.70 -27.61 -16.61
N ARG A 319 3.30 -28.72 -17.02
CA ARG A 319 4.37 -28.71 -18.00
C ARG A 319 4.51 -30.12 -18.55
N PRO A 320 5.24 -30.26 -19.66
CA PRO A 320 5.55 -31.59 -20.20
C PRO A 320 5.97 -32.59 -19.13
N SER A 321 5.53 -33.84 -19.28
CA SER A 321 5.80 -34.84 -18.25
C SER A 321 7.27 -35.24 -18.33
N GLU A 322 7.73 -35.98 -17.35
CA GLU A 322 9.16 -36.21 -17.23
C GLU A 322 9.54 -37.67 -17.58
N PRO A 323 10.60 -37.88 -18.40
CA PRO A 323 10.89 -39.23 -18.93
C PRO A 323 11.83 -40.07 -18.04
N HIS A 324 11.55 -41.36 -17.93
CA HIS A 324 12.33 -42.29 -17.17
C HIS A 324 12.95 -43.34 -18.06
N PHE A 325 14.28 -43.27 -18.23
CA PHE A 325 15.04 -44.13 -19.14
C PHE A 325 15.41 -45.46 -18.48
N THR A 326 15.44 -46.54 -19.25
CA THR A 326 15.98 -47.83 -18.79
C THR A 326 17.49 -47.81 -18.81
N LEU A 327 18.14 -48.52 -17.90
CA LEU A 327 19.62 -48.47 -17.74
C LEU A 327 20.49 -48.35 -19.01
N ASP A 328 20.12 -49.00 -20.11
CA ASP A 328 20.85 -48.83 -21.37
C ASP A 328 20.65 -47.42 -21.99
N GLY A 329 19.69 -46.65 -21.46
CA GLY A 329 19.35 -45.35 -21.96
C GLY A 329 18.91 -45.49 -23.38
N ASN A 330 18.34 -46.64 -23.75
CA ASN A 330 17.82 -46.88 -25.13
C ASN A 330 16.29 -47.11 -25.24
N SER A 331 15.56 -46.96 -24.16
CA SER A 331 14.13 -46.69 -24.29
C SER A 331 13.74 -45.82 -23.12
N PHE A 332 12.46 -45.44 -22.99
CA PHE A 332 11.98 -44.74 -21.78
C PHE A 332 10.47 -44.76 -21.60
N TYR A 333 10.10 -44.76 -20.33
CA TYR A 333 8.71 -44.73 -19.96
C TYR A 333 8.42 -43.28 -19.52
N LYS A 334 7.17 -42.89 -19.66
CA LYS A 334 6.81 -41.50 -19.56
C LYS A 334 5.29 -41.38 -19.51
N ILE A 335 4.78 -40.43 -18.74
CA ILE A 335 3.34 -40.16 -18.76
C ILE A 335 2.90 -39.27 -19.94
N ILE A 336 1.88 -39.72 -20.65
CA ILE A 336 1.31 -39.08 -21.84
C ILE A 336 -0.17 -39.41 -21.87
N SER A 337 -1.04 -38.40 -22.05
CA SER A 337 -2.49 -38.65 -22.05
C SER A 337 -2.75 -39.39 -23.29
N ASN A 338 -3.54 -40.44 -23.18
CA ASN A 338 -3.80 -41.28 -24.33
C ASN A 338 -4.78 -40.60 -25.21
N GLU A 339 -5.43 -41.33 -26.10
CA GLU A 339 -6.44 -40.74 -26.97
C GLU A 339 -7.89 -40.97 -26.54
N GLU A 340 -8.14 -41.15 -25.25
CA GLU A 340 -9.48 -40.97 -24.68
C GLU A 340 -9.52 -39.74 -23.72
N GLY A 341 -8.36 -39.14 -23.48
CA GLY A 341 -8.22 -38.02 -22.55
C GLY A 341 -7.50 -38.39 -21.26
N TYR A 342 -7.17 -39.69 -21.08
CA TYR A 342 -6.62 -40.21 -19.80
C TYR A 342 -5.14 -40.35 -19.83
N ARG A 343 -4.51 -39.87 -18.75
CA ARG A 343 -3.04 -39.92 -18.58
C ARG A 343 -2.48 -41.32 -18.16
N HIS A 344 -1.67 -41.92 -19.03
CA HIS A 344 -1.10 -43.26 -18.80
C HIS A 344 0.38 -43.34 -19.25
N ILE A 345 1.03 -44.46 -18.97
CA ILE A 345 2.45 -44.63 -19.33
C ILE A 345 2.65 -45.08 -20.79
N CYS A 346 3.62 -44.47 -21.45
CA CYS A 346 4.03 -44.88 -22.77
C CYS A 346 5.47 -45.36 -22.71
N TYR A 347 5.77 -46.44 -23.43
CA TYR A 347 7.13 -46.92 -23.54
C TYR A 347 7.66 -46.55 -24.88
N PHE A 348 8.56 -45.58 -24.89
CA PHE A 348 9.17 -45.07 -26.10
C PHE A 348 10.44 -45.84 -26.36
N GLN A 349 11.16 -45.44 -27.41
CA GLN A 349 12.45 -46.02 -27.76
C GLN A 349 13.21 -44.91 -28.38
N ILE A 350 14.47 -44.76 -28.03
CA ILE A 350 15.16 -43.53 -28.34
C ILE A 350 15.02 -43.12 -29.80
N ASP A 351 14.77 -44.07 -30.71
CA ASP A 351 14.83 -43.83 -32.17
C ASP A 351 13.51 -43.96 -32.94
N LYS A 352 12.42 -44.25 -32.24
CA LYS A 352 11.14 -44.45 -32.93
C LYS A 352 10.02 -43.72 -32.21
N LYS A 353 9.16 -43.09 -33.01
CA LYS A 353 8.31 -41.99 -32.60
C LYS A 353 6.90 -42.45 -32.16
N ASP A 354 6.51 -43.68 -32.49
CA ASP A 354 5.31 -44.22 -31.89
C ASP A 354 5.73 -44.63 -30.49
N CYS A 355 4.83 -44.49 -29.53
CA CYS A 355 5.01 -45.16 -28.25
C CYS A 355 3.93 -46.21 -28.11
N THR A 356 4.19 -47.10 -27.18
CA THR A 356 3.39 -48.23 -26.94
C THR A 356 2.88 -47.98 -25.56
N PHE A 357 1.56 -47.90 -25.39
CA PHE A 357 0.94 -47.70 -24.08
C PHE A 357 0.96 -48.96 -23.29
N ILE A 358 1.36 -48.89 -22.02
CA ILE A 358 1.36 -50.07 -21.17
C ILE A 358 0.30 -50.03 -20.09
N THR A 359 -0.49 -48.95 -20.03
CA THR A 359 -1.65 -48.81 -19.13
C THR A 359 -2.88 -48.24 -19.89
N LYS A 360 -4.03 -48.79 -19.55
CA LYS A 360 -5.33 -48.45 -20.14
C LYS A 360 -6.27 -48.18 -19.01
N GLY A 361 -7.16 -47.21 -19.19
CA GLY A 361 -8.36 -47.11 -18.34
C GLY A 361 -8.91 -45.76 -18.02
N THR A 362 -10.07 -45.77 -17.40
CA THR A 362 -10.70 -44.55 -16.91
C THR A 362 -10.19 -44.27 -15.50
N TRP A 363 -8.97 -43.77 -15.43
CA TRP A 363 -8.31 -43.40 -14.18
C TRP A 363 -6.96 -42.95 -14.69
N GLU A 364 -6.22 -42.19 -13.87
CA GLU A 364 -4.94 -41.66 -14.31
C GLU A 364 -3.74 -42.06 -13.46
N VAL A 365 -2.57 -41.91 -14.06
CA VAL A 365 -1.32 -42.24 -13.42
C VAL A 365 -0.66 -40.98 -12.88
N ILE A 366 -0.43 -40.94 -11.56
CA ILE A 366 -0.02 -39.69 -10.93
C ILE A 366 1.50 -39.53 -11.06
N GLY A 367 2.21 -40.62 -10.84
CA GLY A 367 3.63 -40.60 -11.04
C GLY A 367 4.26 -41.97 -11.22
N ILE A 368 5.29 -42.01 -12.04
CA ILE A 368 6.22 -43.10 -12.06
C ILE A 368 7.13 -42.86 -10.88
N GLU A 369 7.23 -43.80 -9.95
CA GLU A 369 8.16 -43.66 -8.80
C GLU A 369 9.48 -44.51 -8.89
N ALA A 370 9.48 -45.61 -9.64
CA ALA A 370 10.70 -46.43 -9.78
C ALA A 370 10.67 -47.51 -10.89
N LEU A 371 11.88 -47.93 -11.27
CA LEU A 371 12.14 -48.69 -12.48
C LEU A 371 13.30 -49.72 -12.38
N THR A 372 12.92 -50.99 -12.30
CA THR A 372 13.86 -52.11 -12.29
C THR A 372 13.92 -52.77 -13.70
N SER A 373 14.59 -53.93 -13.80
CA SER A 373 14.75 -54.65 -15.07
C SER A 373 13.64 -55.68 -15.25
N ASP A 374 12.71 -55.75 -14.28
CA ASP A 374 11.51 -56.58 -14.39
C ASP A 374 10.23 -55.90 -13.96
N TYR A 375 10.32 -54.72 -13.36
CA TYR A 375 9.12 -54.05 -12.89
C TYR A 375 9.26 -52.57 -13.00
N LEU A 376 8.13 -51.90 -13.26
CA LEU A 376 8.05 -50.45 -13.12
C LEU A 376 7.08 -50.27 -12.00
N TYR A 377 7.25 -49.22 -11.23
CA TYR A 377 6.34 -48.95 -10.12
C TYR A 377 5.72 -47.56 -10.35
N TYR A 378 4.44 -47.41 -10.05
CA TYR A 378 3.75 -46.16 -10.36
C TYR A 378 2.64 -45.84 -9.35
N ILE A 379 2.08 -44.65 -9.39
CA ILE A 379 1.03 -44.29 -8.45
C ILE A 379 -0.25 -43.98 -9.23
N SER A 380 -1.36 -44.65 -8.89
CA SER A 380 -2.62 -44.27 -9.52
C SER A 380 -3.74 -44.12 -8.54
N ASN A 381 -4.79 -43.49 -9.05
CA ASN A 381 -6.05 -43.33 -8.33
C ASN A 381 -7.09 -44.37 -8.74
N GLU A 382 -6.63 -45.52 -9.19
CA GLU A 382 -7.51 -46.56 -9.74
C GLU A 382 -8.42 -47.25 -8.73
N TYR A 383 -7.87 -47.58 -7.56
CA TYR A 383 -8.60 -48.35 -6.59
C TYR A 383 -9.99 -47.86 -6.34
N LYS A 384 -10.97 -48.75 -6.40
CA LYS A 384 -12.38 -48.40 -6.21
C LYS A 384 -12.84 -47.22 -7.01
N GLY A 385 -12.23 -46.93 -8.13
CA GLY A 385 -12.77 -45.90 -8.99
C GLY A 385 -12.84 -44.48 -8.44
N MET A 386 -12.07 -44.16 -7.40
CA MET A 386 -12.02 -42.78 -6.82
C MET A 386 -10.80 -41.90 -7.22
N PRO A 387 -11.04 -40.74 -7.88
CA PRO A 387 -9.92 -39.89 -8.26
C PRO A 387 -9.27 -39.16 -7.10
N GLY A 388 -9.89 -39.18 -5.93
CA GLY A 388 -9.31 -38.50 -4.78
C GLY A 388 -8.17 -39.24 -4.08
N GLY A 389 -8.03 -40.53 -4.37
CA GLY A 389 -7.13 -41.43 -3.61
C GLY A 389 -6.00 -41.93 -4.45
N ARG A 390 -4.94 -42.31 -3.76
CA ARG A 390 -3.64 -42.65 -4.38
C ARG A 390 -3.15 -43.99 -3.81
N ASN A 391 -2.57 -44.79 -4.68
CA ASN A 391 -2.10 -46.13 -4.35
C ASN A 391 -0.95 -46.51 -5.28
N LEU A 392 -0.23 -47.55 -4.87
CA LEU A 392 1.03 -47.96 -5.48
C LEU A 392 0.89 -49.30 -6.18
N TYR A 393 1.41 -49.32 -7.41
CA TYR A 393 1.25 -50.42 -8.33
C TYR A 393 2.63 -50.82 -8.90
N LYS A 394 2.81 -52.10 -9.19
CA LYS A 394 3.98 -52.55 -9.97
C LYS A 394 3.47 -53.24 -11.22
N ILE A 395 4.30 -53.23 -12.25
CA ILE A 395 3.86 -53.74 -13.54
C ILE A 395 4.97 -54.58 -14.13
N GLN A 396 4.57 -55.78 -14.61
CA GLN A 396 5.49 -56.82 -15.02
C GLN A 396 5.90 -56.52 -16.45
N LEU A 397 7.19 -56.23 -16.62
CA LEU A 397 7.65 -55.67 -17.87
C LEU A 397 7.76 -56.70 -18.97
N SER A 398 7.64 -57.99 -18.65
CA SER A 398 7.52 -59.05 -19.67
C SER A 398 6.09 -59.40 -20.00
N ASP A 399 5.11 -58.70 -19.44
CA ASP A 399 3.68 -59.03 -19.62
C ASP A 399 2.78 -57.93 -19.02
N TYR A 400 2.41 -56.98 -19.86
CA TYR A 400 1.70 -55.82 -19.35
C TYR A 400 0.30 -56.13 -18.77
N THR A 401 -0.10 -57.42 -18.74
CA THR A 401 -1.38 -57.81 -18.11
C THR A 401 -1.19 -58.25 -16.66
N LYS A 402 0.08 -58.44 -16.29
CA LYS A 402 0.46 -58.91 -14.95
C LYS A 402 0.83 -57.71 -14.05
N VAL A 403 -0.14 -57.29 -13.23
CA VAL A 403 -0.14 -55.96 -12.61
C VAL A 403 -0.63 -56.01 -11.18
N THR A 404 -0.05 -55.26 -10.27
CA THR A 404 -0.31 -55.54 -8.89
C THR A 404 -0.32 -54.38 -7.95
N CYS A 405 -1.43 -54.27 -7.20
CA CYS A 405 -1.53 -53.33 -6.10
C CYS A 405 -0.71 -53.86 -4.96
N LEU A 406 -0.01 -52.95 -4.30
CA LEU A 406 0.85 -53.24 -3.16
C LEU A 406 0.35 -52.56 -1.85
N SER A 407 -0.37 -51.45 -2.00
CA SER A 407 -0.88 -50.74 -0.86
C SER A 407 -2.40 -50.98 -0.59
N CYS A 408 -3.19 -51.02 -1.67
CA CYS A 408 -4.67 -50.96 -1.58
C CYS A 408 -5.26 -51.67 -0.37
N GLU A 409 -4.94 -52.96 -0.23
CA GLU A 409 -5.56 -53.81 0.79
C GLU A 409 -4.67 -54.13 1.98
N LEU A 410 -3.61 -53.36 2.23
CA LEU A 410 -2.92 -53.50 3.53
C LEU A 410 -3.82 -53.19 4.70
N ASN A 411 -4.81 -52.35 4.46
CA ASN A 411 -5.56 -51.72 5.51
C ASN A 411 -6.37 -50.62 4.86
N PRO A 412 -7.43 -51.00 4.16
CA PRO A 412 -8.12 -50.09 3.26
C PRO A 412 -9.07 -49.10 3.92
N GLU A 413 -9.49 -49.34 5.16
CA GLU A 413 -10.46 -48.44 5.80
C GLU A 413 -9.71 -47.22 6.40
N ARG A 414 -8.61 -47.46 7.11
CA ARG A 414 -7.71 -46.39 7.53
C ARG A 414 -6.85 -45.72 6.44
N CYS A 415 -6.45 -46.45 5.41
CA CYS A 415 -5.42 -45.94 4.51
C CYS A 415 -5.79 -45.87 3.01
N GLN A 416 -5.91 -44.66 2.42
CA GLN A 416 -6.27 -44.57 1.00
C GLN A 416 -5.47 -43.56 0.14
N TYR A 417 -4.48 -42.91 0.72
CA TYR A 417 -3.71 -41.88 0.02
C TYR A 417 -2.24 -42.16 0.30
N TYR A 418 -1.54 -42.70 -0.67
CA TYR A 418 -0.16 -43.14 -0.45
C TYR A 418 0.88 -42.38 -1.26
N SER A 419 1.98 -42.01 -0.60
CA SER A 419 3.22 -41.69 -1.28
C SER A 419 4.11 -42.88 -1.02
N VAL A 420 5.27 -42.91 -1.70
CA VAL A 420 6.19 -44.00 -1.54
C VAL A 420 7.60 -43.48 -1.70
N SER A 421 8.52 -43.96 -0.88
CA SER A 421 9.87 -43.48 -0.96
C SER A 421 10.85 -44.64 -1.05
N PHE A 422 11.67 -44.66 -2.11
CA PHE A 422 12.51 -45.83 -2.45
C PHE A 422 13.97 -45.81 -2.04
N SER A 423 14.45 -46.94 -1.55
CA SER A 423 15.90 -47.15 -1.41
C SER A 423 16.58 -47.12 -2.79
N LYS A 424 17.88 -46.81 -2.72
CA LYS A 424 18.70 -46.41 -3.86
C LYS A 424 18.70 -47.45 -4.98
N GLU A 425 18.26 -48.67 -4.73
CA GLU A 425 17.96 -49.52 -5.87
C GLU A 425 16.69 -50.31 -5.69
N ALA A 426 15.70 -49.66 -5.12
CA ALA A 426 14.40 -50.26 -5.05
C ALA A 426 14.53 -51.66 -4.49
N LYS A 427 15.46 -51.84 -3.54
CA LYS A 427 15.47 -53.04 -2.70
C LYS A 427 14.42 -52.84 -1.61
N TYR A 428 14.27 -51.60 -1.15
CA TYR A 428 13.23 -51.22 -0.19
C TYR A 428 12.48 -49.97 -0.60
N TYR A 429 11.31 -49.81 -0.01
CA TYR A 429 10.58 -48.56 -0.04
C TYR A 429 9.81 -48.35 1.23
N GLN A 430 9.82 -47.10 1.71
CA GLN A 430 8.87 -46.62 2.72
C GLN A 430 7.54 -46.25 2.05
N LEU A 431 6.44 -46.48 2.75
CA LEU A 431 5.16 -46.01 2.31
C LEU A 431 4.63 -45.02 3.28
N ARG A 432 3.94 -44.01 2.79
CA ARG A 432 3.35 -42.99 3.63
C ARG A 432 1.87 -42.96 3.32
N CYS A 433 1.03 -43.02 4.36
CA CYS A 433 -0.42 -42.97 4.23
C CYS A 433 -0.86 -41.65 4.85
N SER A 434 -1.48 -40.76 4.06
CA SER A 434 -1.86 -39.42 4.52
C SER A 434 -3.25 -39.39 5.09
N GLY A 435 -3.98 -40.48 4.87
CA GLY A 435 -5.39 -40.58 5.30
C GLY A 435 -6.12 -41.73 4.63
N PRO A 436 -7.38 -41.95 5.03
CA PRO A 436 -8.20 -41.10 5.87
C PRO A 436 -8.01 -41.25 7.35
N GLY A 437 -7.55 -42.39 7.80
CA GLY A 437 -7.14 -42.54 9.21
C GLY A 437 -5.90 -41.73 9.52
N LEU A 438 -5.27 -42.02 10.64
CA LEU A 438 -4.12 -41.21 11.07
C LEU A 438 -2.88 -41.70 10.37
N PRO A 439 -2.05 -40.77 9.86
CA PRO A 439 -0.92 -41.20 9.06
C PRO A 439 -0.20 -42.39 9.60
N LEU A 440 0.08 -43.32 8.71
CA LEU A 440 0.75 -44.54 9.05
C LEU A 440 1.97 -44.75 8.12
N TYR A 441 3.14 -44.50 8.66
CA TYR A 441 4.39 -44.68 7.94
C TYR A 441 4.98 -46.10 8.24
N THR A 442 5.41 -46.81 7.18
CA THR A 442 5.83 -48.23 7.28
C THR A 442 6.88 -48.60 6.25
N LEU A 443 7.54 -49.75 6.41
CA LEU A 443 8.74 -50.13 5.63
C LEU A 443 8.68 -51.52 5.00
N HIS A 444 9.20 -51.63 3.78
CA HIS A 444 8.93 -52.81 2.93
C HIS A 444 10.13 -53.21 2.09
N SER A 445 10.20 -54.51 1.77
CA SER A 445 11.20 -55.08 0.83
C SER A 445 10.58 -55.40 -0.55
N SER A 446 11.31 -55.11 -1.62
CA SER A 446 10.79 -55.23 -3.00
C SER A 446 10.79 -56.66 -3.52
N VAL A 447 11.53 -57.55 -2.88
CA VAL A 447 11.64 -58.92 -3.36
C VAL A 447 10.36 -59.68 -2.96
N ASN A 448 10.22 -59.93 -1.66
CA ASN A 448 8.99 -60.49 -1.13
C ASN A 448 7.79 -59.53 -1.31
N ASP A 449 8.09 -58.24 -1.55
CA ASP A 449 7.16 -57.13 -1.35
C ASP A 449 6.47 -57.30 0.00
N LYS A 450 7.24 -57.76 0.99
CA LYS A 450 6.71 -58.00 2.33
C LYS A 450 7.27 -57.01 3.34
N GLY A 451 6.35 -56.54 4.17
CA GLY A 451 6.56 -55.39 5.03
C GLY A 451 7.21 -55.84 6.30
N LEU A 452 8.24 -55.12 6.68
CA LEU A 452 9.11 -55.56 7.74
C LEU A 452 8.61 -55.04 9.09
N ARG A 453 8.29 -53.76 9.17
CA ARG A 453 7.80 -53.21 10.41
C ARG A 453 7.13 -51.88 10.21
N VAL A 454 6.41 -51.48 11.25
CA VAL A 454 5.80 -50.16 11.37
C VAL A 454 6.84 -49.13 11.89
N LEU A 455 6.82 -47.94 11.31
CA LEU A 455 7.77 -46.91 11.67
C LEU A 455 7.13 -45.91 12.61
N GLU A 456 5.88 -45.54 12.33
CA GLU A 456 5.17 -44.55 13.12
C GLU A 456 3.64 -44.67 12.87
N ASP A 457 2.85 -44.85 13.94
CA ASP A 457 1.41 -45.11 13.83
C ASP A 457 0.51 -43.97 14.36
N ASN A 458 1.12 -42.83 14.69
CA ASN A 458 0.47 -41.61 15.27
C ASN A 458 -0.42 -41.79 16.54
N SER A 459 0.02 -42.73 17.39
CA SER A 459 -0.68 -43.17 18.63
C SER A 459 -0.81 -42.15 19.78
N ALA A 460 0.21 -41.31 19.98
CA ALA A 460 0.12 -40.26 21.03
C ALA A 460 -1.13 -39.45 20.75
N LEU A 461 -1.18 -38.98 19.51
CA LEU A 461 -2.30 -38.27 18.96
C LEU A 461 -3.63 -39.03 19.05
N ASP A 462 -3.60 -40.31 18.70
CA ASP A 462 -4.77 -41.15 18.76
C ASP A 462 -5.47 -41.00 20.12
N LYS A 463 -4.64 -40.96 21.17
CA LYS A 463 -5.10 -41.00 22.56
C LYS A 463 -5.77 -39.70 22.97
N MET A 464 -5.25 -38.58 22.50
CA MET A 464 -5.88 -37.30 22.76
C MET A 464 -7.17 -37.17 22.00
N LEU A 465 -7.19 -37.60 20.76
CA LEU A 465 -8.40 -37.40 19.98
C LEU A 465 -9.59 -38.27 20.44
N GLN A 466 -9.36 -39.19 21.36
CA GLN A 466 -10.50 -39.83 22.01
C GLN A 466 -11.12 -38.82 22.95
N ASN A 467 -10.33 -37.86 23.39
CA ASN A 467 -10.80 -36.73 24.23
C ASN A 467 -11.53 -35.53 23.51
N VAL A 468 -11.61 -35.57 22.18
CA VAL A 468 -12.10 -34.43 21.39
C VAL A 468 -13.38 -34.78 20.61
N GLN A 469 -14.38 -33.90 20.72
CA GLN A 469 -15.56 -33.98 19.85
C GLN A 469 -15.13 -33.60 18.42
N MET A 470 -15.23 -34.52 17.46
CA MET A 470 -14.56 -34.38 16.17
C MET A 470 -15.50 -34.41 14.96
N PRO A 471 -15.10 -33.73 13.85
CA PRO A 471 -15.93 -33.73 12.64
C PRO A 471 -15.74 -34.97 11.80
N SER A 472 -16.55 -35.07 10.75
CA SER A 472 -16.75 -36.29 10.00
C SER A 472 -16.64 -35.88 8.52
N LYS A 473 -16.24 -36.80 7.65
CA LYS A 473 -16.05 -36.43 6.27
C LYS A 473 -16.87 -37.28 5.30
N LYS A 474 -18.01 -36.80 4.81
CA LYS A 474 -18.52 -37.45 3.63
C LYS A 474 -17.56 -37.03 2.49
N LEU A 475 -17.27 -37.99 1.61
CA LEU A 475 -16.67 -37.74 0.29
C LEU A 475 -17.55 -38.54 -0.64
N ASP A 476 -18.01 -37.95 -1.71
CA ASP A 476 -18.97 -38.68 -2.52
C ASP A 476 -19.07 -37.77 -3.70
N PHE A 477 -19.92 -38.11 -4.65
CA PHE A 477 -20.08 -37.32 -5.87
C PHE A 477 -21.54 -37.08 -6.22
N ILE A 478 -21.74 -36.33 -7.30
CA ILE A 478 -23.04 -36.04 -7.85
C ILE A 478 -22.90 -35.82 -9.34
N ILE A 479 -23.98 -36.01 -10.09
CA ILE A 479 -23.91 -36.11 -11.57
C ILE A 479 -24.45 -34.86 -12.27
N LEU A 480 -23.83 -34.43 -13.38
CA LEU A 480 -24.25 -33.22 -14.14
C LEU A 480 -23.81 -33.26 -15.62
N ASN A 481 -24.52 -32.55 -16.52
CA ASN A 481 -24.32 -32.67 -18.00
C ASN A 481 -23.89 -34.18 -18.29
N GLU A 482 -24.39 -35.16 -17.51
CA GLU A 482 -24.03 -36.65 -17.51
C GLU A 482 -22.74 -37.20 -16.74
N THR A 483 -22.17 -36.43 -15.82
CA THR A 483 -20.80 -36.65 -15.34
C THR A 483 -20.66 -36.63 -13.80
N LYS A 484 -19.72 -37.39 -13.25
CA LYS A 484 -19.50 -37.42 -11.79
C LYS A 484 -18.53 -36.32 -11.39
N PHE A 485 -18.81 -35.65 -10.30
CA PHE A 485 -17.97 -34.56 -9.87
C PHE A 485 -17.88 -34.70 -8.37
N TRP A 486 -16.66 -34.69 -7.88
CA TRP A 486 -16.44 -35.07 -6.50
C TRP A 486 -16.54 -33.84 -5.60
N TYR A 487 -17.12 -34.04 -4.43
CA TYR A 487 -17.03 -33.09 -3.33
C TYR A 487 -16.64 -33.81 -2.04
N GLN A 488 -16.25 -32.99 -1.08
CA GLN A 488 -16.13 -33.42 0.29
C GLN A 488 -16.84 -32.41 1.21
N MET A 489 -17.48 -32.94 2.25
CA MET A 489 -18.02 -32.14 3.36
C MET A 489 -17.27 -32.48 4.64
N ILE A 490 -17.08 -31.46 5.45
CA ILE A 490 -16.64 -31.64 6.81
C ILE A 490 -17.92 -31.35 7.60
N LEU A 491 -18.36 -32.35 8.37
CA LEU A 491 -19.61 -32.31 9.14
C LEU A 491 -19.36 -32.21 10.63
N PRO A 492 -20.04 -31.27 11.29
CA PRO A 492 -19.88 -31.19 12.74
C PRO A 492 -20.23 -32.51 13.41
N PRO A 493 -19.86 -32.69 14.67
CA PRO A 493 -20.11 -33.98 15.28
C PRO A 493 -21.58 -34.10 15.59
N HIS A 494 -21.99 -35.24 16.14
CA HIS A 494 -23.39 -35.45 16.47
C HIS A 494 -24.22 -34.75 15.39
N PHE A 495 -23.86 -34.98 14.13
CA PHE A 495 -24.47 -34.22 13.06
C PHE A 495 -25.82 -34.79 12.73
N ASP A 496 -26.84 -33.94 12.77
CA ASP A 496 -28.22 -34.38 12.71
C ASP A 496 -28.91 -33.73 11.52
N LYS A 497 -29.11 -34.57 10.50
CA LYS A 497 -29.83 -34.25 9.26
C LYS A 497 -31.17 -33.52 9.42
N SER A 498 -31.84 -33.69 10.56
CA SER A 498 -32.99 -32.82 10.88
C SER A 498 -32.57 -31.38 10.66
N LYS A 499 -31.58 -30.97 11.44
CA LYS A 499 -31.21 -29.57 11.66
C LYS A 499 -30.60 -28.88 10.41
N LYS A 500 -30.88 -27.57 10.23
CA LYS A 500 -30.35 -26.78 9.07
C LYS A 500 -29.09 -25.96 9.41
N TYR A 501 -27.92 -26.58 9.25
CA TYR A 501 -26.65 -26.03 9.65
C TYR A 501 -26.17 -25.07 8.58
N PRO A 502 -25.28 -24.13 8.94
CA PRO A 502 -24.75 -23.16 7.97
C PRO A 502 -23.62 -23.75 7.15
N LEU A 503 -23.26 -23.11 6.06
CA LEU A 503 -22.37 -23.75 5.09
C LEU A 503 -21.31 -22.82 4.50
N LEU A 504 -20.04 -23.06 4.88
CA LEU A 504 -18.94 -22.37 4.25
C LEU A 504 -18.35 -23.22 3.11
N LEU A 505 -18.21 -22.59 1.96
CA LEU A 505 -17.59 -23.21 0.78
C LEU A 505 -16.07 -22.86 0.64
N ASP A 506 -15.20 -23.83 0.90
CA ASP A 506 -13.77 -23.64 0.74
C ASP A 506 -13.49 -23.94 -0.70
N VAL A 507 -12.98 -22.94 -1.42
CA VAL A 507 -12.77 -22.99 -2.83
C VAL A 507 -11.32 -22.82 -3.18
N TYR A 508 -10.96 -23.45 -4.30
CA TYR A 508 -9.73 -23.13 -5.03
C TYR A 508 -10.07 -23.14 -6.50
N ALA A 509 -10.32 -24.32 -7.05
CA ALA A 509 -10.84 -24.51 -8.39
C ALA A 509 -9.95 -24.08 -9.55
N GLY A 510 -8.65 -23.91 -9.35
CA GLY A 510 -7.78 -23.53 -10.49
C GLY A 510 -7.35 -24.79 -11.16
N PRO A 511 -6.86 -24.70 -12.42
CA PRO A 511 -6.65 -25.83 -13.37
C PRO A 511 -5.93 -26.93 -12.77
N CYS A 512 -6.53 -28.10 -12.76
CA CYS A 512 -5.88 -29.29 -12.22
C CYS A 512 -5.83 -29.32 -10.70
N SER A 513 -6.86 -28.79 -10.05
CA SER A 513 -6.89 -28.81 -8.60
C SER A 513 -7.50 -30.10 -8.17
N GLN A 514 -7.38 -30.41 -6.89
CA GLN A 514 -8.29 -31.32 -6.18
C GLN A 514 -8.57 -30.83 -4.78
N LYS A 515 -9.80 -30.47 -4.45
CA LYS A 515 -10.12 -30.27 -3.06
C LYS A 515 -10.92 -31.41 -2.42
N ALA A 516 -11.26 -32.46 -3.18
CA ALA A 516 -12.10 -33.54 -2.66
C ALA A 516 -11.24 -34.80 -2.60
N ASP A 517 -10.80 -35.18 -1.41
CA ASP A 517 -9.76 -36.24 -1.28
C ASP A 517 -9.86 -37.09 0.00
N THR A 518 -9.04 -38.13 0.08
CA THR A 518 -9.09 -39.12 1.16
C THR A 518 -8.16 -38.77 2.32
N VAL A 519 -7.58 -37.56 2.29
CA VAL A 519 -6.53 -37.16 3.23
C VAL A 519 -7.08 -36.68 4.60
N PHE A 520 -6.26 -36.85 5.62
CA PHE A 520 -6.57 -36.45 6.99
C PHE A 520 -5.82 -35.19 7.34
N ARG A 521 -6.57 -34.16 7.78
CA ARG A 521 -6.04 -32.84 8.05
C ARG A 521 -6.78 -32.32 9.27
N LEU A 522 -6.08 -31.63 10.18
CA LEU A 522 -6.74 -30.76 11.19
C LEU A 522 -6.48 -29.31 10.77
N ASN A 523 -7.51 -28.55 10.45
CA ASN A 523 -7.25 -27.27 9.86
C ASN A 523 -8.28 -26.34 10.36
N TRP A 524 -8.27 -25.13 9.81
CA TRP A 524 -9.34 -24.18 10.11
C TRP A 524 -10.71 -24.81 10.06
N ALA A 525 -10.97 -25.53 8.96
CA ALA A 525 -12.26 -26.10 8.70
C ALA A 525 -12.72 -26.96 9.88
N THR A 526 -11.78 -27.75 10.40
CA THR A 526 -12.05 -28.60 11.56
C THR A 526 -12.58 -27.79 12.76
N TYR A 527 -11.97 -26.65 13.04
CA TYR A 527 -12.47 -25.79 14.11
C TYR A 527 -13.92 -25.27 13.88
N LEU A 528 -14.20 -24.81 12.66
CA LEU A 528 -15.54 -24.31 12.36
C LEU A 528 -16.62 -25.36 12.57
N ALA A 529 -16.42 -26.55 12.10
CA ALA A 529 -17.40 -27.58 12.33
C ALA A 529 -17.37 -27.95 13.83
N SER A 530 -16.23 -28.41 14.33
CA SER A 530 -16.16 -28.87 15.73
C SER A 530 -16.85 -27.83 16.64
N THR A 531 -16.34 -26.60 16.62
CA THR A 531 -16.74 -25.57 17.57
C THR A 531 -17.87 -24.60 17.14
N GLU A 532 -18.08 -24.35 15.83
CA GLU A 532 -19.16 -23.42 15.42
C GLU A 532 -20.37 -24.13 14.75
N ASN A 533 -20.31 -25.45 14.69
CA ASN A 533 -21.20 -26.29 13.89
C ASN A 533 -21.49 -25.78 12.49
N ILE A 534 -20.44 -25.38 11.80
CA ILE A 534 -20.52 -24.99 10.41
C ILE A 534 -20.04 -26.14 9.51
N ILE A 535 -20.86 -26.50 8.54
CA ILE A 535 -20.45 -27.45 7.52
C ILE A 535 -19.43 -26.79 6.58
N VAL A 536 -18.23 -27.36 6.48
CA VAL A 536 -17.26 -26.90 5.48
C VAL A 536 -17.24 -27.87 4.30
N ALA A 537 -17.28 -27.34 3.09
CA ALA A 537 -17.43 -28.12 1.83
C ALA A 537 -16.41 -27.69 0.76
N SER A 538 -15.99 -28.59 -0.11
CA SER A 538 -15.12 -28.24 -1.24
C SER A 538 -15.66 -28.97 -2.45
N PHE A 539 -15.31 -28.55 -3.67
CA PHE A 539 -15.93 -29.17 -4.85
C PHE A 539 -15.09 -29.09 -6.10
N ASP A 540 -14.78 -30.25 -6.71
CA ASP A 540 -13.97 -30.29 -7.94
C ASP A 540 -14.78 -30.61 -9.16
N GLY A 541 -15.30 -29.55 -9.76
CA GLY A 541 -16.08 -29.54 -11.01
C GLY A 541 -15.14 -29.25 -12.16
N ARG A 542 -15.65 -28.67 -13.25
CA ARG A 542 -14.83 -28.61 -14.47
C ARG A 542 -13.55 -27.80 -14.23
N GLY A 543 -12.52 -27.99 -15.06
CA GLY A 543 -11.17 -27.52 -14.72
C GLY A 543 -10.33 -28.52 -13.89
N SER A 544 -10.95 -29.20 -12.94
CA SER A 544 -10.22 -30.00 -11.99
C SER A 544 -9.41 -31.17 -12.55
N GLY A 545 -8.46 -31.61 -11.72
CA GLY A 545 -7.42 -32.54 -12.10
C GLY A 545 -7.72 -34.00 -11.81
N TYR A 546 -6.95 -34.84 -12.53
CA TYR A 546 -6.78 -36.28 -12.33
C TYR A 546 -7.99 -37.08 -12.74
N GLN A 547 -8.76 -36.55 -13.67
CA GLN A 547 -9.99 -37.20 -14.09
C GLN A 547 -10.12 -37.22 -15.57
N GLY A 548 -9.05 -36.88 -16.29
CA GLY A 548 -9.01 -36.92 -17.76
C GLY A 548 -8.98 -35.51 -18.31
N ASP A 549 -8.69 -35.35 -19.61
CA ASP A 549 -8.68 -34.03 -20.29
C ASP A 549 -10.05 -33.47 -20.55
N LYS A 550 -11.01 -34.33 -20.84
CA LYS A 550 -12.36 -33.83 -20.98
C LYS A 550 -12.74 -33.00 -19.78
N ILE A 551 -12.31 -33.38 -18.58
CA ILE A 551 -12.61 -32.53 -17.41
C ILE A 551 -11.54 -31.47 -17.14
N MET A 552 -10.28 -31.71 -17.46
CA MET A 552 -9.27 -30.67 -17.22
C MET A 552 -9.34 -29.54 -18.25
N HIS A 553 -9.56 -29.82 -19.54
CA HIS A 553 -9.49 -28.76 -20.56
C HIS A 553 -10.79 -27.94 -20.82
N ALA A 554 -11.88 -28.19 -20.09
CA ALA A 554 -13.09 -27.41 -20.31
C ALA A 554 -12.86 -25.88 -20.24
N ILE A 555 -11.94 -25.45 -19.39
CA ILE A 555 -11.75 -24.04 -19.10
C ILE A 555 -10.63 -23.42 -19.90
N ASN A 556 -9.99 -24.25 -20.68
CA ASN A 556 -8.96 -23.79 -21.60
C ASN A 556 -9.32 -22.50 -22.32
N ARG A 557 -8.48 -21.47 -22.23
CA ARG A 557 -8.76 -20.15 -22.85
C ARG A 557 -9.97 -19.36 -22.32
N ARG A 558 -10.68 -19.92 -21.34
CA ARG A 558 -11.92 -19.36 -20.80
C ARG A 558 -11.91 -19.47 -19.28
N LEU A 559 -10.81 -19.03 -18.66
CA LEU A 559 -10.72 -18.97 -17.18
C LEU A 559 -11.79 -18.02 -16.63
N GLY A 560 -12.18 -18.22 -15.39
CA GLY A 560 -13.29 -17.46 -14.83
C GLY A 560 -14.58 -17.58 -15.63
N THR A 561 -14.94 -18.82 -16.02
CA THR A 561 -16.25 -19.14 -16.59
C THR A 561 -16.82 -20.42 -15.95
N PHE A 562 -16.38 -21.60 -16.40
CA PHE A 562 -16.95 -22.88 -15.92
C PHE A 562 -16.55 -23.20 -14.50
N GLU A 563 -15.41 -22.74 -14.02
CA GLU A 563 -15.08 -23.11 -12.66
C GLU A 563 -15.92 -22.32 -11.65
N VAL A 564 -16.24 -21.08 -12.00
CA VAL A 564 -17.18 -20.21 -11.27
C VAL A 564 -18.63 -20.77 -11.30
N GLU A 565 -19.22 -20.92 -12.49
CA GLU A 565 -20.58 -21.47 -12.63
C GLU A 565 -20.75 -22.81 -11.87
N ASP A 566 -19.68 -23.62 -11.86
CA ASP A 566 -19.70 -24.94 -11.17
C ASP A 566 -19.66 -24.86 -9.62
N GLN A 567 -18.87 -23.93 -9.10
CA GLN A 567 -18.91 -23.65 -7.68
C GLN A 567 -20.32 -23.17 -7.27
N ILE A 568 -20.98 -22.38 -8.12
CA ILE A 568 -22.31 -21.85 -7.84
C ILE A 568 -23.36 -22.97 -7.86
N GLU A 569 -23.27 -23.82 -8.89
CA GLU A 569 -24.26 -24.87 -9.13
C GLU A 569 -24.11 -26.02 -8.15
N ALA A 570 -22.97 -26.10 -7.47
CA ALA A 570 -22.77 -27.09 -6.39
C ALA A 570 -23.34 -26.61 -5.06
N ALA A 571 -23.21 -25.33 -4.78
CA ALA A 571 -23.91 -24.73 -3.67
C ALA A 571 -25.43 -24.92 -3.78
N ARG A 572 -26.00 -24.74 -4.98
CA ARG A 572 -27.44 -25.06 -5.20
C ARG A 572 -27.77 -26.48 -4.74
N GLN A 573 -27.02 -27.44 -5.25
CA GLN A 573 -27.20 -28.84 -4.94
C GLN A 573 -27.24 -29.07 -3.45
N PHE A 574 -26.29 -28.44 -2.74
CA PHE A 574 -26.15 -28.60 -1.30
C PHE A 574 -27.33 -28.01 -0.55
N SER A 575 -27.90 -26.93 -1.04
CA SER A 575 -29.08 -26.34 -0.39
C SER A 575 -30.26 -27.30 -0.45
N LYS A 576 -30.47 -27.89 -1.62
CA LYS A 576 -31.60 -28.77 -1.88
C LYS A 576 -31.51 -30.10 -1.10
N MET A 577 -30.34 -30.49 -0.66
CA MET A 577 -30.19 -31.67 0.20
C MET A 577 -30.90 -31.44 1.53
N GLY A 578 -31.06 -30.19 1.93
CA GLY A 578 -31.97 -29.87 3.00
C GLY A 578 -31.53 -30.14 4.41
N PHE A 579 -30.26 -30.42 4.65
CA PHE A 579 -29.75 -30.20 6.00
C PHE A 579 -28.90 -28.91 6.09
N VAL A 580 -29.09 -28.06 5.08
CA VAL A 580 -28.35 -26.83 4.90
C VAL A 580 -29.31 -25.64 5.00
N ASP A 581 -28.89 -24.62 5.74
CA ASP A 581 -29.67 -23.40 5.83
C ASP A 581 -29.48 -22.58 4.59
N ASN A 582 -30.45 -22.63 3.68
CA ASN A 582 -30.30 -21.91 2.41
C ASN A 582 -30.31 -20.36 2.51
N LYS A 583 -30.12 -19.83 3.72
CA LYS A 583 -29.79 -18.43 3.90
C LYS A 583 -28.41 -18.25 4.54
N ARG A 584 -27.76 -19.33 4.97
CA ARG A 584 -26.44 -19.13 5.55
C ARG A 584 -25.39 -19.84 4.74
N ILE A 585 -25.24 -19.37 3.52
CA ILE A 585 -24.25 -19.90 2.61
C ILE A 585 -23.17 -18.84 2.32
N ALA A 586 -21.97 -19.13 2.81
CA ALA A 586 -20.81 -18.28 2.59
C ALA A 586 -19.76 -18.97 1.75
N ILE A 587 -18.73 -18.23 1.39
CA ILE A 587 -17.69 -18.72 0.53
C ILE A 587 -16.39 -17.99 0.80
N TRP A 588 -15.29 -18.74 0.75
CA TRP A 588 -13.94 -18.16 0.88
C TRP A 588 -12.88 -18.88 0.06
N GLY A 589 -11.82 -18.12 -0.23
CA GLY A 589 -10.68 -18.63 -0.97
C GLY A 589 -9.46 -17.75 -0.91
N TRP A 590 -8.36 -18.34 -1.34
CA TRP A 590 -7.05 -17.73 -1.31
C TRP A 590 -6.39 -17.93 -2.71
N SER A 591 -5.64 -16.93 -3.17
CA SER A 591 -4.99 -16.96 -4.47
C SER A 591 -6.05 -17.17 -5.47
N TYR A 592 -5.92 -18.27 -6.21
CA TYR A 592 -6.84 -18.47 -7.30
C TYR A 592 -8.24 -18.60 -6.69
N GLY A 593 -8.34 -19.14 -5.49
CA GLY A 593 -9.64 -19.35 -4.89
C GLY A 593 -10.27 -18.04 -4.45
N GLY A 594 -9.40 -17.08 -4.14
CA GLY A 594 -9.86 -15.76 -3.78
C GLY A 594 -10.44 -15.03 -4.97
N TYR A 595 -9.87 -15.24 -6.15
CA TYR A 595 -10.43 -14.73 -7.41
C TYR A 595 -11.84 -15.29 -7.69
N VAL A 596 -11.90 -16.61 -7.76
CA VAL A 596 -13.15 -17.35 -7.90
C VAL A 596 -14.13 -17.06 -6.78
N THR A 597 -13.67 -16.81 -5.56
CA THR A 597 -14.63 -16.34 -4.56
C THR A 597 -15.17 -14.99 -5.06
N SER A 598 -14.28 -14.13 -5.57
CA SER A 598 -14.64 -12.78 -5.99
C SER A 598 -15.54 -12.75 -7.23
N MET A 599 -15.43 -13.74 -8.11
CA MET A 599 -16.25 -13.77 -9.29
C MET A 599 -17.63 -14.29 -8.93
N VAL A 600 -17.70 -15.29 -8.09
CA VAL A 600 -18.96 -15.81 -7.60
C VAL A 600 -19.82 -14.79 -6.81
N LEU A 601 -19.20 -13.91 -6.01
CA LEU A 601 -19.97 -12.87 -5.26
C LEU A 601 -20.33 -11.73 -6.19
N GLY A 602 -19.52 -11.55 -7.22
CA GLY A 602 -19.83 -10.60 -8.28
C GLY A 602 -20.90 -11.10 -9.23
N SER A 603 -21.22 -12.38 -9.22
CA SER A 603 -22.07 -12.98 -10.27
C SER A 603 -23.54 -12.58 -10.24
N GLY A 604 -24.00 -11.91 -9.19
CA GLY A 604 -25.41 -11.70 -9.05
C GLY A 604 -26.20 -12.98 -8.83
N SER A 605 -25.62 -13.95 -8.14
CA SER A 605 -26.17 -15.31 -8.12
C SER A 605 -27.36 -15.49 -7.24
N GLY A 606 -27.54 -14.66 -6.22
CA GLY A 606 -28.56 -14.89 -5.23
C GLY A 606 -28.09 -15.76 -4.07
N VAL A 607 -27.11 -16.60 -4.29
CA VAL A 607 -26.94 -17.75 -3.41
C VAL A 607 -26.12 -17.46 -2.18
N PHE A 608 -25.13 -16.59 -2.28
CA PHE A 608 -24.20 -16.41 -1.18
C PHE A 608 -24.47 -15.11 -0.41
N LYS A 609 -24.25 -15.12 0.88
CA LYS A 609 -24.50 -13.92 1.67
C LYS A 609 -23.18 -13.17 1.96
N CYS A 610 -22.19 -13.92 2.46
CA CYS A 610 -20.90 -13.40 2.92
C CYS A 610 -19.86 -13.89 1.93
N GLY A 611 -18.88 -13.06 1.61
CA GLY A 611 -17.68 -13.56 0.97
C GLY A 611 -16.43 -13.12 1.72
N ILE A 612 -15.36 -13.93 1.67
CA ILE A 612 -14.00 -13.46 2.04
C ILE A 612 -12.98 -13.80 0.98
N ALA A 613 -12.21 -12.81 0.48
CA ALA A 613 -11.21 -13.06 -0.59
C ALA A 613 -9.75 -12.68 -0.21
N VAL A 614 -8.83 -13.65 -0.19
CA VAL A 614 -7.44 -13.40 0.25
C VAL A 614 -6.43 -13.41 -0.90
N ALA A 615 -5.51 -12.47 -0.87
CA ALA A 615 -4.69 -12.15 -2.03
C ALA A 615 -5.25 -12.76 -3.32
N PRO A 616 -6.35 -12.21 -3.80
CA PRO A 616 -6.89 -12.67 -5.05
C PRO A 616 -6.30 -11.98 -6.31
N VAL A 617 -6.28 -12.74 -7.39
CA VAL A 617 -6.14 -12.21 -8.70
C VAL A 617 -7.49 -11.52 -8.95
N SER A 618 -7.45 -10.35 -9.61
CA SER A 618 -8.64 -9.60 -10.06
C SER A 618 -8.70 -9.39 -11.56
N ARG A 619 -7.56 -9.55 -12.22
CA ARG A 619 -7.43 -9.26 -13.64
C ARG A 619 -6.18 -9.98 -14.22
N TRP A 620 -6.38 -10.95 -15.10
CA TRP A 620 -5.25 -11.76 -15.57
C TRP A 620 -4.09 -11.02 -16.21
N GLU A 621 -4.29 -9.90 -16.89
CA GLU A 621 -3.12 -9.11 -17.36
C GLU A 621 -2.16 -8.69 -16.21
N TYR A 622 -2.61 -8.82 -14.95
CA TYR A 622 -1.74 -8.55 -13.78
C TYR A 622 -0.95 -9.76 -13.31
N TYR A 623 -1.45 -10.96 -13.52
CA TYR A 623 -0.60 -12.14 -13.24
C TYR A 623 0.53 -12.36 -14.24
N ASP A 624 1.49 -13.18 -13.86
CA ASP A 624 2.63 -13.42 -14.73
C ASP A 624 2.32 -14.24 -15.99
N SER A 625 3.18 -14.08 -17.00
CA SER A 625 3.08 -14.73 -18.33
C SER A 625 2.96 -16.24 -18.36
N VAL A 626 3.82 -16.90 -17.59
CA VAL A 626 4.01 -18.30 -17.77
C VAL A 626 2.84 -19.11 -17.23
N TYR A 627 2.32 -18.79 -16.06
CA TYR A 627 1.06 -19.38 -15.63
C TYR A 627 -0.13 -18.87 -16.46
N THR A 628 -0.17 -17.59 -16.73
CA THR A 628 -1.39 -17.05 -17.23
C THR A 628 -1.63 -17.48 -18.64
N GLU A 629 -0.60 -17.37 -19.50
CA GLU A 629 -0.76 -17.65 -20.93
C GLU A 629 -0.92 -19.14 -21.23
N ARG A 630 -0.53 -20.01 -20.29
CA ARG A 630 -0.66 -21.45 -20.49
C ARG A 630 -2.13 -21.82 -20.68
N TYR A 631 -2.98 -21.21 -19.87
CA TYR A 631 -4.41 -21.41 -19.92
C TYR A 631 -5.13 -20.31 -20.74
N MET A 632 -4.50 -19.17 -21.03
CA MET A 632 -5.25 -18.04 -21.65
C MET A 632 -4.87 -17.58 -23.05
N GLY A 633 -3.74 -18.03 -23.55
CA GLY A 633 -3.26 -17.43 -24.75
C GLY A 633 -2.80 -16.03 -24.39
N LEU A 634 -2.61 -15.22 -25.41
CA LEU A 634 -1.88 -13.97 -25.28
C LEU A 634 -2.91 -12.88 -25.37
N PRO A 635 -2.73 -11.78 -24.66
CA PRO A 635 -3.81 -10.83 -24.56
C PRO A 635 -3.74 -9.75 -25.63
N THR A 636 -3.89 -10.18 -26.88
CA THR A 636 -3.90 -9.29 -28.05
C THR A 636 -5.24 -9.48 -28.77
N PRO A 637 -5.61 -8.55 -29.67
CA PRO A 637 -6.84 -8.78 -30.46
C PRO A 637 -6.74 -10.03 -31.27
N GLU A 638 -5.55 -10.20 -31.83
CA GLU A 638 -5.15 -11.31 -32.68
C GLU A 638 -5.32 -12.67 -31.98
N ASP A 639 -5.48 -12.68 -30.65
CA ASP A 639 -5.64 -13.91 -29.89
C ASP A 639 -6.82 -13.86 -28.91
N ASN A 640 -6.64 -13.42 -27.66
CA ASN A 640 -7.63 -13.69 -26.64
C ASN A 640 -7.90 -12.56 -25.67
N LEU A 641 -7.49 -11.34 -26.02
CA LEU A 641 -7.74 -10.14 -25.22
C LEU A 641 -9.14 -10.01 -24.69
N ASP A 642 -10.11 -10.36 -25.53
CA ASP A 642 -11.53 -10.17 -25.19
C ASP A 642 -11.89 -10.98 -23.98
N HIS A 643 -11.55 -12.25 -23.92
CA HIS A 643 -11.86 -12.95 -22.71
C HIS A 643 -11.09 -12.38 -21.56
N TYR A 644 -9.87 -11.93 -21.82
CA TYR A 644 -9.10 -11.21 -20.80
C TYR A 644 -9.89 -10.13 -20.04
N ARG A 645 -10.75 -9.44 -20.78
CA ARG A 645 -11.47 -8.31 -20.25
C ARG A 645 -12.84 -8.64 -19.74
N ASN A 646 -13.58 -9.54 -20.38
CA ASN A 646 -14.82 -9.93 -19.76
C ASN A 646 -14.48 -10.62 -18.39
N SER A 647 -13.29 -11.19 -18.24
CA SER A 647 -13.05 -12.07 -17.07
C SER A 647 -12.53 -11.34 -15.82
N THR A 648 -12.66 -10.02 -15.75
CA THR A 648 -12.12 -9.28 -14.62
C THR A 648 -13.13 -9.06 -13.48
N VAL A 649 -12.69 -9.16 -12.23
CA VAL A 649 -13.54 -8.86 -11.08
C VAL A 649 -14.06 -7.45 -11.16
N MET A 650 -13.24 -6.52 -11.61
CA MET A 650 -13.64 -5.11 -11.66
C MET A 650 -15.00 -4.91 -12.37
N SER A 651 -15.15 -5.46 -13.57
CA SER A 651 -16.43 -5.38 -14.30
C SER A 651 -17.70 -5.83 -13.55
N ARG A 652 -17.57 -6.41 -12.34
CA ARG A 652 -18.73 -6.91 -11.57
C ARG A 652 -19.04 -6.18 -10.31
N ALA A 653 -18.38 -5.05 -10.10
CA ALA A 653 -18.45 -4.30 -8.85
C ALA A 653 -19.86 -4.01 -8.39
N GLU A 654 -20.77 -3.69 -9.31
CA GLU A 654 -22.08 -3.28 -8.84
C GLU A 654 -22.86 -4.38 -8.10
N ASN A 655 -22.67 -5.64 -8.46
CA ASN A 655 -23.43 -6.75 -7.84
C ASN A 655 -23.04 -7.09 -6.40
N PHE A 656 -21.92 -6.53 -5.91
CA PHE A 656 -21.51 -6.77 -4.54
C PHE A 656 -22.46 -6.02 -3.60
N LYS A 657 -23.15 -5.00 -4.14
CA LYS A 657 -24.31 -4.42 -3.45
C LYS A 657 -25.16 -5.50 -2.81
N GLN A 658 -25.28 -6.66 -3.45
CA GLN A 658 -26.17 -7.73 -2.96
C GLN A 658 -25.60 -8.57 -1.83
N VAL A 659 -24.31 -8.40 -1.47
CA VAL A 659 -23.56 -9.29 -0.54
C VAL A 659 -22.68 -8.56 0.47
N GLU A 660 -22.28 -9.24 1.53
CA GLU A 660 -21.31 -8.69 2.49
C GLU A 660 -19.92 -9.24 2.15
N TYR A 661 -18.99 -8.35 1.76
CA TYR A 661 -17.62 -8.75 1.27
C TYR A 661 -16.44 -8.35 2.15
N LEU A 662 -15.44 -9.22 2.27
CA LEU A 662 -14.17 -8.93 3.00
C LEU A 662 -12.92 -9.19 2.13
N LEU A 663 -12.00 -8.25 2.08
CA LEU A 663 -10.88 -8.29 1.12
C LEU A 663 -9.60 -8.04 1.86
N ILE A 664 -8.66 -8.98 1.76
CA ILE A 664 -7.44 -8.96 2.53
C ILE A 664 -6.30 -9.16 1.58
N HIS A 665 -5.16 -8.52 1.84
CA HIS A 665 -3.96 -8.63 1.00
C HIS A 665 -2.67 -8.24 1.75
N GLY A 666 -1.56 -8.90 1.43
CA GLY A 666 -0.26 -8.46 1.90
C GLY A 666 0.24 -7.27 1.10
N THR A 667 0.85 -6.31 1.77
CA THR A 667 1.43 -5.18 1.04
C THR A 667 2.65 -5.55 0.20
N ALA A 668 3.37 -6.62 0.61
CA ALA A 668 4.59 -7.07 -0.07
C ALA A 668 4.42 -8.50 -0.62
N ASP A 669 3.41 -8.64 -1.48
CA ASP A 669 3.12 -9.88 -2.16
C ASP A 669 3.75 -9.88 -3.55
N ASP A 670 4.86 -10.61 -3.72
CA ASP A 670 5.67 -10.62 -4.99
C ASP A 670 4.93 -11.31 -6.11
N ASN A 671 4.07 -12.20 -5.68
CA ASN A 671 3.41 -13.12 -6.56
C ASN A 671 2.17 -12.51 -7.23
N VAL A 672 1.14 -12.27 -6.42
CA VAL A 672 -0.05 -11.52 -6.77
C VAL A 672 0.07 -10.17 -6.08
N HIS A 673 0.48 -9.17 -6.86
CA HIS A 673 0.71 -7.85 -6.36
C HIS A 673 -0.52 -7.23 -5.69
N PHE A 674 -0.27 -6.41 -4.67
CA PHE A 674 -1.32 -5.73 -3.91
C PHE A 674 -2.21 -4.91 -4.86
N GLN A 675 -1.56 -4.27 -5.84
CA GLN A 675 -2.14 -3.80 -7.12
C GLN A 675 -3.48 -4.44 -7.43
N GLN A 676 -3.48 -5.76 -7.41
CA GLN A 676 -4.66 -6.52 -7.80
C GLN A 676 -5.85 -6.20 -6.94
N SER A 677 -5.69 -6.15 -5.61
CA SER A 677 -6.82 -5.82 -4.73
C SER A 677 -7.04 -4.31 -4.68
N ALA A 678 -5.98 -3.55 -4.95
CA ALA A 678 -6.10 -2.09 -5.00
C ALA A 678 -7.12 -1.77 -6.00
N GLN A 679 -7.05 -2.45 -7.13
CA GLN A 679 -7.95 -2.17 -8.25
C GLN A 679 -9.41 -2.60 -8.02
N ILE A 680 -9.58 -3.58 -7.15
CA ILE A 680 -10.88 -4.00 -6.77
C ILE A 680 -11.50 -2.93 -5.86
N SER A 681 -10.77 -2.53 -4.81
CA SER A 681 -11.39 -1.69 -3.75
C SER A 681 -11.83 -0.39 -4.39
N LYS A 682 -10.96 0.12 -5.26
CA LYS A 682 -11.25 1.26 -6.10
C LYS A 682 -12.49 1.18 -6.96
N ALA A 683 -12.81 0.02 -7.54
CA ALA A 683 -14.01 -0.05 -8.39
C ALA A 683 -15.27 -0.08 -7.56
N LEU A 684 -15.23 -0.82 -6.45
CA LEU A 684 -16.34 -0.83 -5.45
C LEU A 684 -16.64 0.55 -4.76
N VAL A 685 -15.59 1.36 -4.59
CA VAL A 685 -15.70 2.70 -4.03
C VAL A 685 -16.31 3.59 -5.09
N ASP A 686 -15.93 3.37 -6.33
CA ASP A 686 -16.42 4.28 -7.36
C ASP A 686 -17.85 3.96 -7.85
N VAL A 687 -18.47 2.89 -7.39
CA VAL A 687 -19.88 2.66 -7.64
C VAL A 687 -20.63 2.56 -6.31
N GLY A 688 -20.00 3.04 -5.26
CA GLY A 688 -20.61 3.14 -3.93
C GLY A 688 -21.20 1.88 -3.33
N VAL A 689 -20.36 0.88 -3.03
CA VAL A 689 -20.74 -0.37 -2.33
C VAL A 689 -19.96 -0.38 -1.04
N ASP A 690 -20.59 -0.61 0.12
CA ASP A 690 -19.74 -0.74 1.33
C ASP A 690 -19.16 -2.14 1.42
N PHE A 691 -17.97 -2.24 2.00
CA PHE A 691 -17.25 -3.50 2.19
C PHE A 691 -16.09 -3.28 3.12
N GLN A 692 -15.49 -4.38 3.57
CA GLN A 692 -14.44 -4.39 4.60
C GLN A 692 -13.14 -4.81 3.92
N ALA A 693 -12.00 -4.45 4.50
CA ALA A 693 -10.69 -4.81 3.92
C ALA A 693 -9.63 -4.75 4.97
N MET A 694 -8.72 -5.68 4.98
CA MET A 694 -7.59 -5.52 5.84
C MET A 694 -6.40 -5.57 4.92
N TRP A 695 -5.45 -4.63 5.04
CA TRP A 695 -4.14 -4.82 4.47
C TRP A 695 -3.33 -5.54 5.50
N TYR A 696 -2.28 -6.25 5.09
CA TYR A 696 -1.26 -6.80 6.03
C TYR A 696 0.18 -6.35 5.70
N THR A 697 0.64 -5.37 6.47
CA THR A 697 1.91 -4.70 6.20
C THR A 697 3.05 -5.72 6.11
N ASP A 698 3.67 -5.73 4.95
CA ASP A 698 4.94 -6.42 4.72
C ASP A 698 4.88 -7.90 4.63
N GLU A 699 3.69 -8.51 4.55
CA GLU A 699 3.59 -9.96 4.31
C GLU A 699 3.53 -10.20 2.85
N ASP A 700 3.85 -11.45 2.49
CA ASP A 700 3.74 -11.87 1.12
C ASP A 700 2.44 -12.64 0.89
N HIS A 701 2.47 -13.50 -0.12
CA HIS A 701 1.31 -14.16 -0.63
C HIS A 701 0.88 -15.25 0.28
N GLY A 702 1.78 -15.64 1.15
CA GLY A 702 1.46 -16.73 2.06
C GLY A 702 0.85 -16.30 3.36
N ILE A 703 1.11 -15.05 3.74
CA ILE A 703 0.76 -14.49 5.02
C ILE A 703 1.01 -15.44 6.19
N ALA A 704 2.24 -15.96 6.26
CA ALA A 704 2.51 -17.14 7.07
C ALA A 704 3.40 -16.87 8.26
N SER A 705 3.82 -15.61 8.44
CA SER A 705 4.54 -15.21 9.65
C SER A 705 3.55 -15.52 10.72
N SER A 706 4.05 -16.02 11.84
CA SER A 706 3.21 -16.61 12.83
C SER A 706 2.08 -15.67 13.29
N THR A 707 2.43 -14.43 13.64
CA THR A 707 1.47 -13.49 14.18
C THR A 707 0.42 -13.01 13.16
N ALA A 708 0.82 -12.78 11.91
CA ALA A 708 -0.14 -12.42 10.86
C ALA A 708 -1.13 -13.54 10.70
N HIS A 709 -0.57 -14.72 10.94
CA HIS A 709 -1.27 -15.96 10.80
C HIS A 709 -2.28 -16.18 11.90
N GLN A 710 -2.03 -15.63 13.07
CA GLN A 710 -3.02 -15.76 14.10
C GLN A 710 -4.12 -14.69 13.94
N HIS A 711 -3.75 -13.57 13.31
CA HIS A 711 -4.61 -12.37 13.15
C HIS A 711 -5.70 -12.57 12.09
N ILE A 712 -5.23 -12.88 10.89
CA ILE A 712 -6.07 -13.18 9.78
C ILE A 712 -7.12 -14.23 10.11
N TYR A 713 -6.70 -15.31 10.77
CA TYR A 713 -7.58 -16.46 10.94
C TYR A 713 -8.59 -16.18 12.05
N THR A 714 -8.17 -15.35 13.00
CA THR A 714 -9.11 -14.76 13.93
C THR A 714 -10.11 -13.81 13.26
N HIS A 715 -9.58 -12.84 12.50
CA HIS A 715 -10.38 -11.79 11.82
C HIS A 715 -11.42 -12.34 10.89
N MET A 716 -11.03 -13.32 10.10
CA MET A 716 -11.95 -14.10 9.29
C MET A 716 -12.94 -14.92 10.15
N SER A 717 -12.48 -15.44 11.28
CA SER A 717 -13.36 -16.13 12.22
C SER A 717 -14.48 -15.20 12.70
N HIS A 718 -14.11 -13.98 13.10
CA HIS A 718 -15.07 -12.99 13.57
C HIS A 718 -16.13 -12.67 12.49
N PHE A 719 -15.69 -12.49 11.24
CA PHE A 719 -16.56 -12.18 10.07
C PHE A 719 -17.60 -13.24 9.76
N ILE A 720 -17.17 -14.50 9.73
CA ILE A 720 -18.10 -15.61 9.56
C ILE A 720 -19.06 -15.70 10.73
N LYS A 721 -18.56 -15.82 11.96
CA LYS A 721 -19.45 -15.81 13.14
C LYS A 721 -20.50 -14.71 13.13
N GLN A 722 -20.06 -13.53 12.71
CA GLN A 722 -20.84 -12.30 12.62
C GLN A 722 -21.98 -12.42 11.59
N CYS A 723 -21.66 -12.79 10.36
CA CYS A 723 -22.67 -12.91 9.33
C CYS A 723 -23.60 -14.11 9.59
N PHE A 724 -23.05 -15.25 9.96
CA PHE A 724 -23.93 -16.38 10.31
C PHE A 724 -24.81 -16.19 11.59
N SER A 725 -24.59 -15.10 12.36
CA SER A 725 -25.24 -14.79 13.68
C SER A 725 -24.79 -15.62 14.92
N LEU A 726 -23.64 -16.30 14.84
CA LEU A 726 -23.23 -17.23 15.93
C LEU A 726 -22.70 -16.46 17.18
N PRO A 727 -23.18 -16.81 18.42
CA PRO A 727 -22.93 -15.93 19.59
C PRO A 727 -21.81 -16.39 20.51
N ARG B 1 -41.94 14.45 11.57
CA ARG B 1 -40.89 15.41 11.09
C ARG B 1 -39.61 14.66 10.66
N LYS B 2 -38.81 15.41 9.92
CA LYS B 2 -37.63 14.94 9.22
C LYS B 2 -36.46 15.66 9.84
N THR B 3 -35.28 15.09 9.64
CA THR B 3 -34.06 15.43 10.36
C THR B 3 -32.98 15.59 9.34
N TYR B 4 -31.82 16.11 9.73
CA TYR B 4 -30.64 16.23 8.83
C TYR B 4 -29.85 14.93 8.61
N THR B 5 -29.83 14.43 7.38
CA THR B 5 -29.35 13.06 7.08
C THR B 5 -27.95 12.89 6.43
N LEU B 6 -27.39 11.71 6.59
CA LEU B 6 -26.11 11.44 5.99
C LEU B 6 -26.21 11.84 4.53
N THR B 7 -27.30 11.46 3.85
CA THR B 7 -27.49 11.82 2.44
C THR B 7 -27.61 13.33 2.17
N ASP B 8 -28.41 14.07 2.93
CA ASP B 8 -28.37 15.57 2.79
C ASP B 8 -26.97 16.13 2.84
N TYR B 9 -26.16 15.60 3.77
CA TYR B 9 -24.78 16.02 3.95
C TYR B 9 -23.87 15.64 2.80
N LEU B 10 -24.01 14.42 2.29
CA LEU B 10 -23.09 13.92 1.25
C LEU B 10 -23.47 14.41 -0.09
N LYS B 11 -24.76 14.48 -0.32
CA LYS B 11 -25.30 15.00 -1.55
C LYS B 11 -25.64 16.48 -1.42
N ASN B 12 -25.28 17.09 -0.31
CA ASN B 12 -25.09 18.52 -0.30
C ASN B 12 -26.37 19.28 -0.68
N THR B 13 -27.47 18.84 -0.08
CA THR B 13 -28.81 19.37 -0.30
C THR B 13 -28.84 20.84 0.08
N TYR B 14 -28.81 21.14 1.38
CA TYR B 14 -29.04 22.51 1.89
C TYR B 14 -27.76 23.38 1.78
N ARG B 15 -27.64 24.11 0.67
CA ARG B 15 -26.45 24.91 0.34
C ARG B 15 -26.49 26.28 1.01
N LEU B 16 -25.33 26.74 1.47
CA LEU B 16 -25.18 28.13 1.82
C LEU B 16 -25.23 28.98 0.56
N LYS B 17 -25.07 30.28 0.75
CA LYS B 17 -24.73 31.18 -0.31
C LYS B 17 -23.63 32.08 0.24
N LEU B 18 -22.56 32.28 -0.53
CA LEU B 18 -21.56 33.30 -0.18
C LEU B 18 -21.68 34.38 -1.21
N TYR B 19 -21.15 35.54 -0.88
CA TYR B 19 -21.07 36.66 -1.81
C TYR B 19 -19.62 37.02 -1.87
N SER B 20 -18.93 36.38 -2.81
CA SER B 20 -17.57 36.75 -3.06
C SER B 20 -17.57 37.91 -4.07
N LEU B 21 -16.48 38.67 -4.06
CA LEU B 21 -16.29 39.73 -5.01
C LEU B 21 -14.80 39.93 -5.24
N ARG B 22 -14.46 40.80 -6.18
CA ARG B 22 -13.09 41.27 -6.34
C ARG B 22 -13.09 42.80 -6.45
N TRP B 23 -12.74 43.47 -5.37
CA TRP B 23 -12.43 44.87 -5.42
C TRP B 23 -11.43 45.06 -6.53
N ILE B 24 -11.71 45.97 -7.47
CA ILE B 24 -10.81 46.22 -8.61
C ILE B 24 -10.58 47.73 -8.84
N SER B 25 -10.62 48.50 -7.74
CA SER B 25 -10.60 49.96 -7.77
C SER B 25 -10.88 50.35 -6.34
N ASP B 26 -10.79 51.63 -6.01
CA ASP B 26 -11.16 52.03 -4.67
C ASP B 26 -12.66 51.99 -4.40
N HIS B 27 -13.46 51.91 -5.45
CA HIS B 27 -14.90 51.93 -5.25
C HIS B 27 -15.72 51.17 -6.30
N GLU B 28 -15.11 50.18 -6.97
CA GLU B 28 -15.86 49.24 -7.81
C GLU B 28 -15.34 47.83 -7.58
N TYR B 29 -16.19 46.84 -7.84
CA TYR B 29 -15.85 45.40 -7.70
C TYR B 29 -16.60 44.46 -8.67
N LEU B 30 -16.02 43.31 -8.99
CA LEU B 30 -16.70 42.34 -9.85
C LEU B 30 -17.64 41.44 -9.04
N TYR B 31 -18.34 40.54 -9.73
CA TYR B 31 -18.97 39.36 -9.11
C TYR B 31 -19.91 38.75 -10.13
N LYS B 32 -19.98 37.42 -10.14
CA LYS B 32 -21.01 36.72 -10.94
C LYS B 32 -22.41 37.05 -10.43
N GLN B 33 -23.38 36.97 -11.34
CA GLN B 33 -24.75 36.62 -10.98
C GLN B 33 -24.75 35.12 -11.22
N GLU B 34 -25.51 34.61 -12.18
CA GLU B 34 -25.17 33.32 -12.82
C GLU B 34 -24.32 33.57 -14.06
N ASN B 35 -23.27 32.75 -14.19
CA ASN B 35 -22.38 32.75 -15.35
C ASN B 35 -21.91 34.13 -15.84
N ASN B 36 -22.23 35.20 -15.10
CA ASN B 36 -22.13 36.53 -15.66
C ASN B 36 -21.46 37.57 -14.77
N ILE B 37 -20.37 38.11 -15.29
CA ILE B 37 -19.56 39.08 -14.58
C ILE B 37 -20.06 40.52 -14.72
N LEU B 38 -20.62 41.00 -13.60
CA LEU B 38 -20.92 42.41 -13.35
C LEU B 38 -19.76 43.05 -12.64
N VAL B 39 -19.63 44.36 -12.80
CA VAL B 39 -18.90 45.22 -11.87
C VAL B 39 -19.95 46.00 -11.11
N PHE B 40 -19.81 46.24 -9.81
CA PHE B 40 -20.78 47.08 -9.05
C PHE B 40 -20.10 48.30 -8.41
N ASN B 41 -20.63 49.46 -8.74
CA ASN B 41 -20.26 50.67 -8.05
C ASN B 41 -20.68 50.52 -6.58
N ALA B 42 -19.97 51.21 -5.72
CA ALA B 42 -20.12 51.07 -4.28
C ALA B 42 -20.93 52.22 -3.69
N GLU B 43 -20.61 53.41 -4.15
CA GLU B 43 -21.30 54.57 -3.72
C GLU B 43 -22.78 54.27 -3.81
N TYR B 44 -23.22 53.92 -5.01
CA TYR B 44 -24.61 53.62 -5.28
C TYR B 44 -24.90 52.31 -5.97
N GLY B 45 -25.05 52.32 -7.28
CA GLY B 45 -25.40 51.10 -8.01
C GLY B 45 -24.79 50.70 -9.33
N ASN B 46 -24.35 51.63 -10.16
CA ASN B 46 -23.72 51.27 -11.47
C ASN B 46 -23.19 49.83 -11.61
N SER B 47 -23.70 49.08 -12.54
CA SER B 47 -23.27 47.72 -12.60
C SER B 47 -22.31 47.43 -13.74
N SER B 48 -22.36 48.26 -14.79
CA SER B 48 -21.49 48.14 -15.99
C SER B 48 -21.35 46.84 -16.85
N VAL B 49 -21.52 45.66 -16.26
CA VAL B 49 -21.34 44.36 -16.91
C VAL B 49 -20.00 44.13 -17.60
N PHE B 50 -18.98 43.84 -16.81
CA PHE B 50 -17.65 43.63 -17.33
C PHE B 50 -17.52 42.55 -18.41
N LEU B 51 -18.21 41.44 -18.26
CA LEU B 51 -18.15 40.39 -19.25
C LEU B 51 -19.50 39.67 -19.27
N GLU B 52 -19.75 38.79 -20.26
CA GLU B 52 -21.08 38.17 -20.47
C GLU B 52 -21.19 36.69 -20.10
N ASN B 53 -22.40 36.23 -19.71
CA ASN B 53 -22.63 34.77 -19.58
C ASN B 53 -22.65 33.99 -20.91
N SER B 54 -22.46 34.66 -22.06
CA SER B 54 -21.95 34.02 -23.29
C SER B 54 -20.49 34.46 -23.51
N THR B 55 -20.24 35.27 -24.53
CA THR B 55 -18.89 35.64 -24.97
C THR B 55 -18.01 34.43 -25.30
N PHE B 56 -17.96 33.45 -24.39
CA PHE B 56 -16.91 32.43 -24.43
C PHE B 56 -17.32 31.02 -24.83
N ASP B 57 -18.47 30.93 -25.50
CA ASP B 57 -18.92 29.70 -26.15
C ASP B 57 -18.10 29.45 -27.40
N GLU B 58 -17.71 30.56 -28.05
CA GLU B 58 -16.57 30.65 -29.03
C GLU B 58 -15.36 29.73 -28.77
N PHE B 59 -15.09 29.48 -27.48
CA PHE B 59 -13.74 29.13 -26.99
C PHE B 59 -13.24 27.71 -27.27
N GLY B 60 -14.14 26.74 -27.30
CA GLY B 60 -13.76 25.33 -27.46
C GLY B 60 -13.45 24.72 -26.10
N HIS B 61 -12.32 25.13 -25.51
CA HIS B 61 -11.83 24.54 -24.25
C HIS B 61 -12.68 24.88 -23.01
N SER B 62 -12.45 24.11 -21.92
CA SER B 62 -13.30 24.11 -20.72
C SER B 62 -12.85 25.10 -19.62
N ILE B 63 -13.11 26.38 -19.86
CA ILE B 63 -12.54 27.48 -19.07
C ILE B 63 -12.77 27.29 -17.58
N ASN B 64 -11.90 27.95 -16.81
CA ASN B 64 -11.67 27.61 -15.42
C ASN B 64 -11.69 28.82 -14.48
N ASP B 65 -10.74 29.74 -14.63
CA ASP B 65 -10.71 30.93 -13.78
C ASP B 65 -10.00 32.08 -14.53
N TYR B 66 -10.43 33.27 -14.19
CA TYR B 66 -10.10 34.44 -14.93
C TYR B 66 -9.20 35.35 -14.09
N SER B 67 -8.28 36.07 -14.75
CA SER B 67 -7.62 37.28 -14.16
C SER B 67 -7.59 38.53 -15.02
N ILE B 68 -7.64 39.70 -14.38
CA ILE B 68 -7.76 40.99 -15.07
C ILE B 68 -6.51 41.80 -14.87
N SER B 69 -6.19 42.61 -15.87
CA SER B 69 -5.05 43.48 -15.75
C SER B 69 -5.42 44.72 -14.95
N PRO B 70 -4.60 45.09 -13.95
CA PRO B 70 -4.70 46.36 -13.26
C PRO B 70 -5.24 47.52 -14.05
N ASP B 71 -4.57 47.97 -15.11
CA ASP B 71 -5.13 49.04 -15.94
C ASP B 71 -6.45 48.64 -16.63
N GLY B 72 -6.90 47.41 -16.40
CA GLY B 72 -8.26 47.02 -16.69
C GLY B 72 -8.39 46.55 -18.11
N GLN B 73 -7.26 46.47 -18.80
CA GLN B 73 -7.25 46.30 -20.26
C GLN B 73 -7.21 44.83 -20.73
N PHE B 74 -6.63 43.92 -19.96
CA PHE B 74 -6.48 42.54 -20.41
C PHE B 74 -7.06 41.52 -19.42
N ILE B 75 -7.22 40.30 -19.92
CA ILE B 75 -7.80 39.24 -19.12
C ILE B 75 -7.23 37.86 -19.43
N LEU B 76 -6.78 37.20 -18.36
CA LEU B 76 -5.99 36.00 -18.40
C LEU B 76 -6.84 34.80 -18.06
N LEU B 77 -6.67 33.72 -18.84
CA LEU B 77 -7.63 32.63 -18.86
C LEU B 77 -6.99 31.27 -18.72
N GLU B 78 -7.49 30.53 -17.73
CA GLU B 78 -6.91 29.32 -17.24
C GLU B 78 -7.69 28.14 -17.79
N TYR B 79 -7.00 27.09 -18.20
CA TYR B 79 -7.66 25.82 -18.60
C TYR B 79 -6.62 24.68 -18.63
N ASN B 80 -7.08 23.45 -18.84
CA ASN B 80 -6.27 22.25 -18.54
C ASN B 80 -5.62 22.30 -17.17
N TYR B 81 -6.40 22.74 -16.19
CA TYR B 81 -5.92 22.78 -14.83
C TYR B 81 -5.73 21.34 -14.44
N VAL B 82 -4.56 21.06 -13.92
CA VAL B 82 -4.17 19.72 -13.66
C VAL B 82 -3.51 19.66 -12.30
N LYS B 83 -4.28 19.11 -11.36
CA LYS B 83 -4.07 19.28 -9.92
C LYS B 83 -2.84 18.57 -9.42
N GLN B 84 -2.07 19.21 -8.54
CA GLN B 84 -0.86 18.60 -7.96
C GLN B 84 -0.86 18.51 -6.44
N TRP B 85 -0.06 19.31 -5.72
CA TRP B 85 -0.03 19.19 -4.24
C TRP B 85 -1.22 19.90 -3.64
N ARG B 86 -1.02 20.85 -2.72
CA ARG B 86 -2.16 21.53 -2.11
C ARG B 86 -2.43 22.91 -2.67
N HIS B 87 -1.44 23.51 -3.30
CA HIS B 87 -1.61 24.84 -3.90
C HIS B 87 -1.01 24.77 -5.32
N SER B 88 0.07 24.01 -5.48
CA SER B 88 0.66 23.75 -6.77
C SER B 88 -0.33 23.15 -7.82
N TYR B 89 -0.40 23.74 -9.03
CA TYR B 89 -1.02 23.11 -10.21
C TYR B 89 -0.35 23.54 -11.51
N THR B 90 -0.75 22.90 -12.59
CA THR B 90 -0.35 23.29 -13.95
C THR B 90 -1.58 23.71 -14.74
N ALA B 91 -1.40 24.51 -15.79
CA ALA B 91 -2.53 24.92 -16.63
C ALA B 91 -2.04 25.53 -17.93
N SER B 92 -3.00 25.90 -18.78
CA SER B 92 -2.76 26.57 -20.05
C SER B 92 -3.39 27.93 -19.98
N TYR B 93 -2.94 28.84 -20.84
CA TYR B 93 -3.28 30.28 -20.71
C TYR B 93 -3.40 31.10 -22.03
N ASP B 94 -4.63 31.41 -22.41
CA ASP B 94 -4.92 32.33 -23.52
C ASP B 94 -5.20 33.73 -23.02
N ILE B 95 -4.75 34.72 -23.78
CA ILE B 95 -5.02 36.13 -23.43
C ILE B 95 -6.02 36.81 -24.38
N TYR B 96 -7.14 37.25 -23.81
CA TYR B 96 -8.18 38.01 -24.52
C TYR B 96 -7.91 39.49 -24.27
N ASP B 97 -8.13 40.30 -25.31
CA ASP B 97 -8.07 41.75 -25.19
C ASP B 97 -9.48 42.30 -25.04
N LEU B 98 -9.63 43.24 -24.10
CA LEU B 98 -10.94 43.76 -23.71
C LEU B 98 -11.33 44.99 -24.51
N ASN B 99 -10.36 45.82 -24.88
CA ASN B 99 -10.60 46.95 -25.77
C ASN B 99 -10.96 46.50 -27.20
N LYS B 100 -10.21 45.55 -27.74
CA LYS B 100 -10.53 44.94 -29.06
C LYS B 100 -11.69 43.93 -28.98
N ARG B 101 -11.58 42.96 -28.08
CA ARG B 101 -12.28 41.67 -28.19
C ARG B 101 -11.57 40.76 -29.22
N GLN B 102 -10.24 40.86 -29.17
CA GLN B 102 -9.30 40.01 -29.90
C GLN B 102 -8.71 39.02 -28.89
N LEU B 103 -7.73 38.23 -29.32
CA LEU B 103 -7.22 37.07 -28.60
C LEU B 103 -5.78 36.87 -29.03
N ILE B 104 -4.84 37.05 -28.11
CA ILE B 104 -3.43 37.02 -28.48
C ILE B 104 -3.04 35.61 -28.92
N THR B 105 -2.52 35.55 -30.15
CA THR B 105 -1.99 34.35 -30.84
C THR B 105 -0.47 34.40 -30.92
N GLU B 106 0.09 35.12 -31.87
CA GLU B 106 1.53 35.35 -31.90
C GLU B 106 2.10 35.49 -30.47
N GLU B 107 3.06 34.64 -30.11
CA GLU B 107 3.67 34.62 -28.78
C GLU B 107 2.64 34.52 -27.65
N ARG B 108 2.27 33.28 -27.30
CA ARG B 108 1.48 33.01 -26.08
C ARG B 108 2.31 32.30 -24.99
N ILE B 109 1.61 31.94 -23.93
CA ILE B 109 2.15 31.33 -22.73
C ILE B 109 1.93 29.82 -22.83
N PRO B 110 3.01 29.01 -22.75
CA PRO B 110 2.94 27.59 -23.15
C PRO B 110 2.11 26.73 -22.20
N ASN B 111 1.71 25.54 -22.65
CA ASN B 111 0.96 24.59 -21.80
C ASN B 111 1.86 24.20 -20.61
N ASN B 112 1.31 23.48 -19.63
CA ASN B 112 2.12 22.99 -18.49
C ASN B 112 2.84 24.11 -17.74
N THR B 113 2.15 25.25 -17.66
CA THR B 113 2.70 26.45 -17.04
C THR B 113 2.28 26.34 -15.59
N GLN B 114 3.18 26.82 -14.76
CA GLN B 114 3.19 26.49 -13.37
C GLN B 114 2.60 27.61 -12.58
N TRP B 115 3.00 28.83 -12.87
CA TRP B 115 2.46 30.00 -12.20
C TRP B 115 2.52 31.20 -13.11
N VAL B 116 1.60 32.14 -12.96
CA VAL B 116 1.59 33.33 -13.79
C VAL B 116 0.83 34.48 -13.12
N THR B 117 1.42 35.67 -13.15
CA THR B 117 0.78 36.86 -12.54
C THR B 117 1.07 38.27 -13.10
N TRP B 118 0.04 39.09 -13.18
CA TRP B 118 0.17 40.45 -13.65
C TRP B 118 1.07 41.16 -12.68
N SER B 119 1.77 42.17 -13.15
CA SER B 119 2.35 43.14 -12.25
C SER B 119 1.17 43.84 -11.62
N PRO B 120 1.42 44.75 -10.66
CA PRO B 120 0.31 45.51 -10.06
C PRO B 120 -0.14 46.79 -10.82
N VAL B 121 0.67 47.31 -11.75
CA VAL B 121 0.22 48.49 -12.49
C VAL B 121 0.45 48.33 -13.97
N GLY B 122 -0.63 48.34 -14.73
CA GLY B 122 -0.52 48.14 -16.17
C GLY B 122 -0.67 46.69 -16.56
N HIS B 123 0.01 46.29 -17.63
CA HIS B 123 -0.23 45.00 -18.30
C HIS B 123 1.01 44.07 -18.41
N LYS B 124 1.92 44.16 -17.42
CA LYS B 124 3.16 43.35 -17.36
C LYS B 124 2.91 41.95 -16.80
N LEU B 125 3.67 40.96 -17.26
CA LEU B 125 3.42 39.53 -16.92
C LEU B 125 4.67 38.69 -16.59
N ALA B 126 4.58 37.90 -15.53
CA ALA B 126 5.65 36.97 -15.16
C ALA B 126 5.09 35.53 -15.02
N TYR B 127 5.81 34.55 -15.58
CA TYR B 127 5.37 33.15 -15.46
C TYR B 127 6.52 32.19 -15.33
N VAL B 128 6.20 30.95 -14.92
CA VAL B 128 7.19 29.90 -14.68
C VAL B 128 6.87 28.63 -15.47
N TRP B 129 7.90 28.06 -16.10
CA TRP B 129 7.72 26.95 -17.01
C TRP B 129 9.00 26.14 -17.06
N ASN B 130 8.88 24.86 -16.72
CA ASN B 130 9.97 23.97 -16.27
C ASN B 130 10.94 24.64 -15.33
N ASN B 131 10.37 25.29 -14.33
CA ASN B 131 11.11 25.82 -13.22
C ASN B 131 12.02 27.02 -13.53
N ASP B 132 11.62 27.77 -14.55
CA ASP B 132 12.39 28.90 -15.04
C ASP B 132 11.46 30.11 -15.05
N ILE B 133 11.96 31.31 -14.75
CA ILE B 133 11.13 32.54 -14.81
C ILE B 133 11.19 33.19 -16.20
N TYR B 134 10.06 33.71 -16.67
CA TYR B 134 9.91 34.34 -17.99
C TYR B 134 9.12 35.59 -17.74
N VAL B 135 9.51 36.74 -18.29
CA VAL B 135 8.68 37.99 -18.26
C VAL B 135 8.17 38.51 -19.65
N LYS B 136 6.93 38.95 -19.72
CA LYS B 136 6.43 39.65 -20.91
C LYS B 136 6.03 41.10 -20.58
N ILE B 137 6.62 42.06 -21.30
CA ILE B 137 6.30 43.48 -21.08
C ILE B 137 4.96 43.79 -21.72
N GLU B 138 4.76 43.24 -22.90
CA GLU B 138 3.58 43.41 -23.70
C GLU B 138 3.06 42.01 -23.97
N PRO B 139 1.75 41.79 -23.84
CA PRO B 139 1.23 40.45 -24.12
C PRO B 139 1.23 40.01 -25.57
N ASN B 140 1.52 40.92 -26.51
CA ASN B 140 1.54 40.56 -27.95
C ASN B 140 2.94 40.11 -28.42
N LEU B 141 3.92 40.14 -27.52
CA LEU B 141 5.37 40.26 -27.84
C LEU B 141 6.27 39.17 -27.16
N PRO B 142 7.50 38.94 -27.68
CA PRO B 142 8.46 37.91 -27.21
C PRO B 142 9.01 37.92 -25.80
N SER B 143 8.52 36.96 -25.02
CA SER B 143 8.92 36.75 -23.63
C SER B 143 10.41 36.89 -23.39
N TYR B 144 10.76 37.41 -22.23
CA TYR B 144 12.15 37.53 -21.80
C TYR B 144 12.52 36.44 -20.73
N ARG B 145 13.58 35.68 -21.03
CA ARG B 145 13.96 34.53 -20.20
C ARG B 145 14.96 34.91 -19.10
N ILE B 146 14.54 34.70 -17.86
CA ILE B 146 15.17 35.28 -16.70
C ILE B 146 16.16 34.34 -16.04
N THR B 147 15.83 33.04 -15.97
CA THR B 147 16.70 32.06 -15.33
C THR B 147 16.86 30.90 -16.26
N TRP B 148 18.01 30.25 -16.12
CA TRP B 148 18.36 29.06 -16.85
C TRP B 148 18.79 27.94 -15.90
N THR B 149 18.68 28.13 -14.58
CA THR B 149 19.03 27.05 -13.62
C THR B 149 17.92 26.00 -13.45
N GLY B 150 16.66 26.37 -13.59
CA GLY B 150 15.55 25.46 -13.35
C GLY B 150 15.76 24.04 -13.85
N LYS B 151 15.22 23.10 -13.08
CA LYS B 151 15.43 21.67 -13.30
C LYS B 151 14.47 20.83 -12.41
N GLU B 152 13.69 19.94 -13.03
CA GLU B 152 12.64 19.16 -12.37
C GLU B 152 13.15 18.39 -11.14
N ASP B 153 12.62 18.78 -9.97
CA ASP B 153 12.85 18.13 -8.64
C ASP B 153 14.06 18.64 -7.87
N ILE B 154 14.84 19.53 -8.48
CA ILE B 154 16.07 20.04 -7.87
C ILE B 154 16.04 21.56 -7.79
N ILE B 155 15.76 22.23 -8.90
CA ILE B 155 15.85 23.66 -8.86
C ILE B 155 14.54 24.34 -9.14
N TYR B 156 14.13 25.14 -8.16
CA TYR B 156 12.87 25.81 -8.24
C TYR B 156 13.10 27.30 -8.26
N ASN B 157 12.85 27.90 -9.43
CA ASN B 157 12.89 29.36 -9.61
C ASN B 157 11.51 30.01 -9.76
N GLY B 158 11.08 30.77 -8.75
CA GLY B 158 9.79 31.48 -8.77
C GLY B 158 8.56 30.71 -8.28
N ILE B 159 8.83 29.65 -7.48
CA ILE B 159 7.87 28.58 -7.13
C ILE B 159 8.46 27.69 -6.04
N THR B 160 7.61 27.02 -5.28
CA THR B 160 8.03 26.37 -4.04
C THR B 160 8.20 24.90 -4.24
N ASP B 161 9.14 24.32 -3.53
CA ASP B 161 9.18 22.88 -3.44
C ASP B 161 8.19 22.46 -2.37
N TRP B 162 7.92 21.17 -2.24
CA TRP B 162 6.88 20.64 -1.36
C TRP B 162 6.94 21.17 0.07
N VAL B 163 8.09 21.18 0.71
CA VAL B 163 8.15 21.86 2.03
C VAL B 163 7.82 23.34 2.12
N TYR B 164 8.45 24.21 1.33
CA TYR B 164 8.04 25.64 1.38
C TYR B 164 6.56 25.89 1.02
N GLU B 165 6.06 25.11 0.08
CA GLU B 165 4.67 25.14 -0.28
C GLU B 165 3.74 24.81 0.89
N GLU B 166 3.82 23.60 1.42
CA GLU B 166 2.97 23.22 2.54
C GLU B 166 3.11 24.06 3.84
N GLU B 167 4.36 24.32 4.24
CA GLU B 167 4.74 24.77 5.60
C GLU B 167 5.18 26.24 5.75
N VAL B 168 5.62 26.90 4.68
CA VAL B 168 5.91 28.35 4.79
C VAL B 168 4.98 29.28 4.00
N PHE B 169 5.12 29.35 2.68
CA PHE B 169 4.33 30.31 1.95
C PHE B 169 2.87 29.91 1.70
N SER B 170 2.45 28.72 2.13
CA SER B 170 1.14 28.14 1.73
C SER B 170 0.77 28.59 0.35
N ALA B 171 1.72 28.42 -0.58
CA ALA B 171 1.56 28.90 -1.94
C ALA B 171 2.56 28.23 -2.87
N TYR B 172 2.15 27.96 -4.11
CA TYR B 172 3.10 27.61 -5.17
C TYR B 172 3.97 28.80 -5.62
N SER B 173 3.50 30.03 -5.40
CA SER B 173 4.19 31.23 -5.87
C SER B 173 5.31 31.74 -4.95
N ALA B 174 6.41 32.12 -5.60
CA ALA B 174 7.58 32.71 -4.96
C ALA B 174 8.16 33.82 -5.87
N LEU B 175 7.29 34.75 -6.28
CA LEU B 175 7.69 35.95 -7.01
C LEU B 175 7.10 37.12 -6.25
N TRP B 176 7.66 38.32 -6.46
CA TRP B 176 7.22 39.55 -5.76
C TRP B 176 7.43 40.85 -6.56
N TRP B 177 6.38 41.35 -7.18
CA TRP B 177 6.51 42.63 -7.87
C TRP B 177 6.80 43.74 -6.90
N SER B 178 7.44 44.80 -7.39
CA SER B 178 7.47 46.05 -6.63
C SER B 178 6.09 46.72 -6.83
N PRO B 179 5.72 47.66 -5.95
CA PRO B 179 4.40 48.24 -6.05
C PRO B 179 4.09 48.98 -7.37
N ASN B 180 5.06 49.69 -7.95
CA ASN B 180 4.85 50.33 -9.26
C ASN B 180 5.25 49.47 -10.44
N GLY B 181 5.57 48.19 -10.19
CA GLY B 181 5.73 47.20 -11.26
C GLY B 181 7.13 47.06 -11.82
N THR B 182 8.06 47.91 -11.38
CA THR B 182 9.43 47.89 -11.88
C THR B 182 10.14 46.58 -11.54
N PHE B 183 10.71 46.49 -10.34
CA PHE B 183 11.53 45.33 -9.97
C PHE B 183 10.61 44.17 -9.62
N LEU B 184 11.18 42.99 -9.71
CA LEU B 184 10.52 41.73 -9.40
C LEU B 184 11.55 40.85 -8.70
N ALA B 185 11.21 40.40 -7.50
CA ALA B 185 12.11 39.54 -6.71
C ALA B 185 11.60 38.09 -6.69
N TYR B 186 12.52 37.13 -6.56
CA TYR B 186 12.10 35.74 -6.53
C TYR B 186 13.00 34.97 -5.63
N ALA B 187 12.47 33.80 -5.26
CA ALA B 187 13.20 32.83 -4.46
C ALA B 187 13.64 31.67 -5.35
N GLN B 188 14.89 31.23 -5.21
CA GLN B 188 15.36 29.97 -5.84
C GLN B 188 15.61 28.88 -4.79
N PHE B 189 14.89 27.77 -4.92
CA PHE B 189 15.02 26.66 -3.98
C PHE B 189 15.91 25.56 -4.56
N ASN B 190 16.78 25.01 -3.72
CA ASN B 190 17.59 23.86 -4.09
C ASN B 190 17.07 22.60 -3.40
N ASP B 191 17.25 21.45 -4.06
CA ASP B 191 16.79 20.19 -3.51
C ASP B 191 17.68 19.01 -3.91
N THR B 192 18.90 19.30 -4.34
CA THR B 192 19.84 18.24 -4.75
C THR B 192 19.89 17.07 -3.80
N GLU B 193 20.26 17.31 -2.53
CA GLU B 193 20.47 16.21 -1.58
C GLU B 193 19.33 15.98 -0.59
N VAL B 194 18.17 16.54 -0.84
CA VAL B 194 17.00 16.20 -0.04
C VAL B 194 16.62 14.78 -0.42
N PRO B 195 16.46 13.89 0.54
CA PRO B 195 16.09 12.54 0.15
C PRO B 195 14.60 12.50 -0.33
N LEU B 196 14.09 11.31 -0.68
CA LEU B 196 12.91 11.16 -1.56
C LEU B 196 11.90 10.16 -1.07
N ILE B 197 10.68 10.59 -0.80
CA ILE B 197 9.67 9.64 -0.39
C ILE B 197 9.23 8.92 -1.64
N GLU B 198 8.95 7.63 -1.51
CA GLU B 198 8.52 6.83 -2.67
C GLU B 198 7.25 6.07 -2.37
N TYR B 199 6.29 6.12 -3.31
CA TYR B 199 5.01 5.45 -3.12
C TYR B 199 4.25 5.06 -4.43
N SER B 200 3.33 4.11 -4.33
CA SER B 200 2.67 3.54 -5.51
C SER B 200 1.41 4.30 -5.94
N PHE B 201 1.29 4.45 -7.27
CA PHE B 201 0.11 5.01 -7.86
C PHE B 201 -0.44 4.11 -8.96
N TYR B 202 -1.68 3.68 -8.82
CA TYR B 202 -2.15 2.55 -9.58
C TYR B 202 -2.80 3.01 -10.84
N SER B 203 -3.30 4.23 -10.81
CA SER B 203 -4.05 4.70 -11.94
C SER B 203 -5.16 3.69 -12.31
N ASP B 204 -5.75 3.87 -13.51
CA ASP B 204 -6.79 3.00 -14.07
C ASP B 204 -6.45 1.52 -14.19
N GLU B 205 -7.48 0.69 -14.06
CA GLU B 205 -7.45 -0.72 -14.40
C GLU B 205 -6.39 -0.89 -15.48
N SER B 206 -6.54 -0.13 -16.58
CA SER B 206 -5.69 -0.27 -17.80
C SER B 206 -4.18 -0.18 -17.64
N LEU B 207 -3.69 0.46 -16.58
CA LEU B 207 -2.27 0.52 -16.38
C LEU B 207 -1.81 -0.85 -15.85
N GLN B 208 -0.85 -1.46 -16.54
CA GLN B 208 -0.44 -2.83 -16.21
C GLN B 208 0.63 -3.00 -15.10
N TYR B 209 1.56 -2.05 -15.05
CA TYR B 209 2.57 -1.98 -14.03
C TYR B 209 2.33 -0.67 -13.30
N PRO B 210 2.18 -0.71 -11.96
CA PRO B 210 1.92 0.51 -11.24
C PRO B 210 3.01 1.51 -11.46
N LYS B 211 2.83 2.68 -10.88
CA LYS B 211 3.70 3.79 -11.08
C LYS B 211 4.28 4.12 -9.66
N THR B 212 5.59 4.33 -9.58
CA THR B 212 6.19 4.77 -8.36
C THR B 212 6.36 6.26 -8.48
N VAL B 213 5.74 6.96 -7.54
CA VAL B 213 5.87 8.38 -7.40
C VAL B 213 7.07 8.64 -6.52
N ARG B 214 7.86 9.64 -6.89
CA ARG B 214 9.09 10.02 -6.16
C ARG B 214 9.14 11.53 -5.84
N VAL B 215 9.09 11.88 -4.56
CA VAL B 215 8.98 13.29 -4.19
C VAL B 215 9.99 13.78 -3.14
N PRO B 216 10.73 14.86 -3.45
CA PRO B 216 11.76 15.25 -2.46
C PRO B 216 11.08 15.79 -1.22
N TYR B 217 11.45 15.28 -0.04
CA TYR B 217 10.70 15.54 1.19
C TYR B 217 11.57 15.30 2.40
N PRO B 218 11.89 16.36 3.14
CA PRO B 218 12.66 16.08 4.36
C PRO B 218 11.74 15.71 5.51
N LYS B 219 11.99 14.54 6.09
CA LYS B 219 11.43 14.17 7.40
C LYS B 219 12.28 14.79 8.55
N ALA B 220 11.79 14.64 9.78
CA ALA B 220 12.49 15.12 11.02
C ALA B 220 13.94 14.72 11.02
N GLY B 221 14.83 15.68 11.23
CA GLY B 221 16.26 15.41 11.14
C GLY B 221 16.85 15.46 9.75
N ALA B 222 16.09 15.07 8.71
CA ALA B 222 16.66 14.92 7.39
C ALA B 222 17.25 16.23 6.83
N VAL B 223 17.92 16.11 5.68
CA VAL B 223 18.53 17.25 4.99
C VAL B 223 17.46 18.06 4.25
N ASN B 224 17.37 19.36 4.63
CA ASN B 224 16.43 20.38 4.10
C ASN B 224 16.88 20.98 2.79
N PRO B 225 15.98 21.68 2.11
CA PRO B 225 16.40 22.35 0.91
C PRO B 225 16.88 23.71 1.30
N THR B 226 18.04 24.11 0.80
CA THR B 226 18.54 25.46 1.03
C THR B 226 17.85 26.50 0.16
N VAL B 227 18.19 27.76 0.39
CA VAL B 227 17.40 28.86 -0.20
C VAL B 227 18.20 30.13 -0.60
N LYS B 228 17.92 30.64 -1.81
CA LYS B 228 18.49 31.91 -2.29
C LYS B 228 17.47 32.90 -2.85
N PHE B 229 17.80 34.20 -2.74
CA PHE B 229 16.90 35.33 -3.11
C PHE B 229 17.56 36.35 -4.07
N PHE B 230 16.72 36.92 -4.93
CA PHE B 230 17.17 37.80 -5.97
C PHE B 230 16.11 38.81 -6.33
N VAL B 231 16.63 39.96 -6.76
CA VAL B 231 15.86 41.01 -7.33
C VAL B 231 16.40 41.31 -8.69
N VAL B 232 15.45 41.42 -9.63
CA VAL B 232 15.72 41.87 -11.00
C VAL B 232 14.71 42.97 -11.39
N ASN B 233 15.14 43.96 -12.18
CA ASN B 233 14.21 44.97 -12.69
C ASN B 233 13.77 44.78 -14.14
N THR B 234 12.55 45.22 -14.38
CA THR B 234 11.78 44.88 -15.60
C THR B 234 11.62 46.00 -16.68
N ASP B 235 12.16 47.19 -16.43
CA ASP B 235 12.15 48.24 -17.44
C ASP B 235 13.42 48.23 -18.31
N SER B 236 14.52 47.77 -17.71
CA SER B 236 15.85 47.76 -18.35
C SER B 236 16.19 46.42 -19.00
N LEU B 237 15.20 45.64 -19.42
CA LEU B 237 15.50 44.31 -19.97
C LEU B 237 16.13 44.43 -21.36
N SER B 238 17.03 43.49 -21.69
CA SER B 238 17.80 43.47 -22.93
C SER B 238 17.40 42.23 -23.73
N SER B 239 17.31 42.30 -25.06
CA SER B 239 17.03 41.05 -25.82
C SER B 239 18.30 40.40 -26.43
N VAL B 240 19.39 41.16 -26.53
CA VAL B 240 20.72 40.59 -26.90
C VAL B 240 21.39 39.91 -25.70
N THR B 241 21.38 40.55 -24.53
CA THR B 241 22.15 40.07 -23.36
C THR B 241 21.29 39.45 -22.23
N ASN B 242 21.67 38.24 -21.81
CA ASN B 242 21.01 37.55 -20.74
C ASN B 242 20.66 38.52 -19.63
N ALA B 243 19.73 38.14 -18.78
CA ALA B 243 19.12 39.12 -17.88
C ALA B 243 19.59 39.08 -16.42
N THR B 244 20.15 40.18 -15.92
CA THR B 244 20.82 40.21 -14.59
C THR B 244 19.96 40.14 -13.32
N SER B 245 20.32 39.26 -12.39
CA SER B 245 19.66 39.23 -11.09
C SER B 245 20.67 39.65 -10.06
N ILE B 246 20.27 40.54 -9.15
CA ILE B 246 21.08 40.82 -7.95
C ILE B 246 20.72 39.86 -6.83
N GLN B 247 21.70 39.16 -6.29
CA GLN B 247 21.43 38.44 -5.08
C GLN B 247 21.25 39.41 -3.92
N ILE B 248 20.42 39.02 -2.96
CA ILE B 248 20.46 39.63 -1.65
C ILE B 248 20.66 38.48 -0.70
N THR B 249 21.74 38.48 0.06
CA THR B 249 22.16 37.30 0.81
C THR B 249 21.65 37.39 2.25
N ALA B 250 21.37 36.29 2.92
CA ALA B 250 20.83 36.38 4.29
C ALA B 250 21.84 36.99 5.30
N PRO B 251 21.34 37.58 6.39
CA PRO B 251 22.23 38.01 7.46
C PRO B 251 23.08 36.84 8.06
N ALA B 252 24.17 37.16 8.75
CA ALA B 252 25.19 36.17 9.15
C ALA B 252 24.83 35.48 10.47
N SER B 253 23.94 36.13 11.23
CA SER B 253 23.10 35.43 12.19
C SER B 253 22.37 34.19 11.60
N MET B 254 21.91 34.30 10.35
CA MET B 254 21.31 33.14 9.67
C MET B 254 22.29 32.23 8.96
N LEU B 255 23.35 32.78 8.34
CA LEU B 255 24.17 32.01 7.36
C LEU B 255 24.97 30.89 7.94
N ILE B 256 25.29 30.96 9.24
CA ILE B 256 26.04 29.92 9.94
C ILE B 256 25.39 28.55 9.98
N GLY B 257 24.08 28.48 9.79
CA GLY B 257 23.42 27.21 9.82
C GLY B 257 22.33 27.01 8.79
N ASP B 258 21.48 26.05 9.07
CA ASP B 258 20.29 25.87 8.31
C ASP B 258 19.32 26.97 8.70
N HIS B 259 18.61 27.52 7.71
CA HIS B 259 17.65 28.63 7.91
C HIS B 259 16.64 28.72 6.77
N TYR B 260 15.55 29.43 7.00
CA TYR B 260 14.49 29.53 5.99
C TYR B 260 14.12 30.97 5.68
N LEU B 261 13.53 31.19 4.51
CA LEU B 261 12.87 32.45 4.17
C LEU B 261 11.42 32.33 4.58
N CYS B 262 10.91 33.21 5.47
CA CYS B 262 9.52 33.07 5.99
C CYS B 262 8.54 34.18 5.58
N ASP B 263 9.06 35.23 4.95
CA ASP B 263 8.21 36.31 4.43
C ASP B 263 8.96 37.31 3.54
N VAL B 264 8.27 37.83 2.51
CA VAL B 264 8.79 38.92 1.66
C VAL B 264 7.72 39.99 1.52
N THR B 265 8.14 41.22 1.81
CA THR B 265 7.29 42.43 1.89
C THR B 265 7.95 43.74 1.44
N TRP B 266 7.51 44.23 0.29
CA TRP B 266 7.94 45.56 -0.20
C TRP B 266 7.30 46.74 0.56
N ALA B 267 8.13 47.71 0.97
CA ALA B 267 7.65 48.95 1.65
C ALA B 267 7.49 50.17 0.71
N THR B 268 8.49 50.50 -0.09
CA THR B 268 8.44 51.66 -1.03
C THR B 268 8.62 51.12 -2.42
N GLN B 269 8.70 51.98 -3.43
CA GLN B 269 9.18 51.55 -4.76
C GLN B 269 10.64 51.03 -4.78
N GLU B 270 11.48 51.45 -3.82
CA GLU B 270 12.89 51.06 -3.81
C GLU B 270 13.34 50.52 -2.43
N ARG B 271 12.39 50.15 -1.58
CA ARG B 271 12.72 49.46 -0.32
C ARG B 271 11.93 48.12 -0.10
N ILE B 272 12.68 47.04 0.15
CA ILE B 272 12.15 45.70 0.44
C ILE B 272 12.52 45.18 1.85
N SER B 273 11.65 44.36 2.46
CA SER B 273 11.89 43.73 3.78
C SER B 273 11.98 42.23 3.61
N LEU B 274 12.95 41.59 4.24
CA LEU B 274 13.10 40.14 4.11
C LEU B 274 13.15 39.49 5.47
N GLN B 275 12.30 38.51 5.72
CA GLN B 275 12.36 37.81 7.00
C GLN B 275 12.99 36.42 6.85
N TRP B 276 13.96 36.19 7.72
CA TRP B 276 14.68 34.96 7.82
C TRP B 276 14.43 34.31 9.16
N LEU B 277 14.42 32.99 9.16
CA LEU B 277 14.12 32.23 10.36
C LEU B 277 15.11 31.09 10.39
N ARG B 278 15.62 30.74 11.56
CA ARG B 278 16.59 29.68 11.67
C ARG B 278 15.94 28.35 11.59
N ARG B 279 16.75 27.33 11.37
CA ARG B 279 16.18 25.99 11.34
C ARG B 279 15.53 25.66 12.67
N ILE B 280 16.30 25.81 13.75
CA ILE B 280 15.73 25.84 15.08
C ILE B 280 14.97 27.13 15.20
N GLN B 281 13.66 27.04 15.28
CA GLN B 281 12.83 28.22 15.04
C GLN B 281 12.47 29.08 16.26
N ASN B 282 13.41 29.33 17.16
CA ASN B 282 13.12 30.25 18.26
C ASN B 282 13.88 31.56 18.08
N TYR B 283 13.96 32.08 16.84
CA TYR B 283 14.87 33.20 16.51
C TYR B 283 14.77 33.60 15.02
N SER B 284 14.18 34.77 14.76
CA SER B 284 13.98 35.33 13.42
C SER B 284 14.71 36.65 13.32
N VAL B 285 15.09 37.04 12.11
CA VAL B 285 15.69 38.36 11.84
C VAL B 285 14.98 39.05 10.62
N MET B 286 14.64 40.34 10.74
CA MET B 286 14.10 41.10 9.61
C MET B 286 15.19 41.97 9.03
N ASP B 287 15.25 42.02 7.70
CA ASP B 287 16.10 42.98 7.03
C ASP B 287 15.26 44.00 6.32
N ILE B 288 15.83 45.18 6.16
CA ILE B 288 15.26 46.24 5.34
C ILE B 288 16.31 46.76 4.37
N CYS B 289 15.96 46.78 3.09
CA CYS B 289 16.97 46.84 2.04
C CYS B 289 16.60 47.85 0.97
N ASP B 290 17.36 48.94 0.89
CA ASP B 290 17.09 50.00 -0.08
C ASP B 290 17.89 49.77 -1.37
N TYR B 291 17.47 50.45 -2.44
CA TYR B 291 18.14 50.33 -3.77
C TYR B 291 19.56 50.95 -3.73
N ASP B 292 19.88 51.87 -4.66
CA ASP B 292 21.20 52.52 -4.80
C ASP B 292 21.37 52.80 -6.28
N GLU B 293 20.77 53.92 -6.71
CA GLU B 293 20.68 54.26 -8.13
C GLU B 293 22.06 54.24 -8.78
N SER B 294 23.13 54.39 -7.98
CA SER B 294 24.52 54.38 -8.49
C SER B 294 25.20 53.00 -8.68
N SER B 295 24.97 52.06 -7.77
CA SER B 295 25.67 50.75 -7.83
C SER B 295 24.82 49.71 -8.54
N GLY B 296 23.50 49.84 -8.42
CA GLY B 296 22.56 48.92 -9.06
C GLY B 296 22.24 47.75 -8.17
N ARG B 297 22.88 47.74 -6.99
CA ARG B 297 22.78 46.66 -6.04
C ARG B 297 21.87 47.10 -4.90
N TRP B 298 21.66 46.24 -3.93
CA TRP B 298 20.67 46.49 -2.88
C TRP B 298 21.35 46.52 -1.56
N ASN B 299 21.07 47.56 -0.77
CA ASN B 299 21.79 47.76 0.47
C ASN B 299 20.89 47.60 1.68
N CYS B 300 21.14 46.53 2.43
CA CYS B 300 20.41 46.22 3.65
C CYS B 300 21.12 46.81 4.87
N LEU B 301 20.70 48.03 5.24
CA LEU B 301 21.34 48.76 6.33
C LEU B 301 21.09 48.06 7.67
N VAL B 302 22.15 47.90 8.45
CA VAL B 302 22.08 47.18 9.73
C VAL B 302 21.55 47.95 10.97
N ALA B 303 21.29 49.25 10.83
CA ALA B 303 20.47 49.94 11.84
C ALA B 303 19.03 49.41 11.74
N ARG B 304 18.71 48.81 10.60
CA ARG B 304 17.32 48.49 10.24
C ARG B 304 16.99 47.03 10.45
N GLN B 305 17.88 46.30 11.10
CA GLN B 305 17.64 44.89 11.47
C GLN B 305 16.79 44.72 12.72
N HIS B 306 15.65 44.05 12.57
CA HIS B 306 14.78 43.83 13.70
C HIS B 306 14.77 42.36 14.05
N ILE B 307 15.21 42.09 15.26
CA ILE B 307 15.37 40.76 15.75
C ILE B 307 14.22 40.44 16.65
N GLU B 308 13.39 39.50 16.23
CA GLU B 308 12.30 38.96 17.02
C GLU B 308 12.71 37.56 17.49
N MET B 309 12.66 37.30 18.78
CA MET B 309 13.01 35.99 19.26
C MET B 309 12.05 35.59 20.35
N SER B 310 12.19 34.36 20.87
CA SER B 310 11.20 33.71 21.73
C SER B 310 11.96 32.87 22.75
N THR B 311 11.33 32.55 23.87
CA THR B 311 11.94 31.70 24.93
C THR B 311 10.99 30.72 25.62
N THR B 312 9.71 31.06 25.67
CA THR B 312 8.67 30.12 26.06
C THR B 312 8.67 28.98 25.00
N GLY B 313 8.82 29.34 23.72
CA GLY B 313 8.78 28.37 22.60
C GLY B 313 9.36 28.76 21.23
N TRP B 314 8.46 28.99 20.28
CA TRP B 314 8.76 29.39 18.90
C TRP B 314 8.20 30.84 18.53
N VAL B 315 8.74 31.39 17.45
CA VAL B 315 8.38 32.70 16.94
C VAL B 315 7.20 32.50 16.02
N GLY B 316 6.17 33.31 16.20
CA GLY B 316 4.98 33.24 15.37
C GLY B 316 3.97 32.25 15.89
N ARG B 317 2.77 32.29 15.31
CA ARG B 317 1.76 31.27 15.55
C ARG B 317 2.10 29.99 14.78
N PHE B 318 2.47 30.17 13.51
CA PHE B 318 3.18 29.18 12.71
C PHE B 318 4.42 29.79 11.96
N ARG B 319 4.52 31.12 11.89
CA ARG B 319 5.71 31.82 11.40
C ARG B 319 5.79 33.27 11.88
N PRO B 320 6.94 33.92 11.65
CA PRO B 320 6.97 35.35 11.93
C PRO B 320 5.82 36.19 11.35
N SER B 321 5.35 37.19 12.08
CA SER B 321 4.20 37.95 11.63
C SER B 321 4.64 38.91 10.57
N GLU B 322 3.71 39.24 9.70
CA GLU B 322 3.97 40.15 8.59
C GLU B 322 3.90 41.64 8.99
N PRO B 323 4.79 42.47 8.40
CA PRO B 323 4.78 43.93 8.51
C PRO B 323 3.84 44.66 7.53
N HIS B 324 3.13 45.67 8.05
CA HIS B 324 2.43 46.62 7.22
C HIS B 324 3.09 47.96 7.42
N PHE B 325 3.45 48.57 6.31
CA PHE B 325 4.32 49.72 6.30
C PHE B 325 3.54 50.99 6.12
N THR B 326 4.09 52.09 6.64
CA THR B 326 3.54 53.46 6.47
C THR B 326 3.93 54.00 5.10
N LEU B 327 2.93 54.52 4.37
CA LEU B 327 3.05 55.04 2.98
C LEU B 327 4.46 55.53 2.56
N ASP B 328 5.07 56.34 3.43
CA ASP B 328 6.43 56.81 3.24
C ASP B 328 7.54 55.74 3.31
N GLY B 329 7.24 54.55 3.87
CA GLY B 329 8.22 53.46 3.98
C GLY B 329 9.08 53.44 5.24
N ASN B 330 8.99 54.49 6.07
CA ASN B 330 9.88 54.67 7.25
C ASN B 330 9.42 54.11 8.61
N SER B 331 8.17 53.68 8.70
CA SER B 331 7.65 53.02 9.90
C SER B 331 6.70 51.88 9.52
N PHE B 332 6.42 50.99 10.48
CA PHE B 332 5.51 49.88 10.22
C PHE B 332 4.84 49.33 11.45
N TYR B 333 3.72 48.65 11.23
CA TYR B 333 3.02 48.00 12.31
C TYR B 333 3.04 46.48 12.11
N LYS B 334 3.28 45.76 13.20
CA LYS B 334 3.49 44.34 13.17
C LYS B 334 2.99 43.71 14.48
N ILE B 335 2.35 42.54 14.44
CA ILE B 335 1.82 41.92 15.67
C ILE B 335 2.89 41.10 16.34
N ILE B 336 3.05 41.29 17.66
CA ILE B 336 4.15 40.69 18.47
C ILE B 336 3.58 40.22 19.79
N SER B 337 4.14 39.17 20.37
CA SER B 337 3.67 38.69 21.68
C SER B 337 4.33 39.51 22.77
N ASN B 338 3.53 40.04 23.68
CA ASN B 338 4.07 40.93 24.69
C ASN B 338 4.49 40.22 25.96
N GLU B 339 5.00 40.99 26.92
CA GLU B 339 5.58 40.49 28.19
C GLU B 339 4.69 39.49 28.97
N GLU B 340 3.37 39.57 28.89
CA GLU B 340 2.56 38.51 29.50
C GLU B 340 2.16 37.44 28.49
N GLY B 341 2.84 37.39 27.35
CA GLY B 341 2.50 36.46 26.27
C GLY B 341 1.22 36.66 25.43
N TYR B 342 0.57 37.83 25.43
CA TYR B 342 -0.53 38.07 24.49
C TYR B 342 -0.03 38.81 23.23
N ARG B 343 -0.53 38.38 22.06
CA ARG B 343 -0.25 39.05 20.76
C ARG B 343 -1.09 40.30 20.60
N HIS B 344 -0.37 41.39 20.33
CA HIS B 344 -0.92 42.73 20.08
C HIS B 344 -0.02 43.46 19.09
N ILE B 345 -0.47 44.65 18.69
CA ILE B 345 0.12 45.47 17.64
C ILE B 345 1.21 46.44 18.12
N CYS B 346 2.34 46.40 17.41
CA CYS B 346 3.51 47.23 17.72
C CYS B 346 3.83 48.14 16.54
N TYR B 347 4.00 49.42 16.87
CA TYR B 347 4.57 50.39 15.94
C TYR B 347 6.06 50.41 16.05
N PHE B 348 6.70 50.33 14.90
CA PHE B 348 8.15 50.36 14.79
C PHE B 348 8.52 51.49 13.91
N GLN B 349 9.67 52.07 14.13
CA GLN B 349 10.16 53.12 13.26
C GLN B 349 11.51 52.65 12.80
N ILE B 350 11.72 52.58 11.49
CA ILE B 350 12.80 51.74 10.95
C ILE B 350 14.18 51.88 11.60
N ASP B 351 14.48 53.04 12.16
CA ASP B 351 15.82 53.31 12.66
C ASP B 351 15.97 52.97 14.14
N LYS B 352 15.14 53.56 14.99
CA LYS B 352 15.05 53.10 16.40
C LYS B 352 14.49 51.68 16.39
N LYS B 353 14.92 50.86 17.33
CA LYS B 353 14.37 49.52 17.34
C LYS B 353 14.00 49.02 18.71
N ASP B 354 13.13 49.79 19.32
CA ASP B 354 12.24 49.20 20.27
C ASP B 354 10.87 49.56 19.75
N CYS B 355 10.03 48.56 19.52
CA CYS B 355 8.64 48.81 19.17
C CYS B 355 7.81 49.31 20.37
N THR B 356 6.81 50.14 20.06
CA THR B 356 5.86 50.61 21.01
C THR B 356 4.59 49.84 20.75
N PHE B 357 3.96 49.33 21.80
CA PHE B 357 2.67 48.65 21.68
C PHE B 357 1.46 49.56 21.64
N ILE B 358 0.60 49.32 20.67
CA ILE B 358 -0.59 50.17 20.39
C ILE B 358 -1.82 49.55 21.08
N THR B 359 -1.64 48.33 21.59
CA THR B 359 -2.75 47.56 22.12
C THR B 359 -2.28 46.65 23.24
N LYS B 360 -3.18 46.34 24.16
CA LYS B 360 -2.86 45.43 25.28
C LYS B 360 -4.09 44.67 25.83
N GLY B 361 -3.85 43.75 26.77
CA GLY B 361 -4.93 43.01 27.43
C GLY B 361 -4.83 41.49 27.39
N THR B 362 -5.91 40.86 27.87
CA THR B 362 -5.98 39.41 27.99
C THR B 362 -6.85 38.86 26.90
N TRP B 363 -6.39 39.06 25.67
CA TRP B 363 -7.09 38.67 24.44
C TRP B 363 -6.08 38.94 23.35
N GLU B 364 -6.45 38.67 22.11
CA GLU B 364 -5.48 38.69 21.02
C GLU B 364 -5.95 39.23 19.65
N VAL B 365 -5.01 39.97 19.09
CA VAL B 365 -5.12 40.48 17.77
C VAL B 365 -4.94 39.25 16.89
N ILE B 366 -5.99 38.98 16.11
CA ILE B 366 -5.97 37.97 15.03
C ILE B 366 -5.08 38.52 13.90
N GLY B 367 -5.46 39.63 13.30
CA GLY B 367 -4.65 40.25 12.23
C GLY B 367 -4.87 41.74 11.97
N ILE B 368 -3.94 42.33 11.22
CA ILE B 368 -4.05 43.73 10.76
C ILE B 368 -4.63 43.80 9.35
N GLU B 369 -5.70 44.57 9.15
CA GLU B 369 -6.42 44.46 7.88
C GLU B 369 -6.26 45.68 6.93
N ALA B 370 -5.85 46.84 7.44
CA ALA B 370 -5.73 48.04 6.61
C ALA B 370 -5.02 49.24 7.30
N LEU B 371 -4.38 50.09 6.48
CA LEU B 371 -3.76 51.33 6.97
C LEU B 371 -4.17 52.61 6.22
N THR B 372 -4.70 53.59 6.95
CA THR B 372 -4.96 54.94 6.43
C THR B 372 -3.99 55.94 7.10
N SER B 373 -3.73 57.08 6.47
CA SER B 373 -3.12 58.16 7.24
C SER B 373 -3.75 58.32 8.67
N ASP B 374 -5.06 58.14 8.80
CA ASP B 374 -5.80 58.30 10.09
C ASP B 374 -5.83 57.13 11.11
N TYR B 375 -6.15 55.92 10.63
CA TYR B 375 -6.48 54.75 11.47
C TYR B 375 -5.73 53.47 11.06
N LEU B 376 -5.75 52.50 11.97
CA LEU B 376 -5.36 51.11 11.67
C LEU B 376 -6.59 50.26 11.91
N TYR B 377 -6.90 49.31 11.02
CA TYR B 377 -8.08 48.45 11.20
C TYR B 377 -7.62 47.04 11.47
N TYR B 378 -8.15 46.41 12.51
CA TYR B 378 -7.68 45.06 12.88
C TYR B 378 -8.85 44.14 13.22
N ILE B 379 -8.65 42.83 13.03
CA ILE B 379 -9.60 41.85 13.53
C ILE B 379 -9.09 41.44 14.93
N SER B 380 -10.02 41.19 15.88
CA SER B 380 -9.71 40.60 17.19
C SER B 380 -10.79 39.76 17.88
N ASN B 381 -10.35 39.04 18.93
CA ASN B 381 -11.24 38.22 19.75
C ASN B 381 -11.48 38.80 21.15
N GLU B 382 -11.42 40.12 21.26
CA GLU B 382 -11.57 40.85 22.53
C GLU B 382 -13.00 40.83 23.03
N TYR B 383 -13.94 41.02 22.09
CA TYR B 383 -15.33 41.19 22.47
C TYR B 383 -15.84 40.11 23.45
N LYS B 384 -16.13 40.53 24.67
CA LYS B 384 -16.79 39.73 25.67
C LYS B 384 -15.89 38.67 26.26
N GLY B 385 -14.59 38.88 26.15
CA GLY B 385 -13.65 37.89 26.68
C GLY B 385 -13.73 36.52 26.01
N MET B 386 -14.15 36.52 24.74
CA MET B 386 -14.47 35.29 23.98
C MET B 386 -13.52 35.03 22.81
N PRO B 387 -12.66 33.98 22.93
CA PRO B 387 -11.67 33.61 21.90
C PRO B 387 -12.27 32.86 20.74
N GLY B 388 -13.34 32.13 20.99
CA GLY B 388 -14.21 31.67 19.92
C GLY B 388 -14.61 32.76 18.91
N GLY B 389 -15.06 33.91 19.40
CA GLY B 389 -15.50 35.02 18.53
C GLY B 389 -14.44 35.85 17.77
N ARG B 390 -14.91 36.68 16.83
CA ARG B 390 -14.07 37.49 15.92
C ARG B 390 -14.81 38.77 15.42
N ASN B 391 -14.13 39.90 15.48
CA ASN B 391 -14.70 41.24 15.35
C ASN B 391 -13.73 42.29 14.84
N LEU B 392 -14.20 43.26 14.08
CA LEU B 392 -13.32 44.25 13.47
C LEU B 392 -13.29 45.53 14.29
N TYR B 393 -12.10 46.00 14.62
CA TYR B 393 -11.93 47.30 15.31
C TYR B 393 -11.08 48.29 14.50
N LYS B 394 -11.05 49.54 14.97
CA LYS B 394 -10.14 50.55 14.45
C LYS B 394 -9.62 51.38 15.62
N ILE B 395 -8.41 51.87 15.47
CA ILE B 395 -7.71 52.54 16.54
C ILE B 395 -7.12 53.83 15.97
N GLN B 396 -7.21 54.92 16.72
CA GLN B 396 -6.80 56.21 16.22
C GLN B 396 -5.32 56.42 16.42
N LEU B 397 -4.60 56.68 15.33
CA LEU B 397 -3.12 56.80 15.41
C LEU B 397 -2.65 57.98 16.29
N SER B 398 -3.41 59.07 16.25
CA SER B 398 -3.22 60.25 17.12
C SER B 398 -3.49 59.97 18.62
N ASP B 399 -4.35 58.98 18.90
CA ASP B 399 -4.79 58.68 20.27
C ASP B 399 -5.25 57.23 20.49
N TYR B 400 -4.31 56.40 20.94
CA TYR B 400 -4.59 54.99 21.24
C TYR B 400 -5.86 54.83 22.06
N THR B 401 -5.84 55.30 23.30
CA THR B 401 -7.02 55.15 24.18
C THR B 401 -8.38 55.11 23.40
N LYS B 402 -8.46 55.74 22.21
CA LYS B 402 -9.71 55.84 21.43
C LYS B 402 -9.86 54.76 20.36
N VAL B 403 -10.65 53.74 20.67
CA VAL B 403 -10.84 52.57 19.79
C VAL B 403 -12.30 52.15 19.70
N THR B 404 -12.82 52.27 18.50
CA THR B 404 -14.16 51.86 18.15
C THR B 404 -14.23 50.38 17.68
N CYS B 405 -15.27 49.64 18.10
CA CYS B 405 -15.63 48.36 17.48
C CYS B 405 -16.62 48.62 16.36
N LEU B 406 -16.23 48.30 15.13
CA LEU B 406 -17.09 48.45 13.99
C LEU B 406 -18.18 47.40 13.87
N SER B 407 -18.07 46.24 14.54
CA SER B 407 -18.97 45.08 14.23
C SER B 407 -19.77 44.50 15.41
N CYS B 408 -19.22 44.62 16.61
CA CYS B 408 -19.87 44.20 17.84
C CYS B 408 -21.38 44.21 17.79
N GLU B 409 -21.97 45.39 17.76
CA GLU B 409 -23.40 45.48 18.03
C GLU B 409 -24.25 45.52 16.76
N LEU B 410 -23.60 45.72 15.62
CA LEU B 410 -24.29 45.57 14.34
C LEU B 410 -25.49 44.66 14.45
N ASN B 411 -25.23 43.39 14.69
CA ASN B 411 -26.31 42.48 14.90
C ASN B 411 -25.94 41.42 15.92
N PRO B 412 -26.24 41.71 17.17
CA PRO B 412 -25.45 41.05 18.18
C PRO B 412 -25.70 39.53 18.30
N GLU B 413 -26.97 39.08 18.35
CA GLU B 413 -27.34 37.64 18.40
C GLU B 413 -26.67 36.82 17.28
N ARG B 414 -27.16 36.98 16.06
CA ARG B 414 -26.71 36.23 14.94
C ARG B 414 -25.23 36.39 14.60
N CYS B 415 -24.58 37.47 14.97
CA CYS B 415 -23.22 37.73 14.43
C CYS B 415 -22.13 38.06 15.39
N GLN B 416 -21.25 37.09 15.62
CA GLN B 416 -20.03 37.27 16.43
C GLN B 416 -18.72 36.86 15.72
N TYR B 417 -18.79 36.48 14.45
CA TYR B 417 -17.64 35.86 13.82
C TYR B 417 -17.36 36.54 12.52
N TYR B 418 -16.46 37.51 12.54
CA TYR B 418 -16.33 38.40 11.39
C TYR B 418 -15.03 38.28 10.66
N SER B 419 -15.11 38.56 9.38
CA SER B 419 -13.95 38.68 8.54
C SER B 419 -14.24 39.86 7.60
N VAL B 420 -13.20 40.38 6.95
CA VAL B 420 -13.41 41.57 6.16
C VAL B 420 -12.58 41.64 4.86
N SER B 421 -13.08 42.38 3.87
CA SER B 421 -12.27 42.79 2.72
C SER B 421 -12.49 44.28 2.38
N PHE B 422 -11.44 45.10 2.42
CA PHE B 422 -11.50 46.55 2.11
C PHE B 422 -11.27 46.86 0.63
N SER B 423 -11.66 48.06 0.18
CA SER B 423 -11.48 48.48 -1.23
C SER B 423 -10.09 49.02 -1.37
N LYS B 424 -9.62 49.21 -2.60
CA LYS B 424 -8.22 49.62 -2.87
C LYS B 424 -7.55 50.64 -1.94
N GLU B 425 -8.31 51.60 -1.40
CA GLU B 425 -7.75 52.51 -0.39
C GLU B 425 -8.66 52.65 0.85
N ALA B 426 -9.46 51.63 1.12
CA ALA B 426 -10.20 51.53 2.37
C ALA B 426 -11.45 52.41 2.49
N LYS B 427 -11.93 52.92 1.36
CA LYS B 427 -13.16 53.73 1.34
C LYS B 427 -14.38 52.87 1.69
N TYR B 428 -14.32 51.64 1.22
CA TYR B 428 -15.38 50.69 1.49
C TYR B 428 -14.79 49.34 1.92
N TYR B 429 -15.69 48.49 2.41
CA TYR B 429 -15.40 47.15 2.87
C TYR B 429 -16.67 46.33 3.03
N GLN B 430 -16.46 45.05 2.80
CA GLN B 430 -17.48 44.05 2.86
C GLN B 430 -17.29 43.37 4.22
N LEU B 431 -18.38 42.97 4.87
CA LEU B 431 -18.30 42.25 6.12
C LEU B 431 -18.81 40.87 5.89
N ARG B 432 -18.22 39.92 6.60
CA ARG B 432 -18.55 38.51 6.46
C ARG B 432 -18.75 37.99 7.82
N CYS B 433 -19.98 37.60 8.10
CA CYS B 433 -20.37 37.09 9.39
C CYS B 433 -20.63 35.65 9.07
N SER B 434 -19.92 34.73 9.73
CA SER B 434 -20.00 33.31 9.38
C SER B 434 -20.64 32.46 10.46
N GLY B 435 -21.10 33.09 11.54
CA GLY B 435 -21.77 32.36 12.62
C GLY B 435 -21.99 33.31 13.78
N PRO B 436 -22.71 32.85 14.82
CA PRO B 436 -23.28 31.53 14.99
C PRO B 436 -24.52 31.30 14.21
N GLY B 437 -25.25 32.39 13.94
CA GLY B 437 -26.46 32.35 13.13
C GLY B 437 -26.10 32.12 11.69
N LEU B 438 -27.06 32.19 10.78
CA LEU B 438 -26.77 32.01 9.35
C LEU B 438 -25.84 33.07 8.85
N PRO B 439 -24.96 32.72 7.88
CA PRO B 439 -24.05 33.69 7.29
C PRO B 439 -24.76 34.87 6.62
N LEU B 440 -24.11 36.05 6.72
CA LEU B 440 -24.70 37.35 6.40
C LEU B 440 -23.65 38.38 5.86
N TYR B 441 -23.81 38.77 4.59
CA TYR B 441 -22.79 39.55 3.83
C TYR B 441 -23.14 41.05 3.64
N THR B 442 -22.32 41.97 4.15
CA THR B 442 -22.69 43.39 4.02
C THR B 442 -21.59 44.36 3.54
N LEU B 443 -22.06 45.50 3.03
CA LEU B 443 -21.19 46.56 2.52
C LEU B 443 -21.18 47.80 3.41
N HIS B 444 -20.02 48.39 3.58
CA HIS B 444 -19.88 49.56 4.45
C HIS B 444 -18.99 50.68 3.86
N SER B 445 -19.17 51.92 4.37
CA SER B 445 -18.37 53.09 3.93
C SER B 445 -17.47 53.61 5.04
N SER B 446 -16.22 53.92 4.73
CA SER B 446 -15.26 54.36 5.74
C SER B 446 -15.61 55.67 6.46
N VAL B 447 -15.83 56.73 5.69
CA VAL B 447 -15.99 58.10 6.26
C VAL B 447 -17.10 58.18 7.30
N ASN B 448 -18.23 57.57 6.95
CA ASN B 448 -19.40 57.52 7.80
C ASN B 448 -19.27 56.33 8.73
N ASP B 449 -18.55 55.30 8.27
CA ASP B 449 -18.66 53.94 8.79
C ASP B 449 -20.10 53.46 8.57
N LYS B 450 -20.62 53.73 7.37
CA LYS B 450 -22.05 53.61 7.10
C LYS B 450 -22.48 52.28 6.52
N GLY B 451 -23.63 51.79 7.00
CA GLY B 451 -24.19 50.51 6.59
C GLY B 451 -24.99 50.66 5.34
N LEU B 452 -24.33 50.53 4.20
CA LEU B 452 -24.92 50.87 2.87
C LEU B 452 -26.06 49.93 2.43
N ARG B 453 -25.74 48.69 2.06
CA ARG B 453 -26.76 47.68 1.78
C ARG B 453 -26.40 46.33 2.37
N VAL B 454 -27.38 45.44 2.46
CA VAL B 454 -27.11 44.02 2.70
C VAL B 454 -27.01 43.34 1.33
N LEU B 455 -25.87 42.70 1.10
CA LEU B 455 -25.59 42.01 -0.15
C LEU B 455 -26.18 40.61 -0.23
N GLU B 456 -26.25 39.92 0.89
CA GLU B 456 -26.82 38.58 0.90
C GLU B 456 -27.01 38.13 2.35
N ASP B 457 -28.25 37.70 2.68
CA ASP B 457 -28.67 37.32 4.04
C ASP B 457 -29.22 35.91 4.12
N ASN B 458 -29.12 35.15 3.04
CA ASN B 458 -29.38 33.70 3.04
C ASN B 458 -30.76 33.32 3.50
N SER B 459 -31.78 34.10 3.18
CA SER B 459 -33.12 33.77 3.70
C SER B 459 -33.69 32.57 2.95
N ALA B 460 -33.24 32.35 1.72
CA ALA B 460 -33.58 31.11 1.03
C ALA B 460 -33.33 29.93 1.95
N LEU B 461 -32.11 29.79 2.43
CA LEU B 461 -31.77 28.69 3.31
C LEU B 461 -32.63 28.72 4.59
N ASP B 462 -32.89 29.92 5.08
CA ASP B 462 -33.56 30.10 6.33
C ASP B 462 -34.92 29.44 6.33
N LYS B 463 -35.63 29.55 5.21
CA LYS B 463 -36.96 28.93 5.06
C LYS B 463 -36.75 27.43 5.21
N MET B 464 -36.05 26.84 4.23
CA MET B 464 -35.69 25.41 4.21
C MET B 464 -35.43 24.83 5.62
N LEU B 465 -34.56 25.49 6.36
CA LEU B 465 -34.19 24.96 7.66
C LEU B 465 -35.28 25.01 8.74
N GLN B 466 -36.39 25.66 8.47
CA GLN B 466 -37.48 25.63 9.41
C GLN B 466 -38.35 24.41 9.16
N ASN B 467 -37.93 23.51 8.25
CA ASN B 467 -38.62 22.23 8.09
C ASN B 467 -37.96 21.06 8.85
N VAL B 468 -36.74 21.28 9.35
CA VAL B 468 -35.88 20.23 9.88
C VAL B 468 -35.68 20.38 11.38
N GLN B 469 -35.52 19.25 12.05
CA GLN B 469 -35.12 19.23 13.45
C GLN B 469 -33.61 19.43 13.56
N MET B 470 -33.20 20.68 13.44
CA MET B 470 -31.80 21.02 13.52
C MET B 470 -31.28 20.86 14.93
N PRO B 471 -30.00 20.49 15.07
CA PRO B 471 -29.44 20.41 16.42
C PRO B 471 -29.30 21.83 17.07
N SER B 472 -28.65 21.95 18.23
CA SER B 472 -28.28 23.27 18.77
C SER B 472 -26.88 23.19 19.33
N LYS B 473 -26.22 24.33 19.49
CA LYS B 473 -24.82 24.35 19.88
C LYS B 473 -24.60 25.06 21.20
N LYS B 474 -23.69 24.55 22.02
CA LYS B 474 -23.34 25.26 23.23
C LYS B 474 -21.87 25.54 23.18
N LEU B 475 -21.50 26.73 23.60
CA LEU B 475 -20.12 27.11 23.70
C LEU B 475 -19.96 27.61 25.10
N ASP B 476 -18.86 27.34 25.74
CA ASP B 476 -18.83 27.63 27.13
C ASP B 476 -17.52 27.07 27.62
N PHE B 477 -17.23 27.19 28.92
CA PHE B 477 -15.98 26.62 29.42
C PHE B 477 -16.04 25.86 30.72
N ILE B 478 -14.90 25.30 31.03
CA ILE B 478 -14.68 24.74 32.32
C ILE B 478 -13.38 25.32 32.80
N ILE B 479 -13.07 25.03 34.05
CA ILE B 479 -11.90 25.59 34.67
C ILE B 479 -11.02 24.50 35.15
N LEU B 480 -9.78 24.49 34.68
CA LEU B 480 -8.74 23.59 35.19
C LEU B 480 -7.55 24.44 35.62
N ASN B 481 -6.93 24.11 36.75
CA ASN B 481 -5.80 24.87 37.28
C ASN B 481 -6.07 26.41 37.23
N GLU B 482 -7.24 26.82 37.70
CA GLU B 482 -7.68 28.23 37.65
C GLU B 482 -7.48 28.84 36.30
N THR B 483 -7.93 28.15 35.26
CA THR B 483 -7.82 28.65 33.87
C THR B 483 -9.04 28.23 33.04
N LYS B 484 -9.48 29.09 32.14
CA LYS B 484 -10.65 28.80 31.32
C LYS B 484 -10.28 27.98 30.09
N PHE B 485 -11.07 26.94 29.83
CA PHE B 485 -10.84 26.12 28.67
C PHE B 485 -12.17 25.83 27.98
N TRP B 486 -12.27 26.20 26.70
CA TRP B 486 -13.55 26.27 26.01
C TRP B 486 -13.95 24.97 25.30
N TYR B 487 -15.14 24.49 25.58
CA TYR B 487 -15.68 23.38 24.83
C TYR B 487 -16.79 23.94 23.95
N GLN B 488 -17.14 23.23 22.87
CA GLN B 488 -18.48 23.36 22.24
C GLN B 488 -19.09 21.96 22.10
N MET B 489 -20.40 21.90 22.25
CA MET B 489 -21.19 20.69 22.07
C MET B 489 -22.17 20.94 20.94
N ILE B 490 -22.49 19.89 20.19
CA ILE B 490 -23.58 19.92 19.23
C ILE B 490 -24.66 19.09 19.86
N LEU B 491 -25.84 19.64 20.11
CA LEU B 491 -26.86 18.89 20.82
C LEU B 491 -28.06 18.56 19.95
N PRO B 492 -28.58 17.34 20.08
CA PRO B 492 -29.74 16.91 19.32
C PRO B 492 -30.98 17.76 19.49
N PRO B 493 -31.86 17.74 18.48
CA PRO B 493 -33.16 18.38 18.62
C PRO B 493 -33.84 17.85 19.86
N HIS B 494 -34.67 18.68 20.48
CA HIS B 494 -35.38 18.35 21.74
C HIS B 494 -34.53 17.64 22.81
N PHE B 495 -33.28 18.07 22.88
CA PHE B 495 -32.32 17.65 23.89
C PHE B 495 -33.02 17.60 25.20
N ASP B 496 -32.84 16.50 25.93
CA ASP B 496 -33.49 16.26 27.23
C ASP B 496 -32.46 15.92 28.27
N LYS B 497 -32.32 16.82 29.23
CA LYS B 497 -31.17 16.89 30.16
C LYS B 497 -31.16 15.81 31.23
N SER B 498 -32.29 15.17 31.37
CA SER B 498 -32.43 14.04 32.23
C SER B 498 -32.09 12.77 31.51
N LYS B 499 -31.60 12.82 30.26
CA LYS B 499 -31.33 11.60 29.51
C LYS B 499 -29.86 11.33 29.39
N LYS B 500 -29.55 10.12 28.97
CA LYS B 500 -28.19 9.68 28.64
C LYS B 500 -28.05 9.58 27.11
N TYR B 501 -27.00 10.21 26.58
CA TYR B 501 -26.71 10.16 25.16
C TYR B 501 -25.31 9.54 24.98
N PRO B 502 -25.09 8.93 23.83
CA PRO B 502 -23.72 8.58 23.54
C PRO B 502 -22.99 9.83 23.11
N LEU B 503 -21.67 9.76 23.08
CA LEU B 503 -20.88 10.95 22.83
C LEU B 503 -19.64 10.68 22.00
N LEU B 504 -19.62 11.27 20.80
CA LEU B 504 -18.42 11.28 19.98
C LEU B 504 -17.65 12.54 20.28
N LEU B 505 -16.33 12.43 20.20
CA LEU B 505 -15.44 13.50 20.50
C LEU B 505 -14.56 13.78 19.27
N ASP B 506 -15.05 14.63 18.40
CA ASP B 506 -14.26 15.21 17.32
C ASP B 506 -12.98 15.82 17.85
N VAL B 507 -11.86 15.50 17.20
CA VAL B 507 -10.57 16.01 17.64
C VAL B 507 -9.66 16.57 16.56
N TYR B 508 -9.11 17.74 16.86
CA TYR B 508 -7.94 18.25 16.15
C TYR B 508 -6.74 18.41 17.09
N ALA B 509 -6.71 19.48 17.86
CA ALA B 509 -5.88 19.62 19.05
C ALA B 509 -4.44 19.97 18.80
N GLY B 510 -4.10 20.19 17.54
CA GLY B 510 -2.77 20.60 17.21
C GLY B 510 -2.45 21.98 17.75
N PRO B 511 -1.16 22.33 17.80
CA PRO B 511 -0.64 23.62 18.26
C PRO B 511 -1.26 24.85 17.58
N CYS B 512 -2.08 25.58 18.35
CA CYS B 512 -2.73 26.83 17.94
C CYS B 512 -3.91 26.48 17.04
N SER B 513 -4.45 25.29 17.26
CA SER B 513 -5.70 24.91 16.65
C SER B 513 -6.76 25.64 17.41
N GLN B 514 -7.99 25.65 16.86
CA GLN B 514 -9.19 26.11 17.62
C GLN B 514 -10.48 25.44 17.15
N LYS B 515 -11.00 24.50 17.94
CA LYS B 515 -12.24 23.82 17.61
C LYS B 515 -13.50 24.41 18.25
N ALA B 516 -13.33 25.19 19.31
CA ALA B 516 -14.47 25.81 19.98
C ALA B 516 -14.62 27.22 19.40
N ASP B 517 -15.58 27.40 18.47
CA ASP B 517 -15.92 28.76 17.92
C ASP B 517 -17.41 29.03 17.77
N THR B 518 -17.72 30.20 17.23
CA THR B 518 -19.10 30.63 17.01
C THR B 518 -19.43 30.55 15.54
N VAL B 519 -18.80 29.64 14.82
CA VAL B 519 -18.99 29.61 13.39
C VAL B 519 -20.17 28.72 13.13
N PHE B 520 -20.81 28.90 11.96
CA PHE B 520 -22.00 28.12 11.66
C PHE B 520 -21.72 27.05 10.62
N ARG B 521 -22.14 25.80 10.90
CA ARG B 521 -21.69 24.64 10.12
C ARG B 521 -22.80 23.65 9.82
N LEU B 522 -22.84 23.18 8.56
CA LEU B 522 -23.62 22.00 8.20
C LEU B 522 -22.71 20.86 7.82
N ASN B 523 -22.56 19.88 8.70
CA ASN B 523 -21.57 18.86 8.49
C ASN B 523 -21.97 17.46 9.03
N TRP B 524 -21.01 16.56 9.09
CA TRP B 524 -21.28 15.23 9.55
C TRP B 524 -21.79 15.22 10.96
N ALA B 525 -21.38 16.18 11.77
CA ALA B 525 -21.88 16.24 13.14
C ALA B 525 -23.37 16.62 13.13
N THR B 526 -23.71 17.63 12.32
CA THR B 526 -25.11 18.01 12.09
C THR B 526 -25.94 16.74 11.90
N TYR B 527 -25.63 15.97 10.86
CA TYR B 527 -26.21 14.61 10.64
C TYR B 527 -26.20 13.70 11.89
N LEU B 528 -25.08 13.62 12.60
CA LEU B 528 -25.01 12.71 13.76
C LEU B 528 -25.93 13.11 14.94
N ALA B 529 -26.29 14.38 15.03
CA ALA B 529 -27.05 14.86 16.17
C ALA B 529 -28.50 14.79 15.78
N SER B 530 -28.81 15.34 14.62
CA SER B 530 -30.18 15.41 14.18
C SER B 530 -30.82 14.06 13.91
N THR B 531 -30.07 13.16 13.30
CA THR B 531 -30.62 11.91 12.82
C THR B 531 -30.33 10.80 13.82
N GLU B 532 -29.08 10.54 14.18
CA GLU B 532 -28.79 9.34 15.03
C GLU B 532 -28.64 9.68 16.55
N ASN B 533 -28.90 10.93 16.91
CA ASN B 533 -29.03 11.38 18.31
C ASN B 533 -27.80 11.37 19.18
N ILE B 534 -26.65 11.70 18.60
CA ILE B 534 -25.38 11.69 19.34
C ILE B 534 -24.99 13.10 19.71
N ILE B 535 -24.38 13.27 20.88
CA ILE B 535 -23.79 14.57 21.21
C ILE B 535 -22.38 14.57 20.63
N VAL B 536 -22.04 15.59 19.83
CA VAL B 536 -20.70 15.68 19.22
C VAL B 536 -20.05 16.93 19.72
N ALA B 537 -18.89 16.75 20.38
CA ALA B 537 -18.26 17.79 21.21
C ALA B 537 -16.78 17.89 20.93
N SER B 538 -16.26 19.09 20.63
CA SER B 538 -14.81 19.29 20.61
C SER B 538 -14.37 20.15 21.78
N PHE B 539 -13.06 20.16 22.06
CA PHE B 539 -12.47 20.82 23.23
C PHE B 539 -11.17 21.56 22.90
N ASP B 540 -11.03 22.80 23.38
CA ASP B 540 -9.82 23.59 23.14
C ASP B 540 -8.94 23.61 24.37
N GLY B 541 -8.02 22.68 24.42
CA GLY B 541 -7.09 22.57 25.53
C GLY B 541 -5.71 23.18 25.30
N ARG B 542 -4.74 22.53 25.94
CA ARG B 542 -3.40 23.04 26.03
C ARG B 542 -2.78 22.91 24.68
N GLY B 543 -2.05 23.94 24.26
CA GLY B 543 -1.63 24.03 22.90
C GLY B 543 -2.62 24.94 22.22
N SER B 544 -3.91 24.65 22.25
CA SER B 544 -4.80 25.41 21.41
C SER B 544 -4.41 26.91 21.46
N GLY B 545 -4.89 27.70 20.49
CA GLY B 545 -4.46 29.10 20.31
C GLY B 545 -5.46 30.23 20.50
N TYR B 546 -4.96 31.43 20.17
CA TYR B 546 -5.63 32.73 20.36
C TYR B 546 -5.90 33.09 21.78
N GLN B 547 -5.32 32.36 22.72
CA GLN B 547 -5.50 32.68 24.12
C GLN B 547 -4.16 32.97 24.75
N GLY B 548 -3.13 33.21 23.93
CA GLY B 548 -1.80 33.49 24.45
C GLY B 548 -0.94 32.26 24.82
N ASP B 549 0.30 32.59 25.21
CA ASP B 549 1.45 31.70 25.16
C ASP B 549 1.63 30.76 26.34
N LYS B 550 1.12 31.15 27.51
CA LYS B 550 1.08 30.27 28.67
C LYS B 550 0.28 29.01 28.36
N ILE B 551 -0.77 29.14 27.54
CA ILE B 551 -1.52 27.98 27.11
C ILE B 551 -0.91 27.38 25.86
N MET B 552 -0.59 28.24 24.89
CA MET B 552 -0.14 27.79 23.57
C MET B 552 1.21 27.07 23.71
N HIS B 553 2.19 27.66 24.37
CA HIS B 553 3.53 27.05 24.42
C HIS B 553 3.71 25.88 25.45
N ALA B 554 2.66 25.57 26.20
CA ALA B 554 2.62 24.41 27.12
C ALA B 554 3.05 23.07 26.56
N ILE B 555 2.95 22.95 25.24
CA ILE B 555 3.33 21.72 24.55
C ILE B 555 4.67 21.88 23.92
N ASN B 556 5.38 22.97 24.19
CA ASN B 556 6.66 23.19 23.56
C ASN B 556 7.58 22.00 23.81
N ARG B 557 8.16 21.49 22.73
CA ARG B 557 9.03 20.32 22.79
C ARG B 557 8.37 19.06 23.29
N ARG B 558 7.06 18.98 23.18
CA ARG B 558 6.35 18.01 23.95
C ARG B 558 5.01 17.64 23.35
N LEU B 559 5.00 17.30 22.06
CA LEU B 559 3.74 16.91 21.46
C LEU B 559 3.31 15.50 21.98
N GLY B 560 2.02 15.24 21.78
CA GLY B 560 1.39 14.07 22.31
C GLY B 560 1.58 13.90 23.80
N THR B 561 1.51 15.01 24.52
CA THR B 561 1.55 14.99 25.96
C THR B 561 0.23 15.58 26.44
N PHE B 562 0.24 16.88 26.75
CA PHE B 562 -0.86 17.49 27.47
C PHE B 562 -2.10 17.56 26.64
N GLU B 563 -1.97 17.84 25.36
CA GLU B 563 -3.14 17.98 24.50
C GLU B 563 -3.91 16.66 24.46
N VAL B 564 -3.21 15.55 24.69
CA VAL B 564 -3.86 14.25 24.75
C VAL B 564 -4.50 14.08 26.07
N GLU B 565 -3.76 14.47 27.10
CA GLU B 565 -4.22 14.43 28.48
C GLU B 565 -5.53 15.15 28.56
N ASP B 566 -5.53 16.37 28.02
CA ASP B 566 -6.68 17.27 28.11
C ASP B 566 -7.90 16.77 27.32
N GLN B 567 -7.64 15.98 26.31
CA GLN B 567 -8.74 15.39 25.55
C GLN B 567 -9.42 14.28 26.39
N ILE B 568 -8.64 13.55 27.20
CA ILE B 568 -9.23 12.59 28.13
C ILE B 568 -9.94 13.31 29.27
N GLU B 569 -9.24 14.26 29.84
CA GLU B 569 -9.80 15.09 30.87
C GLU B 569 -11.15 15.66 30.43
N ALA B 570 -11.23 16.14 29.21
CA ALA B 570 -12.47 16.78 28.79
C ALA B 570 -13.62 15.79 28.74
N ALA B 571 -13.32 14.57 28.30
CA ALA B 571 -14.34 13.54 28.19
C ALA B 571 -14.77 13.10 29.56
N ARG B 572 -13.89 13.26 30.52
CA ARG B 572 -14.25 12.86 31.87
C ARG B 572 -15.20 13.88 32.47
N GLN B 573 -14.84 15.16 32.37
CA GLN B 573 -15.77 16.24 32.70
C GLN B 573 -17.14 15.99 32.09
N PHE B 574 -17.19 15.75 30.78
CA PHE B 574 -18.48 15.64 30.10
C PHE B 574 -19.35 14.49 30.60
N SER B 575 -18.75 13.37 30.97
CA SER B 575 -19.61 12.25 31.37
C SER B 575 -20.25 12.49 32.74
N LYS B 576 -19.58 13.30 33.56
CA LYS B 576 -20.10 13.62 34.89
C LYS B 576 -21.21 14.70 34.89
N MET B 577 -21.51 15.30 33.72
CA MET B 577 -22.64 16.21 33.58
C MET B 577 -23.96 15.44 33.64
N GLY B 578 -23.95 14.13 33.42
CA GLY B 578 -25.13 13.33 33.70
C GLY B 578 -26.19 13.31 32.62
N PHE B 579 -25.87 13.85 31.45
CA PHE B 579 -26.65 13.55 30.22
C PHE B 579 -25.80 12.70 29.23
N VAL B 580 -24.70 12.18 29.74
CA VAL B 580 -23.80 11.41 28.92
C VAL B 580 -23.84 9.98 29.48
N ASP B 581 -23.73 9.00 28.59
CA ASP B 581 -23.78 7.57 28.90
C ASP B 581 -22.34 6.98 28.92
N ASN B 582 -21.70 7.03 30.10
CA ASN B 582 -20.33 6.52 30.35
C ASN B 582 -19.82 5.37 29.50
N LYS B 583 -20.74 4.50 29.06
CA LYS B 583 -20.44 3.29 28.29
C LYS B 583 -20.33 3.48 26.78
N ARG B 584 -20.91 4.57 26.29
CA ARG B 584 -20.87 4.90 24.87
C ARG B 584 -20.20 6.25 24.62
N ILE B 585 -18.88 6.24 24.54
CA ILE B 585 -18.09 7.45 24.30
C ILE B 585 -17.05 7.13 23.24
N ALA B 586 -17.11 7.82 22.10
CA ALA B 586 -16.11 7.63 21.06
C ALA B 586 -15.18 8.81 20.91
N ILE B 587 -14.31 8.70 19.92
CA ILE B 587 -13.42 9.78 19.55
C ILE B 587 -12.96 9.45 18.16
N TRP B 588 -12.66 10.51 17.41
CA TRP B 588 -12.10 10.37 16.09
C TRP B 588 -11.46 11.66 15.67
N GLY B 589 -10.76 11.59 14.53
CA GLY B 589 -10.10 12.76 13.94
C GLY B 589 -9.18 12.41 12.79
N TRP B 590 -9.05 13.36 11.87
CA TRP B 590 -8.18 13.30 10.68
C TRP B 590 -6.81 13.89 11.02
N SER B 591 -5.85 13.85 10.11
CA SER B 591 -4.55 14.57 10.26
C SER B 591 -4.04 14.57 11.75
N TYR B 592 -3.73 15.72 12.35
CA TYR B 592 -3.18 15.76 13.71
C TYR B 592 -4.04 15.03 14.71
N GLY B 593 -5.33 15.22 14.64
CA GLY B 593 -6.24 14.56 15.55
C GLY B 593 -6.43 13.10 15.26
N GLY B 594 -5.79 12.61 14.20
CA GLY B 594 -5.70 11.17 13.96
C GLY B 594 -4.77 10.61 15.02
N TYR B 595 -3.61 11.24 15.11
CA TYR B 595 -2.57 10.93 16.08
C TYR B 595 -3.08 11.06 17.50
N VAL B 596 -3.64 12.20 17.77
CA VAL B 596 -4.21 12.49 19.06
C VAL B 596 -5.28 11.43 19.41
N THR B 597 -6.13 11.08 18.46
CA THR B 597 -7.09 10.00 18.69
C THR B 597 -6.41 8.63 18.90
N SER B 598 -5.40 8.32 18.11
CA SER B 598 -4.71 7.06 18.36
C SER B 598 -4.16 7.00 19.83
N MET B 599 -3.28 7.94 20.16
CA MET B 599 -2.71 8.07 21.50
C MET B 599 -3.76 8.06 22.63
N VAL B 600 -4.93 8.65 22.39
CA VAL B 600 -6.00 8.50 23.40
C VAL B 600 -6.34 7.00 23.51
N LEU B 601 -6.69 6.38 22.40
CA LEU B 601 -7.10 5.01 22.49
C LEU B 601 -5.97 4.16 23.14
N GLY B 602 -4.72 4.42 22.71
CA GLY B 602 -3.54 3.71 23.21
C GLY B 602 -3.13 4.01 24.65
N SER B 603 -3.80 4.97 25.29
CA SER B 603 -3.44 5.44 26.64
C SER B 603 -3.85 4.53 27.78
N GLY B 604 -4.79 3.62 27.50
CA GLY B 604 -5.35 2.73 28.53
C GLY B 604 -6.07 3.40 29.71
N SER B 605 -6.79 4.49 29.47
CA SER B 605 -7.65 5.07 30.49
C SER B 605 -8.98 4.32 30.56
N GLY B 606 -9.35 3.66 29.48
CA GLY B 606 -10.63 2.96 29.39
C GLY B 606 -11.88 3.82 29.15
N VAL B 607 -11.71 5.14 29.02
CA VAL B 607 -12.87 6.02 28.99
C VAL B 607 -13.54 5.88 27.64
N PHE B 608 -12.76 5.51 26.63
CA PHE B 608 -13.30 5.47 25.27
C PHE B 608 -13.61 4.10 24.83
N LYS B 609 -14.79 3.90 24.27
CA LYS B 609 -15.21 2.58 23.95
C LYS B 609 -14.51 2.18 22.68
N CYS B 610 -14.67 3.02 21.65
CA CYS B 610 -14.04 2.78 20.37
C CYS B 610 -13.48 4.03 19.80
N GLY B 611 -12.72 3.87 18.72
CA GLY B 611 -12.25 5.01 17.97
C GLY B 611 -11.82 4.73 16.55
N ILE B 612 -11.74 5.83 15.81
CA ILE B 612 -11.48 5.88 14.41
C ILE B 612 -10.33 6.87 14.22
N ALA B 613 -9.29 6.48 13.51
CA ALA B 613 -8.22 7.46 13.18
C ALA B 613 -8.04 7.55 11.68
N VAL B 614 -8.24 8.74 11.11
CA VAL B 614 -8.05 8.93 9.68
C VAL B 614 -6.66 9.52 9.46
N ALA B 615 -5.93 8.99 8.49
CA ALA B 615 -4.62 9.50 8.10
C ALA B 615 -3.79 10.08 9.27
N PRO B 616 -3.58 9.29 10.32
CA PRO B 616 -2.82 9.85 11.44
C PRO B 616 -1.37 9.80 11.22
N VAL B 617 -0.68 10.64 11.94
CA VAL B 617 0.74 10.53 12.12
C VAL B 617 0.87 9.55 13.27
N SER B 618 1.79 8.61 13.18
CA SER B 618 1.99 7.61 14.24
C SER B 618 3.32 7.84 14.95
N ARG B 619 4.22 8.57 14.29
CA ARG B 619 5.56 8.70 14.74
C ARG B 619 6.21 9.89 14.11
N TRP B 620 6.71 10.82 14.91
CA TRP B 620 7.14 12.12 14.39
C TRP B 620 8.37 12.08 13.45
N GLU B 621 9.21 11.08 13.51
CA GLU B 621 10.28 11.07 12.52
C GLU B 621 9.81 10.70 11.09
N TYR B 622 8.51 10.44 10.90
CA TYR B 622 7.97 10.18 9.60
C TYR B 622 7.45 11.45 9.04
N TYR B 623 7.36 12.50 9.84
CA TYR B 623 6.80 13.77 9.34
C TYR B 623 7.86 14.75 8.83
N ASP B 624 7.41 15.74 8.07
CA ASP B 624 8.30 16.71 7.45
C ASP B 624 8.94 17.57 8.51
N SER B 625 10.18 17.95 8.21
CA SER B 625 11.12 18.59 9.12
C SER B 625 10.66 19.91 9.63
N VAL B 626 10.09 20.72 8.74
CA VAL B 626 9.77 22.09 9.08
C VAL B 626 8.67 22.23 10.15
N TYR B 627 7.56 21.52 9.99
CA TYR B 627 6.44 21.62 10.94
C TYR B 627 6.86 20.93 12.21
N THR B 628 7.51 19.77 12.06
CA THR B 628 7.87 18.89 13.16
C THR B 628 8.85 19.60 14.12
N GLU B 629 9.98 20.00 13.54
CA GLU B 629 11.03 20.65 14.29
C GLU B 629 10.56 21.94 14.94
N ARG B 630 9.52 22.55 14.37
CA ARG B 630 8.95 23.76 14.93
C ARG B 630 8.33 23.54 16.31
N TYR B 631 7.99 22.30 16.63
CA TYR B 631 7.37 22.02 17.92
C TYR B 631 8.20 21.03 18.75
N MET B 632 9.08 20.27 18.09
CA MET B 632 9.94 19.24 18.73
C MET B 632 11.46 19.47 18.78
N GLY B 633 12.00 20.42 18.02
CA GLY B 633 13.44 20.56 17.91
C GLY B 633 13.89 19.38 17.07
N LEU B 634 15.04 18.81 17.41
CA LEU B 634 15.65 17.80 16.57
C LEU B 634 15.73 16.40 17.20
N PRO B 635 15.66 15.37 16.34
CA PRO B 635 15.71 13.99 16.76
C PRO B 635 17.14 13.51 16.91
N THR B 636 17.97 14.30 17.56
CA THR B 636 19.30 13.88 17.99
C THR B 636 19.28 13.63 19.54
N PRO B 637 20.18 12.76 20.05
CA PRO B 637 20.23 12.61 21.52
C PRO B 637 20.84 13.81 22.26
N GLU B 638 21.40 14.76 21.51
CA GLU B 638 21.78 16.05 22.06
C GLU B 638 20.67 17.12 21.92
N ASP B 639 19.39 16.69 21.77
CA ASP B 639 18.24 17.63 21.62
C ASP B 639 16.92 16.99 22.11
N ASN B 640 16.23 16.17 21.33
CA ASN B 640 14.93 15.68 21.76
C ASN B 640 14.62 14.24 21.31
N LEU B 641 15.63 13.55 20.80
CA LEU B 641 15.48 12.14 20.49
C LEU B 641 14.63 11.39 21.53
N ASP B 642 14.91 11.54 22.83
CA ASP B 642 14.18 10.75 23.84
C ASP B 642 12.66 10.93 23.79
N HIS B 643 12.16 12.11 23.47
CA HIS B 643 10.73 12.27 23.40
C HIS B 643 10.26 11.81 22.05
N TYR B 644 10.96 12.17 20.98
CA TYR B 644 10.54 11.68 19.67
C TYR B 644 10.08 10.20 19.76
N ARG B 645 10.88 9.39 20.48
CA ARG B 645 10.76 7.89 20.63
C ARG B 645 9.72 7.40 21.61
N ASN B 646 9.56 8.15 22.70
CA ASN B 646 8.50 7.98 23.71
C ASN B 646 7.14 8.38 23.16
N SER B 647 7.06 9.30 22.20
CA SER B 647 5.78 9.81 21.73
C SER B 647 5.17 9.02 20.55
N THR B 648 5.60 7.77 20.31
CA THR B 648 5.01 6.96 19.21
C THR B 648 3.72 6.21 19.66
N VAL B 649 2.82 6.06 18.68
CA VAL B 649 1.55 5.32 18.76
C VAL B 649 1.89 3.82 18.85
N MET B 650 3.04 3.44 18.30
CA MET B 650 3.31 2.02 18.16
C MET B 650 3.69 1.43 19.51
N SER B 651 4.32 2.20 20.37
CA SER B 651 4.67 1.66 21.64
C SER B 651 3.48 1.54 22.55
N ARG B 652 2.30 1.97 22.10
CA ARG B 652 1.10 1.79 22.90
C ARG B 652 0.18 0.67 22.40
N ALA B 653 0.75 -0.20 21.59
CA ALA B 653 -0.01 -1.28 20.99
C ALA B 653 -0.81 -2.07 22.00
N GLU B 654 -0.13 -2.59 23.01
CA GLU B 654 -0.80 -3.61 23.83
C GLU B 654 -2.02 -3.06 24.51
N ASN B 655 -2.16 -1.74 24.65
CA ASN B 655 -3.42 -1.21 25.15
C ASN B 655 -4.59 -1.13 24.20
N PHE B 656 -4.34 -1.04 22.89
CA PHE B 656 -5.44 -1.08 21.93
C PHE B 656 -6.29 -2.32 22.17
N LYS B 657 -5.78 -3.22 23.00
CA LYS B 657 -6.57 -4.38 23.45
C LYS B 657 -7.90 -4.06 24.15
N GLN B 658 -8.10 -2.84 24.65
CA GLN B 658 -9.35 -2.53 25.33
C GLN B 658 -10.31 -1.77 24.45
N VAL B 659 -10.07 -1.78 23.13
CA VAL B 659 -10.83 -0.89 22.25
C VAL B 659 -11.11 -1.42 20.86
N GLU B 660 -12.25 -1.03 20.33
CA GLU B 660 -12.49 -1.22 18.92
C GLU B 660 -11.94 -0.03 18.07
N TYR B 661 -10.97 -0.31 17.22
CA TYR B 661 -10.25 0.73 16.46
C TYR B 661 -10.54 0.54 15.01
N LEU B 662 -10.53 1.64 14.29
CA LEU B 662 -10.73 1.63 12.86
C LEU B 662 -9.75 2.64 12.24
N LEU B 663 -8.88 2.13 11.37
CA LEU B 663 -7.75 2.86 10.85
C LEU B 663 -7.94 3.02 9.37
N ILE B 664 -7.68 4.22 8.88
CA ILE B 664 -7.99 4.52 7.50
C ILE B 664 -6.92 5.39 6.85
N HIS B 665 -6.60 5.14 5.57
CA HIS B 665 -5.53 5.86 4.95
C HIS B 665 -5.44 5.79 3.43
N GLY B 666 -5.32 6.94 2.79
CA GLY B 666 -5.13 6.98 1.35
C GLY B 666 -3.76 6.49 1.00
N THR B 667 -3.68 5.57 0.03
CA THR B 667 -2.39 4.96 -0.41
C THR B 667 -1.44 5.94 -1.04
N ALA B 668 -1.93 7.13 -1.41
CA ALA B 668 -1.09 8.11 -2.08
C ALA B 668 -0.98 9.39 -1.27
N ASP B 669 -1.06 9.25 0.07
CA ASP B 669 -0.94 10.39 0.92
C ASP B 669 0.48 10.92 0.82
N ASP B 670 0.57 12.15 0.32
CA ASP B 670 1.84 12.78 -0.04
C ASP B 670 2.45 13.56 1.12
N ASN B 671 1.65 13.70 2.18
CA ASN B 671 1.93 14.48 3.37
C ASN B 671 2.21 13.55 4.57
N VAL B 672 1.14 13.07 5.22
CA VAL B 672 1.24 11.90 6.07
C VAL B 672 1.17 10.66 5.18
N HIS B 673 2.32 10.02 5.03
CA HIS B 673 2.43 8.88 4.16
C HIS B 673 1.84 7.66 4.80
N PHE B 674 1.16 6.89 3.98
CA PHE B 674 0.63 5.61 4.34
C PHE B 674 1.66 4.83 5.16
N GLN B 675 2.95 5.04 4.92
CA GLN B 675 3.96 4.59 5.87
C GLN B 675 3.47 4.62 7.30
N GLN B 676 2.92 5.75 7.69
CA GLN B 676 2.65 5.97 9.11
C GLN B 676 1.63 4.99 9.65
N SER B 677 0.51 4.82 8.97
CA SER B 677 -0.45 3.81 9.39
C SER B 677 0.04 2.33 9.23
N ALA B 678 0.92 2.07 8.26
CA ALA B 678 1.36 0.72 8.01
C ALA B 678 2.09 0.23 9.27
N GLN B 679 2.85 1.13 9.86
CA GLN B 679 3.57 0.77 11.04
C GLN B 679 2.63 0.58 12.21
N ILE B 680 1.65 1.45 12.39
CA ILE B 680 0.62 1.16 13.38
C ILE B 680 0.05 -0.28 13.27
N SER B 681 -0.40 -0.68 12.06
CA SER B 681 -1.11 -1.95 11.89
C SER B 681 -0.19 -3.07 12.35
N LYS B 682 1.02 -3.04 11.81
CA LYS B 682 2.00 -4.07 12.09
C LYS B 682 2.23 -4.22 13.58
N ALA B 683 2.28 -3.10 14.28
CA ALA B 683 2.50 -3.11 15.72
C ALA B 683 1.46 -3.95 16.45
N LEU B 684 0.20 -3.69 16.06
CA LEU B 684 -1.00 -4.26 16.70
C LEU B 684 -1.16 -5.79 16.52
N VAL B 685 -0.65 -6.23 15.36
CA VAL B 685 -0.78 -7.58 14.85
C VAL B 685 0.24 -8.43 15.58
N ASP B 686 1.38 -7.80 15.80
CA ASP B 686 2.42 -8.35 16.61
C ASP B 686 2.00 -8.63 18.01
N VAL B 687 1.37 -7.71 18.71
CA VAL B 687 0.89 -8.05 20.05
C VAL B 687 -0.45 -8.75 20.00
N GLY B 688 -1.03 -8.92 18.83
CA GLY B 688 -2.28 -9.63 18.69
C GLY B 688 -3.50 -8.82 19.12
N VAL B 689 -3.83 -7.79 18.38
CA VAL B 689 -4.96 -6.94 18.75
C VAL B 689 -5.92 -6.83 17.56
N ASP B 690 -7.18 -7.25 17.69
CA ASP B 690 -8.07 -7.19 16.52
C ASP B 690 -8.44 -5.75 16.27
N PHE B 691 -8.47 -5.34 15.01
CA PHE B 691 -8.90 -4.00 14.67
C PHE B 691 -9.52 -4.12 13.35
N GLN B 692 -9.97 -3.02 12.77
CA GLN B 692 -10.51 -2.98 11.41
C GLN B 692 -9.83 -1.83 10.69
N ALA B 693 -9.75 -1.90 9.37
CA ALA B 693 -8.82 -1.05 8.61
C ALA B 693 -9.35 -0.83 7.24
N MET B 694 -8.97 0.25 6.58
CA MET B 694 -9.40 0.41 5.21
C MET B 694 -8.32 1.20 4.51
N TRP B 695 -7.83 0.72 3.35
CA TRP B 695 -7.06 1.62 2.50
C TRP B 695 -7.98 2.32 1.53
N TYR B 696 -7.54 3.48 1.03
CA TYR B 696 -8.19 4.11 -0.12
C TYR B 696 -7.16 4.26 -1.23
N THR B 697 -7.43 3.57 -2.33
CA THR B 697 -6.55 3.44 -3.47
C THR B 697 -6.41 4.82 -4.17
N ASP B 698 -5.17 5.25 -4.37
CA ASP B 698 -4.80 6.53 -4.98
C ASP B 698 -5.51 7.80 -4.49
N GLU B 699 -6.12 7.77 -3.30
CA GLU B 699 -6.59 9.02 -2.66
C GLU B 699 -5.45 9.64 -1.87
N ASP B 700 -5.51 10.94 -1.62
CA ASP B 700 -4.48 11.57 -0.80
C ASP B 700 -5.05 12.06 0.55
N HIS B 701 -4.31 12.97 1.19
CA HIS B 701 -4.62 13.37 2.56
C HIS B 701 -6.03 13.92 2.79
N GLY B 702 -6.73 14.33 1.73
CA GLY B 702 -8.10 14.90 1.80
C GLY B 702 -9.22 13.90 1.65
N ILE B 703 -8.94 12.79 0.94
CA ILE B 703 -9.93 11.78 0.58
C ILE B 703 -11.18 12.52 0.14
N ALA B 704 -10.96 13.35 -0.86
CA ALA B 704 -11.91 14.38 -1.28
C ALA B 704 -12.70 14.00 -2.55
N SER B 705 -12.18 13.06 -3.36
CA SER B 705 -12.91 12.58 -4.53
C SER B 705 -14.36 12.49 -4.23
N SER B 706 -15.23 12.86 -5.14
CA SER B 706 -16.63 12.82 -4.80
C SER B 706 -16.93 11.45 -4.14
N THR B 707 -16.65 10.37 -4.85
CA THR B 707 -17.17 9.10 -4.46
C THR B 707 -16.58 8.61 -3.16
N ALA B 708 -15.32 8.98 -2.90
CA ALA B 708 -14.63 8.51 -1.69
C ALA B 708 -15.02 9.34 -0.50
N HIS B 709 -15.18 10.64 -0.68
CA HIS B 709 -15.75 11.48 0.35
C HIS B 709 -16.97 10.76 0.90
N GLN B 710 -17.78 10.22 -0.01
CA GLN B 710 -18.99 9.50 0.37
C GLN B 710 -18.71 8.12 1.04
N HIS B 711 -17.73 7.40 0.53
CA HIS B 711 -17.50 6.04 0.98
C HIS B 711 -17.11 6.03 2.45
N ILE B 712 -16.14 6.88 2.78
CA ILE B 712 -15.58 6.95 4.13
C ILE B 712 -16.65 7.43 5.15
N TYR B 713 -17.39 8.50 4.85
CA TYR B 713 -18.38 8.98 5.82
C TYR B 713 -19.48 7.95 6.09
N THR B 714 -19.66 7.04 5.16
CA THR B 714 -20.62 5.97 5.29
C THR B 714 -20.02 4.82 6.07
N HIS B 715 -18.79 4.47 5.69
CA HIS B 715 -18.06 3.48 6.45
C HIS B 715 -18.02 3.97 7.90
N MET B 716 -17.57 5.20 8.18
CA MET B 716 -17.40 5.64 9.55
C MET B 716 -18.73 5.63 10.32
N SER B 717 -19.79 6.10 9.68
CA SER B 717 -21.08 6.11 10.32
C SER B 717 -21.56 4.74 10.72
N HIS B 718 -21.23 3.71 9.94
CA HIS B 718 -21.60 2.33 10.31
C HIS B 718 -20.81 2.01 11.54
N PHE B 719 -19.53 2.31 11.51
CA PHE B 719 -18.65 1.88 12.58
C PHE B 719 -19.14 2.43 13.90
N ILE B 720 -19.51 3.70 13.92
CA ILE B 720 -20.01 4.31 15.16
C ILE B 720 -21.30 3.64 15.62
N LYS B 721 -22.26 3.55 14.71
CA LYS B 721 -23.48 2.80 14.94
C LYS B 721 -23.23 1.41 15.55
N GLN B 722 -22.33 0.59 15.00
CA GLN B 722 -22.02 -0.69 15.67
C GLN B 722 -21.83 -0.37 17.16
N CYS B 723 -20.91 0.57 17.37
CA CYS B 723 -20.27 0.81 18.67
C CYS B 723 -21.24 1.35 19.72
N PHE B 724 -22.08 2.27 19.30
CA PHE B 724 -23.13 2.79 20.16
C PHE B 724 -24.42 1.91 20.11
N SER B 725 -24.39 0.80 19.38
CA SER B 725 -25.54 -0.13 19.24
C SER B 725 -26.85 0.42 18.58
N LEU B 726 -26.73 1.31 17.57
CA LEU B 726 -27.90 1.99 16.95
C LEU B 726 -28.25 1.48 15.52
N PRO B 727 -29.56 1.27 15.20
CA PRO B 727 -29.95 1.08 13.79
C PRO B 727 -30.68 2.30 13.22
C1 NAG C . 22.26 23.51 -5.47
C2 NAG C . 23.18 24.29 -6.39
C3 NAG C . 24.25 23.40 -6.99
C4 NAG C . 25.04 22.75 -5.85
C5 NAG C . 24.04 22.02 -4.93
C6 NAG C . 24.70 21.41 -3.69
C7 NAG C . 22.10 26.25 -7.43
C8 NAG C . 22.51 27.14 -6.28
N2 NAG C . 22.42 24.96 -7.44
O3 NAG C . 25.10 24.16 -7.80
O4 NAG C . 26.00 21.89 -6.44
O5 NAG C . 23.06 22.92 -4.46
O6 NAG C . 23.71 21.09 -2.73
O7 NAG C . 21.46 26.74 -8.35
C1 MAN C . 27.33 22.08 -5.95
C2 MAN C . 28.33 21.89 -7.10
C3 MAN C . 29.55 20.99 -6.81
C4 MAN C . 29.24 19.85 -5.83
C5 MAN C . 27.76 19.87 -5.42
C6 MAN C . 27.41 18.84 -4.37
O2 MAN C . 28.79 23.16 -7.56
O3 MAN C . 30.67 21.74 -6.38
O4 MAN C . 29.58 18.61 -6.39
O5 MAN C . 27.54 21.16 -4.91
O6 MAN C . 26.17 18.25 -4.70
C1 MAN C . 31.92 21.00 -6.36
C2 MAN C . 33.09 22.00 -6.40
C3 MAN C . 34.34 21.39 -7.05
C4 MAN C . 34.41 19.89 -6.73
C5 MAN C . 33.18 19.17 -7.27
C6 MAN C . 32.84 17.95 -6.39
O2 MAN C . 33.40 22.41 -5.08
O3 MAN C . 35.50 22.02 -6.54
O4 MAN C . 35.58 19.35 -7.30
O5 MAN C . 32.07 20.05 -7.40
O6 MAN C . 32.22 16.95 -7.18
C1 MAN C . 36.44 22.41 -7.56
C2 MAN C . 37.80 22.67 -6.92
C3 MAN C . 37.68 23.79 -5.90
C4 MAN C . 37.01 25.03 -6.50
C5 MAN C . 35.86 24.73 -7.46
C6 MAN C . 35.63 25.91 -8.40
O2 MAN C . 38.73 23.03 -7.92
O3 MAN C . 38.94 24.15 -5.41
O4 MAN C . 36.51 25.81 -5.43
O5 MAN C . 36.07 23.58 -8.26
O6 MAN C . 34.55 25.63 -9.26
C1 NAG D . 21.40 -10.69 -22.43
C2 NAG D . 22.73 -10.70 -23.17
C3 NAG D . 23.15 -9.29 -23.53
C4 NAG D . 22.01 -8.53 -24.20
C5 NAG D . 20.73 -8.65 -23.40
C6 NAG D . 19.57 -7.95 -24.12
C7 NAG D . 24.37 -12.43 -22.76
C8 NAG D . 23.53 -13.41 -23.53
N2 NAG D . 23.75 -11.33 -22.36
O3 NAG D . 24.28 -9.33 -24.42
O4 NAG D . 22.37 -7.15 -24.34
O5 NAG D . 20.42 -10.03 -23.21
O6 NAG D . 19.28 -6.72 -23.46
O7 NAG D . 25.55 -12.65 -22.51
C1 9EL E . -0.20 -18.82 -7.19
C2 9EL E . -0.55 -19.78 -8.07
C3 9EL E . -1.66 -19.61 -8.85
C4 9EL E . -2.42 -18.48 -8.72
C5 9EL E . -2.08 -17.51 -7.84
C6 9EL E . -0.96 -17.68 -7.05
F7 9EL E . 0.91 -19.06 -6.50
F8 9EL E . -2.85 -16.43 -7.75
F9 9EL E . -3.52 -18.30 -9.47
C10 9EL E . 0.32 -20.96 -8.17
O11 9EL E . -0.45 -22.14 -8.16
C12 9EL E . 0.18 -23.33 -8.49
C13 9EL E . 1.51 -23.35 -9.19
C14 9EL E . 2.13 -22.02 -9.55
C15 9EL E . 1.11 -20.89 -9.45
N16 9EL E . 1.84 -19.62 -9.52
C17 9EL E . 2.14 -24.63 -9.52
C20 9EL E . 1.36 -25.82 -9.10
C21 9EL E . 0.15 -25.72 -8.46
C22 9EL E . -0.42 -24.50 -8.16
C23 9EL E . 3.38 -24.77 -10.16
C24 9EL E . 3.86 -26.08 -10.40
C25 9EL E . 3.04 -27.22 -9.98
C26 9EL E . 1.83 -27.10 -9.34
O27 9EL E . 5.02 -26.43 -11.02
C28 9EL E . 6.07 -25.51 -11.26
C30 9EL E . 3.44 -28.39 -10.18
N31 9EL E . 3.81 -29.45 -10.33
C1 NAG F . 22.17 32.65 -21.31
C2 NAG F . 22.76 32.59 -22.71
C3 NAG F . 23.03 31.21 -23.30
C4 NAG F . 23.44 30.12 -22.31
C5 NAG F . 22.74 30.32 -20.95
C6 NAG F . 23.20 29.27 -19.91
C7 NAG F . 22.17 33.92 -24.65
C8 NAG F . 21.07 34.37 -25.58
N2 NAG F . 21.80 33.12 -23.66
O3 NAG F . 24.00 31.40 -24.31
O4 NAG F . 23.21 28.83 -22.92
O5 NAG F . 22.89 31.69 -20.52
O6 NAG F . 24.06 29.82 -18.95
O7 NAG F . 23.35 34.28 -24.78
C1 9EL G . -1.04 18.63 8.09
C2 9EL G . -0.78 19.56 9.08
C3 9EL G . -0.41 19.16 10.38
C4 9EL G . -0.31 17.78 10.67
C5 9EL G . -0.57 16.86 9.67
C6 9EL G . -0.93 17.27 8.39
F7 9EL G . -1.38 19.05 6.85
F8 9EL G . -0.50 15.57 9.95
F9 9EL G . 0.01 17.33 11.90
C10 9EL G . -0.88 20.96 8.71
O11 9EL G . -1.34 21.67 9.81
C12 9EL G . -1.42 23.00 9.67
C13 9EL G . -0.49 23.67 8.75
C14 9EL G . 0.53 22.88 7.98
C15 9EL G . 0.50 21.41 8.34
N16 9EL G . 0.94 20.67 7.13
C17 9EL G . -0.58 25.16 8.62
C20 9EL G . -1.61 25.85 9.46
C21 9EL G . -2.43 25.13 10.30
C22 9EL G . -2.35 23.75 10.40
C23 9EL G . 0.28 25.89 7.76
C24 9EL G . 0.16 27.27 7.71
C25 9EL G . -0.88 27.93 8.53
C26 9EL G . -1.72 27.22 9.38
O27 9EL G . 0.92 28.06 6.91
C28 9EL G . 2.18 27.73 6.35
C30 9EL G . -0.99 29.18 8.51
N31 9EL G . -1.02 30.31 8.48
#